data_9B7G
#
_entry.id   9B7G
#
_cell.length_a   1.00
_cell.length_b   1.00
_cell.length_c   1.00
_cell.angle_alpha   90.00
_cell.angle_beta   90.00
_cell.angle_gamma   90.00
#
_symmetry.space_group_name_H-M   'P 1'
#
loop_
_entity.id
_entity.type
_entity.pdbx_description
1 polymer Hemagglutinin
2 polymer 'TJ5-13 Fab heavy chain'
3 polymer 'TJ5-13 Fab light chain'
4 branched alpha-L-fucopyranose-(1-6)-2-acetamido-2-deoxy-beta-D-glucopyranose
5 branched 2-acetamido-2-deoxy-beta-D-glucopyranose-(1-4)-[alpha-L-fucopyranose-(1-6)]2-acetamido-2-deoxy-beta-D-glucopyranose
6 branched alpha-D-mannopyranose-(1-3)-beta-D-mannopyranose-(1-4)-2-acetamido-2-deoxy-beta-D-glucopyranose-(1-4)-2-acetamido-2-deoxy-beta-D-glucopyranose
7 branched 2-acetamido-2-deoxy-beta-D-glucopyranose-(1-4)-2-acetamido-2-deoxy-beta-D-glucopyranose
8 non-polymer 2-acetamido-2-deoxy-beta-D-glucopyranose
#
loop_
_entity_poly.entity_id
_entity_poly.type
_entity_poly.pdbx_seq_one_letter_code
_entity_poly.pdbx_strand_id
1 'polypeptide(L)'
;QKIPGNDNSTATLCLGHHAVPNGTIVKTITNDRIEVTNATELVQNSSIGEICDSPHQILDGENCTLIDALLGDPQCDGFQ
NKKWDLFVERSKAYSNCYPYDVPDYASLRSLVASSGTLEFKNESFNWTGVTQNGTSSACIRGSSSSFFSRLNWLTHLNYT
YPALNVTMPNNEQFDKLYIWGVHHPGTDKDQIFLYAQSSGRITVSTKRSQQAVIPNIGSRPRIRDIPSRISIYWTIVKPG
DILLINSTGNLIAPRGYFKIRSGKSSIMRSDAPIGKCKSECITPNGSIPNDKPFQNVNRITYGACPRYVKQSTLKLATGM
RNVPEKQTRGIFGAIAGFIENGWEGMVDGWYGFRHQNSEGRGQAADLKSTQAAIDQINGKLNRLIGKTNEKFHQIEKEFS
EVEGRIQDLEKYVEDTKIDLWSYNAELLVALENQHTIDLTDSEMNKLFEKTKKQLRENAEDMGNGCFKIYHKCDNACIGS
IRNGTYDHNVYRDEALNNRFQIKGVEGYIPEAPRDGQAYVRKDGEWVLLSTFLGSGLNDIFEAQKIEWHEGHHHHHH
;
A,B,C
2 'polypeptide(L)'
;QVQLVQSGAEVKKPGSSVKVSCEASGDTFTTYSGINWVRQAPGQGLEWMGGVLPNFGSPNYAQRFQGRITITVDRSTSLV
HMELTNLRSDDTAVYYCTETGAYNSVGYFPYFQFRGQGTLVSVSSASTKGPSVFPLAPSSKSTSGGTAALGCLVKDYFPE
PVTVSWNSGALTSGVHTFPAVLQSSGLYSLSSVVTVPSSSLGTQTYICNVNHKPSNTKVDKKVEPKSCGSLVPRGSHHHH
HH
;
H,J,Q
3 'polypeptide(L)'
;QSVLTQPPSVSGAPGQRVTISCTGSSSNIGADYDVHWYQQLPGTAPKLLIFGNNNRPSGVPDRFSGSKSGTSASLAITGL
QAEDEADYYCQSFDKSLSGSFVFGTGTKVTGQPKAAPSVTLFPPSSEELQANKATLVCLISDFYPGAVTVAWKADSSPVK
AGVETTTPSKQSNNKYAASSYLSLTPEQWKSHRSYSCQVTHEGSTVEKTVAPTECS
;
L,K,P
#
loop_
_chem_comp.id
_chem_comp.type
_chem_comp.name
_chem_comp.formula
BMA D-saccharide, beta linking beta-D-mannopyranose 'C6 H12 O6'
FUC L-saccharide, alpha linking alpha-L-fucopyranose 'C6 H12 O5'
MAN D-saccharide, alpha linking alpha-D-mannopyranose 'C6 H12 O6'
NAG D-saccharide, beta linking 2-acetamido-2-deoxy-beta-D-glucopyranose 'C8 H15 N O6'
#
# COMPACT_ATOMS: atom_id res chain seq x y z
N VAL A 26 38.13 -34.18 -39.40
CA VAL A 26 37.53 -34.18 -38.07
C VAL A 26 38.55 -33.71 -37.04
N LYS A 27 38.05 -33.31 -35.86
CA LYS A 27 38.90 -32.81 -34.80
C LYS A 27 39.12 -33.89 -33.75
N THR A 28 40.34 -34.00 -33.25
CA THR A 28 40.71 -34.92 -32.20
C THR A 28 41.53 -34.18 -31.15
N ILE A 29 41.71 -34.82 -29.99
CA ILE A 29 42.50 -34.21 -28.92
C ILE A 29 43.95 -34.07 -29.35
N THR A 30 44.52 -35.13 -29.93
CA THR A 30 45.92 -35.07 -30.34
C THR A 30 46.13 -34.20 -31.57
N ASN A 31 45.26 -34.33 -32.57
CA ASN A 31 45.39 -33.59 -33.81
C ASN A 31 44.08 -32.86 -34.11
N ASP A 32 44.19 -31.58 -34.45
CA ASP A 32 43.01 -30.78 -34.73
C ASP A 32 42.41 -31.04 -36.10
N ARG A 33 43.17 -31.63 -37.03
CA ARG A 33 42.70 -31.86 -38.40
C ARG A 33 43.13 -33.26 -38.83
N ILE A 34 42.18 -34.20 -38.83
CA ILE A 34 42.40 -35.56 -39.30
C ILE A 34 41.39 -35.85 -40.39
N GLU A 35 41.87 -36.36 -41.52
CA GLU A 35 41.01 -36.68 -42.65
C GLU A 35 40.54 -38.13 -42.53
N VAL A 36 39.24 -38.34 -42.67
CA VAL A 36 38.62 -39.66 -42.55
C VAL A 36 37.76 -39.93 -43.78
N THR A 37 37.50 -41.22 -44.00
CA THR A 37 36.71 -41.61 -45.17
C THR A 37 35.27 -41.16 -45.06
N ASN A 38 34.66 -41.29 -43.88
CA ASN A 38 33.26 -40.95 -43.71
C ASN A 38 33.06 -40.24 -42.37
N ALA A 39 32.01 -39.41 -42.32
CA ALA A 39 31.68 -38.68 -41.10
C ALA A 39 30.20 -38.36 -41.10
N THR A 40 29.66 -38.08 -39.91
CA THR A 40 28.27 -37.74 -39.73
C THR A 40 28.12 -36.45 -38.93
N GLU A 41 26.99 -35.79 -39.10
CA GLU A 41 26.70 -34.53 -38.43
C GLU A 41 25.89 -34.80 -37.17
N LEU A 42 26.32 -34.22 -36.05
CA LEU A 42 25.66 -34.42 -34.76
C LEU A 42 24.83 -33.22 -34.31
N VAL A 43 24.67 -32.21 -35.16
CA VAL A 43 23.94 -31.00 -34.79
C VAL A 43 22.84 -30.77 -35.81
N GLN A 44 21.60 -30.66 -35.34
CA GLN A 44 20.48 -30.31 -36.20
C GLN A 44 20.42 -28.79 -36.37
N ASN A 45 20.38 -28.33 -37.62
CA ASN A 45 20.48 -26.90 -37.91
C ASN A 45 19.27 -26.35 -38.66
N SER A 46 18.31 -27.19 -39.03
CA SER A 46 17.14 -26.75 -39.79
C SER A 46 15.87 -27.25 -39.13
N SER A 47 14.76 -26.65 -39.53
CA SER A 47 13.45 -26.99 -38.99
C SER A 47 12.47 -27.29 -40.11
N ILE A 48 11.45 -28.07 -39.78
CA ILE A 48 10.38 -28.37 -40.75
C ILE A 48 9.61 -27.10 -41.11
N GLY A 49 9.32 -26.27 -40.12
CA GLY A 49 8.54 -25.06 -40.32
C GLY A 49 7.10 -25.15 -39.88
N GLU A 50 6.66 -26.29 -39.37
CA GLU A 50 5.29 -26.46 -38.90
C GLU A 50 5.29 -27.20 -37.58
N ILE A 51 4.21 -27.02 -36.80
CA ILE A 51 4.02 -27.77 -35.57
C ILE A 51 3.20 -29.01 -35.89
N CYS A 52 3.69 -30.17 -35.45
CA CYS A 52 3.20 -31.44 -35.98
C CYS A 52 1.82 -31.82 -35.45
N ASP A 53 1.36 -31.20 -34.37
CA ASP A 53 0.03 -31.39 -33.77
C ASP A 53 -0.08 -32.75 -33.07
N SER A 54 0.92 -33.61 -33.17
CA SER A 54 0.92 -34.95 -32.59
C SER A 54 2.35 -35.30 -32.22
N PRO A 55 2.55 -36.08 -31.14
CA PRO A 55 1.56 -36.68 -30.24
C PRO A 55 1.07 -35.73 -29.15
N HIS A 56 1.73 -34.61 -28.93
CA HIS A 56 1.30 -33.68 -27.89
C HIS A 56 0.02 -32.99 -28.30
N GLN A 57 -0.80 -32.65 -27.32
CA GLN A 57 -2.05 -31.94 -27.58
C GLN A 57 -1.76 -30.45 -27.73
N ILE A 58 -2.03 -29.90 -28.90
CA ILE A 58 -1.72 -28.52 -29.24
C ILE A 58 -3.00 -27.72 -29.26
N LEU A 59 -2.98 -26.54 -28.64
CA LEU A 59 -4.11 -25.62 -28.64
C LEU A 59 -3.64 -24.30 -29.24
N ASP A 60 -4.17 -23.97 -30.42
CA ASP A 60 -3.78 -22.76 -31.12
C ASP A 60 -4.60 -21.59 -30.60
N GLY A 61 -3.92 -20.55 -30.11
CA GLY A 61 -4.59 -19.42 -29.50
C GLY A 61 -5.16 -18.41 -30.48
N GLU A 62 -4.73 -18.47 -31.74
CA GLU A 62 -5.21 -17.54 -32.77
C GLU A 62 -4.96 -16.09 -32.36
N ASN A 63 -6.04 -15.35 -32.14
CA ASN A 63 -5.97 -13.95 -31.74
C ASN A 63 -6.03 -13.78 -30.23
N CYS A 64 -6.02 -14.87 -29.48
CA CYS A 64 -6.27 -14.85 -28.04
C CYS A 64 -4.99 -15.23 -27.28
N THR A 65 -4.76 -14.54 -26.16
CA THR A 65 -3.72 -14.93 -25.23
C THR A 65 -4.29 -15.85 -24.15
N LEU A 66 -3.40 -16.45 -23.37
CA LEU A 66 -3.83 -17.37 -22.33
C LEU A 66 -4.66 -16.66 -21.26
N ILE A 67 -4.24 -15.45 -20.87
CA ILE A 67 -4.99 -14.71 -19.85
C ILE A 67 -6.34 -14.27 -20.40
N ASP A 68 -6.40 -13.87 -21.66
CA ASP A 68 -7.67 -13.48 -22.26
C ASP A 68 -8.62 -14.67 -22.34
N ALA A 69 -8.11 -15.85 -22.68
CA ALA A 69 -8.94 -17.05 -22.67
C ALA A 69 -9.37 -17.43 -21.26
N LEU A 70 -8.51 -17.19 -20.27
CA LEU A 70 -8.87 -17.46 -18.88
C LEU A 70 -9.99 -16.56 -18.41
N LEU A 71 -9.92 -15.27 -18.74
CA LEU A 71 -10.90 -14.31 -18.24
C LEU A 71 -12.24 -14.41 -18.97
N GLY A 72 -12.23 -14.87 -20.22
CA GLY A 72 -13.47 -14.96 -20.97
C GLY A 72 -13.69 -13.83 -21.96
N ASP A 73 -12.66 -13.51 -22.74
CA ASP A 73 -12.80 -12.50 -23.79
C ASP A 73 -13.84 -12.96 -24.81
N PRO A 74 -14.67 -12.07 -25.33
CA PRO A 74 -15.71 -12.50 -26.28
C PRO A 74 -15.20 -13.23 -27.51
N GLN A 75 -14.01 -12.86 -28.01
CA GLN A 75 -13.46 -13.55 -29.16
C GLN A 75 -12.78 -14.86 -28.79
N CYS A 76 -12.67 -15.16 -27.50
CA CYS A 76 -12.04 -16.39 -27.00
C CYS A 76 -13.06 -17.35 -26.40
N ASP A 77 -14.35 -17.18 -26.73
CA ASP A 77 -15.39 -18.03 -26.16
C ASP A 77 -15.26 -19.48 -26.57
N GLY A 78 -14.54 -19.76 -27.65
CA GLY A 78 -14.32 -21.14 -28.07
C GLY A 78 -13.31 -21.91 -27.26
N PHE A 79 -12.56 -21.23 -26.39
CA PHE A 79 -11.53 -21.86 -25.58
C PHE A 79 -12.05 -22.33 -24.22
N GLN A 80 -13.35 -22.19 -23.96
CA GLN A 80 -13.90 -22.55 -22.67
C GLN A 80 -13.79 -24.05 -22.41
N ASN A 81 -13.32 -24.41 -21.21
CA ASN A 81 -13.26 -25.79 -20.73
C ASN A 81 -12.35 -26.66 -21.60
N LYS A 82 -11.37 -26.08 -22.26
CA LYS A 82 -10.46 -26.84 -23.10
C LYS A 82 -9.21 -27.25 -22.33
N LYS A 83 -8.51 -28.23 -22.89
CA LYS A 83 -7.28 -28.76 -22.28
C LYS A 83 -6.18 -28.79 -23.33
N TRP A 84 -4.94 -28.72 -22.87
CA TRP A 84 -3.81 -28.68 -23.78
C TRP A 84 -2.57 -29.27 -23.14
N ASP A 85 -1.63 -29.68 -23.99
CA ASP A 85 -0.27 -29.98 -23.58
C ASP A 85 0.70 -28.84 -23.89
N LEU A 86 0.48 -28.14 -24.99
CA LEU A 86 1.25 -26.95 -25.34
C LEU A 86 0.29 -25.88 -25.83
N PHE A 87 0.44 -24.67 -25.30
CA PHE A 87 -0.35 -23.52 -25.71
C PHE A 87 0.50 -22.61 -26.59
N VAL A 88 -0.03 -22.28 -27.76
CA VAL A 88 0.70 -21.50 -28.76
C VAL A 88 0.11 -20.09 -28.79
N GLU A 89 0.96 -19.10 -28.54
CA GLU A 89 0.57 -17.70 -28.54
C GLU A 89 1.13 -17.03 -29.79
N ARG A 90 0.25 -16.38 -30.56
CA ARG A 90 0.66 -15.69 -31.76
C ARG A 90 0.94 -14.22 -31.44
N SER A 91 1.85 -13.62 -32.22
CA SER A 91 2.15 -12.21 -32.05
C SER A 91 1.02 -11.31 -32.53
N LYS A 92 0.07 -11.85 -33.30
CA LYS A 92 -1.07 -11.09 -33.80
C LYS A 92 -2.16 -10.93 -32.75
N ALA A 93 -2.00 -11.53 -31.57
CA ALA A 93 -3.04 -11.49 -30.55
C ALA A 93 -3.27 -10.07 -30.06
N TYR A 94 -4.53 -9.78 -29.74
CA TYR A 94 -4.92 -8.46 -29.26
C TYR A 94 -6.14 -8.61 -28.36
N SER A 95 -6.36 -7.59 -27.55
CA SER A 95 -7.48 -7.57 -26.61
C SER A 95 -8.59 -6.67 -27.14
N ASN A 96 -9.84 -7.09 -26.94
CA ASN A 96 -10.99 -6.35 -27.43
C ASN A 96 -12.07 -6.29 -26.36
N CYS A 97 -11.68 -6.01 -25.12
CA CYS A 97 -12.61 -5.94 -24.00
C CYS A 97 -12.16 -4.80 -23.10
N TYR A 98 -12.68 -4.77 -21.88
CA TYR A 98 -12.34 -3.72 -20.93
C TYR A 98 -10.84 -3.72 -20.64
N PRO A 99 -10.20 -2.55 -20.60
CA PRO A 99 -8.77 -2.50 -20.28
C PRO A 99 -8.49 -3.04 -18.89
N TYR A 100 -7.36 -3.74 -18.76
CA TYR A 100 -7.00 -4.35 -17.48
C TYR A 100 -5.49 -4.53 -17.40
N ASP A 101 -5.01 -4.71 -16.17
CA ASP A 101 -3.61 -5.06 -15.92
C ASP A 101 -3.58 -6.10 -14.81
N VAL A 102 -2.55 -6.95 -14.86
CA VAL A 102 -2.40 -8.01 -13.86
C VAL A 102 -1.08 -7.86 -13.13
N PRO A 103 -1.09 -7.45 -11.86
CA PRO A 103 0.14 -7.51 -11.06
C PRO A 103 0.65 -8.94 -10.99
N ASP A 104 1.97 -9.10 -11.14
CA ASP A 104 2.61 -10.40 -11.26
C ASP A 104 1.96 -11.21 -12.40
N TYR A 105 1.97 -10.60 -13.57
CA TYR A 105 1.35 -11.22 -14.75
C TYR A 105 2.05 -12.52 -15.12
N ALA A 106 3.39 -12.53 -15.07
CA ALA A 106 4.14 -13.71 -15.47
C ALA A 106 3.85 -14.89 -14.56
N SER A 107 3.72 -14.66 -13.25
CA SER A 107 3.43 -15.75 -12.33
C SER A 107 2.08 -16.39 -12.63
N LEU A 108 1.04 -15.59 -12.84
CA LEU A 108 -0.27 -16.13 -13.16
C LEU A 108 -0.26 -16.86 -14.50
N ARG A 109 0.43 -16.28 -15.50
CA ARG A 109 0.50 -16.92 -16.81
C ARG A 109 1.19 -18.27 -16.70
N SER A 110 2.31 -18.35 -15.98
CA SER A 110 3.02 -19.62 -15.81
C SER A 110 2.17 -20.61 -15.03
N LEU A 111 1.46 -20.15 -14.00
CA LEU A 111 0.60 -21.04 -13.22
C LEU A 111 -0.48 -21.66 -14.10
N VAL A 112 -1.16 -20.83 -14.89
CA VAL A 112 -2.24 -21.35 -15.74
C VAL A 112 -1.67 -22.27 -16.82
N ALA A 113 -0.51 -21.91 -17.38
CA ALA A 113 0.10 -22.77 -18.40
C ALA A 113 0.49 -24.12 -17.84
N SER A 114 1.06 -24.14 -16.62
CA SER A 114 1.44 -25.40 -16.00
C SER A 114 0.22 -26.22 -15.60
N SER A 115 -0.88 -25.55 -15.23
CA SER A 115 -2.09 -26.28 -14.89
C SER A 115 -2.58 -27.11 -16.08
N GLY A 116 -2.59 -26.52 -17.26
CA GLY A 116 -2.89 -27.27 -18.47
C GLY A 116 -4.36 -27.49 -18.75
N THR A 117 -5.25 -26.76 -18.09
CA THR A 117 -6.67 -26.92 -18.35
C THR A 117 -7.39 -25.62 -18.04
N LEU A 118 -8.48 -25.39 -18.77
CA LEU A 118 -9.36 -24.25 -18.54
C LEU A 118 -10.73 -24.69 -18.03
N GLU A 119 -10.81 -25.86 -17.40
CA GLU A 119 -12.07 -26.36 -16.89
C GLU A 119 -12.61 -25.44 -15.80
N PHE A 120 -13.90 -25.11 -15.90
CA PHE A 120 -14.55 -24.16 -15.02
C PHE A 120 -15.81 -24.78 -14.44
N LYS A 121 -16.03 -24.54 -13.15
CA LYS A 121 -17.21 -25.03 -12.44
C LYS A 121 -17.90 -23.84 -11.78
N ASN A 122 -19.20 -23.70 -12.04
CA ASN A 122 -19.95 -22.57 -11.53
C ASN A 122 -20.31 -22.80 -10.06
N GLU A 123 -20.30 -21.73 -9.29
CA GLU A 123 -20.73 -21.77 -7.90
C GLU A 123 -21.76 -20.68 -7.66
N SER A 124 -22.67 -20.95 -6.72
CA SER A 124 -23.79 -20.05 -6.44
C SER A 124 -23.43 -19.20 -5.22
N PHE A 125 -22.76 -18.08 -5.47
CA PHE A 125 -22.56 -17.07 -4.45
C PHE A 125 -23.84 -16.28 -4.23
N ASN A 126 -24.03 -15.79 -3.01
CA ASN A 126 -25.29 -15.12 -2.68
C ASN A 126 -25.41 -13.78 -3.39
N TRP A 127 -24.50 -12.86 -3.09
CA TRP A 127 -24.49 -11.50 -3.67
C TRP A 127 -25.86 -10.84 -3.54
N THR A 128 -26.30 -10.70 -2.29
CA THR A 128 -27.60 -10.12 -2.01
C THR A 128 -27.47 -8.63 -1.71
N GLY A 129 -28.35 -7.83 -2.29
CA GLY A 129 -28.36 -6.40 -2.12
C GLY A 129 -27.64 -5.60 -3.19
N VAL A 130 -27.14 -6.25 -4.24
CA VAL A 130 -26.41 -5.58 -5.30
C VAL A 130 -26.92 -6.06 -6.65
N THR A 131 -26.54 -5.34 -7.71
CA THR A 131 -26.86 -5.72 -9.08
C THR A 131 -25.74 -6.57 -9.67
N GLN A 132 -26.12 -7.52 -10.50
CA GLN A 132 -25.20 -8.50 -11.08
C GLN A 132 -25.16 -8.35 -12.60
N ASN A 133 -24.12 -8.95 -13.20
CA ASN A 133 -23.98 -9.05 -14.65
C ASN A 133 -23.89 -7.68 -15.33
N GLY A 134 -22.88 -6.92 -14.91
CA GLY A 134 -22.63 -5.63 -15.54
C GLY A 134 -21.98 -5.80 -16.91
N THR A 135 -22.28 -4.87 -17.81
CA THR A 135 -21.79 -4.90 -19.18
C THR A 135 -21.21 -3.55 -19.56
N SER A 136 -20.23 -3.57 -20.47
CA SER A 136 -19.52 -2.37 -20.89
C SER A 136 -19.56 -2.27 -22.41
N SER A 137 -19.56 -1.02 -22.90
CA SER A 137 -19.58 -0.79 -24.34
C SER A 137 -18.24 -1.10 -24.99
N ALA A 138 -17.16 -1.20 -24.22
CA ALA A 138 -15.85 -1.53 -24.75
C ALA A 138 -15.65 -3.03 -24.93
N CYS A 139 -16.61 -3.85 -24.51
CA CYS A 139 -16.54 -5.30 -24.63
C CYS A 139 -17.81 -5.75 -25.36
N ILE A 140 -17.71 -5.96 -26.66
CA ILE A 140 -18.84 -6.33 -27.50
C ILE A 140 -18.74 -7.80 -27.86
N ARG A 141 -19.77 -8.57 -27.49
CA ARG A 141 -19.81 -10.01 -27.79
C ARG A 141 -20.65 -10.30 -29.03
N GLY A 142 -21.92 -9.91 -29.00
CA GLY A 142 -22.75 -9.98 -30.19
C GLY A 142 -22.89 -8.63 -30.86
N SER A 143 -24.10 -8.08 -30.83
CA SER A 143 -24.32 -6.70 -31.23
C SER A 143 -24.53 -5.77 -30.03
N SER A 144 -24.45 -6.30 -28.81
CA SER A 144 -24.73 -5.54 -27.61
C SER A 144 -23.52 -5.56 -26.67
N SER A 145 -23.59 -4.73 -25.64
CA SER A 145 -22.54 -4.66 -24.64
C SER A 145 -22.44 -5.96 -23.85
N SER A 146 -21.22 -6.30 -23.44
CA SER A 146 -20.98 -7.52 -22.69
C SER A 146 -19.82 -7.30 -21.74
N PHE A 147 -19.29 -8.39 -21.18
CA PHE A 147 -18.20 -8.35 -20.23
C PHE A 147 -17.47 -9.69 -20.28
N PHE A 148 -16.50 -9.87 -19.39
CA PHE A 148 -15.83 -11.17 -19.29
C PHE A 148 -16.82 -12.24 -18.84
N SER A 149 -16.70 -13.43 -19.44
CA SER A 149 -17.65 -14.49 -19.15
C SER A 149 -17.43 -15.11 -17.78
N ARG A 150 -16.19 -15.12 -17.30
CA ARG A 150 -15.87 -15.76 -16.02
C ARG A 150 -15.85 -14.78 -14.85
N LEU A 151 -16.17 -13.51 -15.08
CA LEU A 151 -16.13 -12.50 -14.03
C LEU A 151 -17.51 -11.86 -13.89
N ASN A 152 -17.83 -11.46 -12.66
CA ASN A 152 -19.11 -10.83 -12.35
C ASN A 152 -18.86 -9.41 -11.87
N TRP A 153 -19.50 -8.44 -12.53
CA TRP A 153 -19.36 -7.03 -12.21
C TRP A 153 -20.54 -6.64 -11.32
N LEU A 154 -20.29 -6.50 -10.03
CA LEU A 154 -21.32 -6.14 -9.07
C LEU A 154 -21.38 -4.63 -8.92
N THR A 155 -22.60 -4.08 -9.02
CA THR A 155 -22.81 -2.65 -8.90
C THR A 155 -23.91 -2.33 -7.90
N HIS A 156 -24.31 -1.06 -7.83
CA HIS A 156 -25.35 -0.64 -6.90
C HIS A 156 -26.70 -1.24 -7.28
N LEU A 157 -27.56 -1.40 -6.28
CA LEU A 157 -28.93 -1.83 -6.46
C LEU A 157 -29.80 -0.71 -5.91
N ASN A 158 -30.56 -0.05 -6.78
CA ASN A 158 -31.40 1.08 -6.41
C ASN A 158 -30.58 2.14 -5.67
N TYR A 159 -29.37 2.36 -6.17
CA TYR A 159 -28.45 3.37 -5.64
C TYR A 159 -28.06 3.10 -4.19
N THR A 160 -27.94 1.82 -3.83
CA THR A 160 -27.39 1.41 -2.54
C THR A 160 -26.42 0.25 -2.77
N TYR A 161 -25.40 0.19 -1.91
CA TYR A 161 -24.39 -0.87 -1.98
C TYR A 161 -24.04 -1.31 -0.57
N PRO A 162 -24.74 -2.32 -0.04
CA PRO A 162 -24.43 -2.82 1.29
C PRO A 162 -23.12 -3.61 1.31
N ALA A 163 -22.55 -3.72 2.51
CA ALA A 163 -21.35 -4.50 2.69
C ALA A 163 -21.62 -5.98 2.46
N LEU A 164 -20.67 -6.66 1.82
CA LEU A 164 -20.82 -8.06 1.44
C LEU A 164 -19.98 -8.93 2.36
N ASN A 165 -20.60 -9.99 2.89
CA ASN A 165 -19.93 -10.96 3.76
C ASN A 165 -20.34 -12.33 3.23
N VAL A 166 -19.55 -12.86 2.31
CA VAL A 166 -19.87 -14.07 1.56
C VAL A 166 -18.76 -15.08 1.78
N THR A 167 -19.15 -16.35 1.93
CA THR A 167 -18.22 -17.44 2.19
C THR A 167 -18.45 -18.57 1.20
N MET A 168 -17.41 -19.33 0.95
CA MET A 168 -17.51 -20.53 0.12
C MET A 168 -16.51 -21.56 0.61
N PRO A 169 -17.00 -22.70 1.13
CA PRO A 169 -16.10 -23.73 1.64
C PRO A 169 -15.64 -24.69 0.56
N ASN A 170 -14.47 -25.28 0.79
CA ASN A 170 -13.90 -26.28 -0.10
C ASN A 170 -14.08 -27.64 0.57
N ASN A 171 -15.13 -28.36 0.17
CA ASN A 171 -15.43 -29.68 0.69
C ASN A 171 -14.95 -30.79 -0.23
N GLU A 172 -14.22 -30.44 -1.29
CA GLU A 172 -13.74 -31.41 -2.25
C GLU A 172 -12.37 -31.96 -1.82
N GLN A 173 -11.81 -32.82 -2.67
CA GLN A 173 -10.51 -33.42 -2.42
C GLN A 173 -9.39 -32.76 -3.22
N PHE A 174 -9.68 -31.64 -3.89
CA PHE A 174 -8.71 -30.98 -4.75
C PHE A 174 -8.69 -29.48 -4.47
N ASP A 175 -7.64 -28.83 -4.95
CA ASP A 175 -7.50 -27.40 -4.80
C ASP A 175 -8.44 -26.66 -5.75
N LYS A 176 -8.80 -25.43 -5.36
CA LYS A 176 -9.63 -24.56 -6.17
C LYS A 176 -8.88 -23.27 -6.47
N LEU A 177 -9.03 -22.77 -7.69
CA LEU A 177 -8.42 -21.51 -8.11
C LEU A 177 -9.51 -20.49 -8.40
N TYR A 178 -9.42 -19.33 -7.77
CA TYR A 178 -10.39 -18.26 -7.94
C TYR A 178 -9.72 -17.04 -8.56
N ILE A 179 -10.39 -16.45 -9.55
CA ILE A 179 -9.91 -15.24 -10.21
C ILE A 179 -10.91 -14.13 -9.92
N TRP A 180 -10.42 -13.03 -9.34
CA TRP A 180 -11.26 -11.88 -9.03
C TRP A 180 -10.52 -10.61 -9.42
N GLY A 181 -11.17 -9.46 -9.25
CA GLY A 181 -10.60 -8.20 -9.70
C GLY A 181 -11.09 -7.01 -8.90
N VAL A 182 -10.38 -5.91 -9.06
CA VAL A 182 -10.76 -4.62 -8.49
C VAL A 182 -10.86 -3.62 -9.62
N HIS A 183 -11.79 -2.68 -9.48
CA HIS A 183 -12.07 -1.68 -10.52
C HIS A 183 -11.56 -0.31 -10.08
N HIS A 184 -10.79 0.34 -10.95
CA HIS A 184 -10.26 1.67 -10.69
C HIS A 184 -10.95 2.67 -11.60
N PRO A 185 -11.89 3.47 -11.11
CA PRO A 185 -12.54 4.45 -11.97
C PRO A 185 -11.61 5.62 -12.27
N GLY A 186 -12.00 6.41 -13.27
CA GLY A 186 -11.19 7.56 -13.67
C GLY A 186 -11.43 8.82 -12.87
N THR A 187 -12.60 8.93 -12.24
CA THR A 187 -12.96 10.12 -11.49
C THR A 187 -13.80 9.72 -10.29
N ASP A 188 -14.01 10.68 -9.40
CA ASP A 188 -14.85 10.42 -8.23
C ASP A 188 -16.32 10.37 -8.63
N LYS A 189 -16.71 11.21 -9.58
CA LYS A 189 -18.06 11.14 -10.15
C LYS A 189 -18.39 9.73 -10.59
N ASP A 190 -17.48 9.10 -11.33
CA ASP A 190 -17.71 7.74 -11.83
C ASP A 190 -17.84 6.76 -10.67
N GLN A 191 -16.94 6.86 -9.70
CA GLN A 191 -17.04 6.07 -8.48
C GLN A 191 -18.45 6.12 -7.92
N ILE A 192 -18.94 7.34 -7.65
CA ILE A 192 -20.27 7.48 -7.06
C ILE A 192 -21.34 6.92 -8.00
N PHE A 193 -21.26 7.27 -9.29
CA PHE A 193 -22.20 6.83 -10.30
C PHE A 193 -22.32 5.32 -10.41
N LEU A 194 -21.29 4.57 -10.03
CA LEU A 194 -21.38 3.12 -10.08
C LEU A 194 -21.62 2.46 -8.73
N TYR A 195 -21.03 2.97 -7.66
CA TYR A 195 -21.06 2.28 -6.37
C TYR A 195 -21.81 3.04 -5.30
N ALA A 196 -22.28 4.26 -5.57
CA ALA A 196 -23.10 5.09 -4.69
C ALA A 196 -22.31 5.61 -3.50
N GLN A 197 -21.03 5.30 -3.38
CA GLN A 197 -20.20 5.79 -2.30
C GLN A 197 -18.75 5.86 -2.77
N SER A 198 -17.97 6.71 -2.12
CA SER A 198 -16.64 7.09 -2.61
C SER A 198 -15.51 6.37 -1.88
N SER A 199 -15.81 5.37 -1.06
CA SER A 199 -14.78 4.67 -0.29
C SER A 199 -15.05 3.18 -0.37
N GLY A 200 -14.32 2.50 -1.26
CA GLY A 200 -14.43 1.06 -1.43
C GLY A 200 -13.18 0.37 -0.92
N ARG A 201 -13.35 -0.88 -0.49
CA ARG A 201 -12.23 -1.67 0.01
C ARG A 201 -12.59 -3.14 -0.13
N ILE A 202 -11.59 -3.97 -0.45
CA ILE A 202 -11.79 -5.39 -0.68
C ILE A 202 -10.81 -6.17 0.18
N THR A 203 -11.31 -7.22 0.83
CA THR A 203 -10.46 -8.12 1.61
C THR A 203 -10.88 -9.55 1.30
N VAL A 204 -9.97 -10.31 0.70
CA VAL A 204 -10.20 -11.72 0.38
C VAL A 204 -9.23 -12.53 1.21
N SER A 205 -9.76 -13.45 2.01
CA SER A 205 -8.95 -14.15 3.01
C SER A 205 -9.30 -15.63 3.02
N THR A 206 -8.32 -16.43 3.44
CA THR A 206 -8.50 -17.83 3.77
C THR A 206 -7.76 -18.11 5.07
N LYS A 207 -7.95 -19.31 5.61
CA LYS A 207 -7.38 -19.64 6.91
C LYS A 207 -5.87 -19.44 6.96
N ARG A 208 -5.19 -19.38 5.81
CA ARG A 208 -3.76 -19.23 5.77
C ARG A 208 -3.29 -18.07 4.89
N SER A 209 -4.18 -17.18 4.48
CA SER A 209 -3.78 -16.08 3.62
C SER A 209 -4.79 -14.94 3.70
N GLN A 210 -4.35 -13.75 3.31
CA GLN A 210 -5.20 -12.57 3.25
C GLN A 210 -4.66 -11.63 2.19
N GLN A 211 -5.57 -10.96 1.48
CA GLN A 211 -5.20 -9.99 0.44
C GLN A 211 -6.12 -8.79 0.54
N ALA A 212 -5.55 -7.62 0.78
CA ALA A 212 -6.29 -6.36 0.89
C ALA A 212 -5.92 -5.45 -0.28
N VAL A 213 -6.93 -4.99 -1.00
CA VAL A 213 -6.74 -4.14 -2.18
C VAL A 213 -7.63 -2.91 -2.03
N ILE A 214 -7.06 -1.74 -2.32
CA ILE A 214 -7.77 -0.47 -2.28
C ILE A 214 -7.72 0.15 -3.66
N PRO A 215 -8.84 0.55 -4.25
CA PRO A 215 -8.80 1.16 -5.59
C PRO A 215 -8.10 2.52 -5.58
N ASN A 216 -7.51 2.85 -6.72
CA ASN A 216 -6.81 4.12 -6.92
C ASN A 216 -7.55 4.91 -8.00
N ILE A 217 -8.37 5.88 -7.58
CA ILE A 217 -9.10 6.70 -8.53
C ILE A 217 -8.16 7.70 -9.18
N GLY A 218 -8.19 7.76 -10.50
CA GLY A 218 -7.35 8.69 -11.23
C GLY A 218 -7.54 8.52 -12.72
N SER A 219 -7.06 9.51 -13.47
CA SER A 219 -7.18 9.51 -14.92
C SER A 219 -6.02 8.74 -15.53
N ARG A 220 -6.31 8.02 -16.60
CA ARG A 220 -5.34 7.20 -17.30
C ARG A 220 -5.60 7.32 -18.79
N PRO A 221 -4.59 7.06 -19.63
CA PRO A 221 -4.80 7.13 -21.08
C PRO A 221 -5.90 6.19 -21.54
N ARG A 222 -6.68 6.66 -22.51
CA ARG A 222 -7.89 5.98 -22.94
C ARG A 222 -7.57 4.85 -23.91
N ILE A 223 -8.09 3.66 -23.62
CA ILE A 223 -8.04 2.53 -24.54
C ILE A 223 -9.48 2.16 -24.87
N ARG A 224 -9.84 2.25 -26.15
CA ARG A 224 -11.22 2.06 -26.60
C ARG A 224 -12.16 3.02 -25.88
N ASP A 225 -11.70 4.27 -25.71
CA ASP A 225 -12.42 5.39 -25.10
C ASP A 225 -12.59 5.23 -23.59
N ILE A 226 -11.96 4.23 -22.98
CA ILE A 226 -12.13 3.95 -21.55
C ILE A 226 -10.85 4.38 -20.83
N PRO A 227 -10.91 5.34 -19.91
CA PRO A 227 -9.72 5.66 -19.10
C PRO A 227 -9.54 4.77 -17.88
N SER A 228 -10.58 4.06 -17.44
CA SER A 228 -10.49 3.23 -16.26
C SER A 228 -9.75 1.93 -16.55
N ARG A 229 -9.36 1.23 -15.48
CA ARG A 229 -8.59 0.01 -15.56
C ARG A 229 -9.15 -1.00 -14.58
N ILE A 230 -8.67 -2.23 -14.67
CA ILE A 230 -9.03 -3.31 -13.76
C ILE A 230 -7.77 -4.08 -13.41
N SER A 231 -7.60 -4.39 -12.13
CA SER A 231 -6.48 -5.20 -11.65
C SER A 231 -6.97 -6.58 -11.27
N ILE A 232 -6.22 -7.60 -11.65
CA ILE A 232 -6.64 -9.00 -11.52
C ILE A 232 -5.81 -9.66 -10.44
N TYR A 233 -6.48 -10.38 -9.54
CA TYR A 233 -5.83 -11.12 -8.47
C TYR A 233 -6.41 -12.54 -8.44
N TRP A 234 -5.63 -13.46 -7.86
CA TRP A 234 -6.04 -14.85 -7.77
C TRP A 234 -5.81 -15.38 -6.36
N THR A 235 -6.61 -16.38 -5.98
CA THR A 235 -6.54 -17.00 -4.67
C THR A 235 -6.73 -18.50 -4.82
N ILE A 236 -5.93 -19.27 -4.09
CA ILE A 236 -5.98 -20.73 -4.12
C ILE A 236 -6.50 -21.23 -2.77
N VAL A 237 -7.49 -22.12 -2.81
CA VAL A 237 -8.12 -22.66 -1.62
C VAL A 237 -7.83 -24.15 -1.56
N LYS A 238 -7.24 -24.59 -0.45
CA LYS A 238 -6.94 -25.99 -0.23
C LYS A 238 -8.17 -26.74 0.24
N PRO A 239 -8.21 -28.07 0.09
CA PRO A 239 -9.33 -28.84 0.62
C PRO A 239 -9.43 -28.68 2.13
N GLY A 240 -10.67 -28.58 2.62
CA GLY A 240 -10.92 -28.34 4.02
C GLY A 240 -10.83 -26.90 4.43
N ASP A 241 -10.51 -25.99 3.52
CA ASP A 241 -10.39 -24.57 3.80
C ASP A 241 -11.67 -23.86 3.37
N ILE A 242 -11.73 -22.57 3.65
CA ILE A 242 -12.90 -21.75 3.35
C ILE A 242 -12.43 -20.43 2.75
N LEU A 243 -13.16 -19.93 1.76
CA LEU A 243 -12.88 -18.65 1.12
C LEU A 243 -13.88 -17.61 1.61
N LEU A 244 -13.37 -16.48 2.07
CA LEU A 244 -14.20 -15.39 2.57
C LEU A 244 -13.90 -14.12 1.80
N ILE A 245 -14.94 -13.42 1.36
CA ILE A 245 -14.81 -12.16 0.65
C ILE A 245 -15.59 -11.10 1.39
N ASN A 246 -14.93 -10.00 1.74
CA ASN A 246 -15.58 -8.90 2.46
C ASN A 246 -15.26 -7.62 1.72
N SER A 247 -16.28 -7.01 1.11
CA SER A 247 -16.07 -5.91 0.18
C SER A 247 -17.13 -4.85 0.42
N THR A 248 -16.80 -3.62 0.04
CA THR A 248 -17.74 -2.50 0.09
C THR A 248 -17.89 -1.80 -1.26
N GLY A 249 -17.20 -2.26 -2.29
CA GLY A 249 -17.31 -1.67 -3.61
C GLY A 249 -16.12 -2.02 -4.45
N ASN A 250 -16.23 -1.67 -5.74
CA ASN A 250 -15.14 -1.86 -6.71
C ASN A 250 -14.71 -3.32 -6.83
N LEU A 251 -15.65 -4.25 -6.66
CA LEU A 251 -15.36 -5.67 -6.65
C LEU A 251 -15.80 -6.30 -7.96
N ILE A 252 -14.89 -7.03 -8.61
CA ILE A 252 -15.22 -7.87 -9.76
C ILE A 252 -15.24 -9.30 -9.25
N ALA A 253 -16.44 -9.80 -8.98
CA ALA A 253 -16.61 -11.07 -8.29
C ALA A 253 -16.35 -12.25 -9.23
N PRO A 254 -15.95 -13.40 -8.68
CA PRO A 254 -15.84 -14.62 -9.49
C PRO A 254 -17.16 -15.37 -9.58
N ARG A 255 -17.33 -16.07 -10.70
CA ARG A 255 -18.50 -16.90 -10.91
C ARG A 255 -18.29 -18.36 -10.51
N GLY A 256 -17.07 -18.72 -10.13
CA GLY A 256 -16.76 -20.11 -9.82
C GLY A 256 -15.28 -20.29 -9.62
N TYR A 257 -14.82 -21.53 -9.80
CA TYR A 257 -13.42 -21.87 -9.62
C TYR A 257 -12.90 -22.67 -10.81
N PHE A 258 -11.60 -22.59 -11.03
CA PHE A 258 -10.90 -23.44 -11.98
C PHE A 258 -10.23 -24.58 -11.23
N LYS A 259 -10.21 -25.75 -11.86
CA LYS A 259 -9.47 -26.88 -11.29
C LYS A 259 -8.01 -26.75 -11.68
N ILE A 260 -7.13 -26.69 -10.68
CA ILE A 260 -5.70 -26.51 -10.90
C ILE A 260 -5.01 -27.83 -10.58
N ARG A 261 -4.28 -28.36 -11.57
CA ARG A 261 -3.58 -29.63 -11.43
C ARG A 261 -2.12 -29.47 -11.83
N SER A 262 -1.41 -30.59 -11.91
CA SER A 262 0.01 -30.59 -12.27
C SER A 262 0.21 -31.56 -13.43
N GLY A 263 1.09 -31.19 -14.34
CA GLY A 263 1.32 -32.01 -15.51
C GLY A 263 2.45 -31.48 -16.35
N LYS A 264 2.57 -32.04 -17.56
CA LYS A 264 3.62 -31.68 -18.49
C LYS A 264 3.24 -30.53 -19.43
N SER A 265 2.22 -29.76 -19.07
CA SER A 265 1.76 -28.69 -19.96
C SER A 265 2.70 -27.49 -19.87
N SER A 266 2.68 -26.69 -20.94
CA SER A 266 3.51 -25.49 -21.02
C SER A 266 2.89 -24.54 -22.05
N ILE A 267 3.54 -23.39 -22.23
CA ILE A 267 3.11 -22.37 -23.18
C ILE A 267 4.31 -21.95 -24.02
N MET A 268 4.04 -21.65 -25.29
CA MET A 268 5.09 -21.27 -26.23
C MET A 268 4.60 -20.15 -27.13
N ARG A 269 5.49 -19.20 -27.41
CA ARG A 269 5.22 -18.13 -28.37
C ARG A 269 5.83 -18.50 -29.71
N SER A 270 4.98 -18.59 -30.73
CA SER A 270 5.44 -18.97 -32.07
C SER A 270 4.41 -18.54 -33.10
N ASP A 271 4.90 -18.25 -34.30
CA ASP A 271 4.05 -17.91 -35.43
C ASP A 271 4.03 -19.00 -36.49
N ALA A 272 4.58 -20.17 -36.19
CA ALA A 272 4.61 -21.26 -37.16
C ALA A 272 3.22 -21.89 -37.29
N PRO A 273 2.82 -22.27 -38.51
CA PRO A 273 1.50 -22.90 -38.69
C PRO A 273 1.49 -24.30 -38.11
N ILE A 274 0.27 -24.75 -37.79
CA ILE A 274 0.07 -26.11 -37.27
C ILE A 274 -0.12 -27.05 -38.44
N GLY A 275 0.69 -28.11 -38.48
CA GLY A 275 0.60 -29.09 -39.55
C GLY A 275 -0.04 -30.38 -39.12
N LYS A 276 0.29 -31.48 -39.82
CA LYS A 276 -0.21 -32.81 -39.47
C LYS A 276 0.94 -33.81 -39.66
N CYS A 277 1.71 -34.01 -38.60
CA CYS A 277 2.86 -34.92 -38.64
C CYS A 277 3.07 -35.45 -37.23
N LYS A 278 4.24 -36.04 -36.99
CA LYS A 278 4.59 -36.56 -35.67
C LYS A 278 6.02 -36.14 -35.33
N SER A 279 6.18 -35.60 -34.12
CA SER A 279 7.49 -35.20 -33.62
C SER A 279 7.42 -34.97 -32.11
N GLU A 280 8.39 -35.51 -31.37
CA GLU A 280 8.38 -35.41 -29.91
C GLU A 280 9.09 -34.15 -29.42
N CYS A 281 9.54 -33.28 -30.33
CA CYS A 281 10.26 -32.07 -29.97
C CYS A 281 9.64 -30.91 -30.71
N ILE A 282 9.13 -29.93 -29.98
CA ILE A 282 8.55 -28.72 -30.56
C ILE A 282 9.48 -27.55 -30.24
N THR A 283 9.89 -26.83 -31.27
CA THR A 283 10.63 -25.59 -31.20
C THR A 283 9.73 -24.44 -31.69
N PRO A 284 10.00 -23.19 -31.26
CA PRO A 284 9.25 -22.07 -31.86
C PRO A 284 9.24 -22.10 -33.38
N ASN A 285 10.35 -22.48 -34.02
CA ASN A 285 10.37 -22.61 -35.47
C ASN A 285 10.04 -24.06 -35.83
N GLY A 286 8.75 -24.34 -36.04
CA GLY A 286 8.30 -25.69 -36.32
C GLY A 286 8.80 -26.79 -35.40
N SER A 287 8.52 -28.03 -35.79
CA SER A 287 9.01 -29.22 -35.10
C SER A 287 10.33 -29.66 -35.72
N ILE A 288 11.21 -30.22 -34.89
CA ILE A 288 12.51 -30.63 -35.39
C ILE A 288 12.76 -32.11 -35.08
N PRO A 289 13.49 -32.83 -35.93
CA PRO A 289 13.83 -34.23 -35.63
C PRO A 289 14.73 -34.34 -34.41
N ASN A 290 14.49 -35.38 -33.61
CA ASN A 290 15.17 -35.54 -32.34
C ASN A 290 16.06 -36.79 -32.33
N ASP A 291 16.70 -37.06 -33.47
CA ASP A 291 17.62 -38.19 -33.58
C ASP A 291 19.04 -37.83 -33.19
N LYS A 292 19.49 -36.63 -33.55
CA LYS A 292 20.82 -36.16 -33.19
C LYS A 292 20.83 -35.67 -31.74
N PRO A 293 21.99 -35.76 -31.06
CA PRO A 293 22.02 -35.39 -29.64
C PRO A 293 22.11 -33.89 -29.39
N PHE A 294 22.43 -33.07 -30.39
CA PHE A 294 22.57 -31.64 -30.20
C PHE A 294 21.86 -30.89 -31.31
N GLN A 295 21.53 -29.63 -31.02
CA GLN A 295 20.85 -28.77 -31.98
C GLN A 295 21.23 -27.33 -31.69
N ASN A 296 20.95 -26.46 -32.68
CA ASN A 296 21.25 -25.03 -32.52
C ASN A 296 20.12 -24.14 -33.03
N VAL A 297 18.94 -24.70 -33.32
CA VAL A 297 17.87 -23.89 -33.89
C VAL A 297 17.36 -22.86 -32.90
N ASN A 298 17.08 -23.28 -31.67
CA ASN A 298 16.51 -22.39 -30.68
C ASN A 298 16.77 -22.96 -29.28
N ARG A 299 16.91 -22.06 -28.32
CA ARG A 299 17.06 -22.44 -26.91
C ARG A 299 15.74 -22.77 -26.24
N ILE A 300 14.61 -22.42 -26.84
CA ILE A 300 13.30 -22.72 -26.30
C ILE A 300 12.82 -24.03 -26.93
N THR A 301 12.56 -25.02 -26.09
CA THR A 301 12.21 -26.36 -26.56
C THR A 301 11.10 -26.93 -25.69
N TYR A 302 10.34 -27.86 -26.28
CA TYR A 302 9.31 -28.58 -25.55
C TYR A 302 9.35 -30.04 -25.95
N GLY A 303 9.24 -30.93 -24.97
CA GLY A 303 9.27 -32.36 -25.24
C GLY A 303 10.68 -32.91 -25.25
N ALA A 304 10.81 -34.10 -25.84
CA ALA A 304 12.10 -34.77 -25.96
C ALA A 304 12.90 -34.08 -27.05
N CYS A 305 13.86 -33.24 -26.67
CA CYS A 305 14.62 -32.43 -27.60
C CYS A 305 16.11 -32.62 -27.38
N PRO A 306 16.91 -32.44 -28.43
CA PRO A 306 18.36 -32.45 -28.25
C PRO A 306 18.84 -31.21 -27.50
N ARG A 307 20.04 -31.33 -26.93
CA ARG A 307 20.62 -30.22 -26.20
C ARG A 307 20.98 -29.08 -27.15
N TYR A 308 20.82 -27.85 -26.67
CA TYR A 308 21.15 -26.67 -27.45
C TYR A 308 22.60 -26.28 -27.24
N VAL A 309 23.32 -26.08 -28.33
CA VAL A 309 24.73 -25.70 -28.30
C VAL A 309 24.96 -24.55 -29.26
N LYS A 310 26.04 -23.82 -29.02
CA LYS A 310 26.39 -22.69 -29.88
C LYS A 310 27.08 -23.13 -31.16
N GLN A 311 27.70 -24.30 -31.18
CA GLN A 311 28.41 -24.76 -32.36
C GLN A 311 27.42 -25.00 -33.48
N SER A 312 27.76 -24.54 -34.68
CA SER A 312 26.92 -24.73 -35.86
C SER A 312 27.19 -26.04 -36.59
N THR A 313 28.25 -26.76 -36.23
CA THR A 313 28.60 -27.99 -36.91
C THR A 313 29.51 -28.82 -36.03
N LEU A 314 29.14 -30.07 -35.79
CA LEU A 314 29.98 -31.04 -35.08
C LEU A 314 30.01 -32.32 -35.88
N LYS A 315 31.21 -32.80 -36.20
CA LYS A 315 31.40 -33.97 -37.06
C LYS A 315 31.91 -35.14 -36.23
N LEU A 316 31.27 -36.30 -36.40
CA LEU A 316 31.69 -37.51 -35.70
C LEU A 316 32.43 -38.45 -36.64
N ASN A 389 16.37 -36.54 -22.38
CA ASN A 389 16.13 -35.14 -22.09
C ASN A 389 14.69 -34.75 -22.42
N GLU A 390 13.88 -34.58 -21.39
CA GLU A 390 12.46 -34.24 -21.54
C GLU A 390 12.09 -33.33 -20.38
N LYS A 391 11.81 -32.07 -20.68
CA LYS A 391 11.76 -31.03 -19.66
C LYS A 391 10.39 -30.44 -19.42
N PHE A 392 9.54 -30.35 -20.46
CA PHE A 392 8.18 -29.80 -20.35
C PHE A 392 8.30 -28.34 -19.93
N HIS A 393 7.61 -27.90 -18.89
CA HIS A 393 7.59 -26.49 -18.52
C HIS A 393 8.97 -26.05 -18.05
N GLN A 394 9.38 -24.85 -18.47
CA GLN A 394 10.70 -24.31 -18.13
C GLN A 394 10.54 -22.81 -17.86
N ILE A 395 11.66 -22.11 -17.77
CA ILE A 395 11.66 -20.67 -17.52
C ILE A 395 11.56 -19.92 -18.83
N GLU A 396 11.19 -18.64 -18.73
CA GLU A 396 11.11 -17.77 -19.90
C GLU A 396 12.50 -17.33 -20.32
N LYS A 397 12.77 -17.38 -21.63
CA LYS A 397 14.10 -17.11 -22.15
C LYS A 397 14.16 -15.94 -23.11
N GLU A 398 13.04 -15.25 -23.33
CA GLU A 398 13.02 -14.03 -24.13
C GLU A 398 12.16 -12.98 -23.42
N PHE A 399 12.62 -11.74 -23.45
CA PHE A 399 11.96 -10.65 -22.74
C PHE A 399 11.81 -9.46 -23.67
N SER A 400 10.65 -8.83 -23.62
CA SER A 400 10.38 -7.64 -24.42
C SER A 400 10.52 -6.34 -23.64
N GLU A 401 10.68 -6.42 -22.32
CA GLU A 401 10.84 -5.24 -21.48
C GLU A 401 12.00 -5.45 -20.52
N VAL A 402 12.69 -4.35 -20.19
CA VAL A 402 13.78 -4.41 -19.23
C VAL A 402 13.20 -4.37 -17.82
N GLU A 403 13.63 -5.30 -16.97
CA GLU A 403 13.08 -5.41 -15.63
C GLU A 403 14.15 -5.34 -14.55
N GLY A 404 15.38 -5.71 -14.89
CA GLY A 404 16.45 -5.62 -13.92
C GLY A 404 16.92 -6.93 -13.32
N ARG A 405 17.05 -6.94 -11.99
CA ARG A 405 17.63 -8.04 -11.23
C ARG A 405 17.14 -9.42 -11.67
N ILE A 406 15.81 -9.64 -11.63
CA ILE A 406 15.26 -10.96 -11.90
C ILE A 406 15.61 -11.41 -13.32
N GLN A 407 15.43 -10.51 -14.29
CA GLN A 407 15.68 -10.88 -15.68
C GLN A 407 17.16 -11.11 -15.92
N ASP A 408 18.01 -10.34 -15.25
CA ASP A 408 19.46 -10.55 -15.34
C ASP A 408 19.83 -11.93 -14.81
N LEU A 409 19.29 -12.31 -13.64
CA LEU A 409 19.54 -13.63 -13.10
C LEU A 409 19.09 -14.73 -14.05
N GLU A 410 17.89 -14.60 -14.63
CA GLU A 410 17.41 -15.61 -15.58
C GLU A 410 18.35 -15.74 -16.77
N LYS A 411 18.76 -14.60 -17.34
CA LYS A 411 19.67 -14.63 -18.48
C LYS A 411 21.00 -15.27 -18.10
N TYR A 412 21.53 -14.92 -16.93
CA TYR A 412 22.78 -15.50 -16.46
C TYR A 412 22.68 -17.01 -16.32
N VAL A 413 21.59 -17.49 -15.72
CA VAL A 413 21.37 -18.94 -15.60
C VAL A 413 21.40 -19.60 -16.97
N GLU A 414 20.62 -19.07 -17.92
CA GLU A 414 20.54 -19.71 -19.24
C GLU A 414 21.88 -19.64 -19.97
N ASP A 415 22.61 -18.53 -19.83
CA ASP A 415 23.92 -18.41 -20.45
C ASP A 415 24.90 -19.44 -19.88
N THR A 416 24.90 -19.61 -18.56
CA THR A 416 25.75 -20.62 -17.94
C THR A 416 25.43 -22.00 -18.48
N LYS A 417 24.14 -22.36 -18.51
CA LYS A 417 23.73 -23.65 -19.04
C LYS A 417 24.27 -23.85 -20.46
N ILE A 418 24.02 -22.86 -21.34
CA ILE A 418 24.42 -22.98 -22.73
C ILE A 418 25.93 -23.19 -22.83
N ASP A 419 26.72 -22.39 -22.11
CA ASP A 419 28.17 -22.48 -22.23
C ASP A 419 28.68 -23.82 -21.75
N LEU A 420 28.16 -24.31 -20.61
CA LEU A 420 28.61 -25.60 -20.10
C LEU A 420 28.26 -26.74 -21.05
N TRP A 421 27.05 -26.70 -21.63
CA TRP A 421 26.69 -27.77 -22.55
C TRP A 421 27.46 -27.69 -23.86
N SER A 422 27.84 -26.48 -24.29
CA SER A 422 28.69 -26.36 -25.48
C SER A 422 30.07 -26.96 -25.21
N TYR A 423 30.64 -26.69 -24.03
CA TYR A 423 31.90 -27.32 -23.66
C TYR A 423 31.78 -28.83 -23.65
N ASN A 424 30.70 -29.34 -23.04
CA ASN A 424 30.48 -30.78 -22.99
C ASN A 424 30.45 -31.37 -24.40
N ALA A 425 29.66 -30.76 -25.30
CA ALA A 425 29.56 -31.22 -26.67
C ALA A 425 30.93 -31.30 -27.34
N GLU A 426 31.68 -30.19 -27.27
CA GLU A 426 32.99 -30.15 -27.91
C GLU A 426 33.88 -31.28 -27.39
N LEU A 427 33.99 -31.38 -26.06
CA LEU A 427 34.87 -32.39 -25.47
C LEU A 427 34.45 -33.79 -25.89
N LEU A 428 33.13 -34.06 -25.87
CA LEU A 428 32.63 -35.38 -26.24
C LEU A 428 33.01 -35.72 -27.67
N VAL A 429 32.74 -34.81 -28.61
CA VAL A 429 33.05 -35.06 -30.01
C VAL A 429 34.54 -35.36 -30.16
N ALA A 430 35.39 -34.52 -29.56
CA ALA A 430 36.83 -34.73 -29.64
C ALA A 430 37.22 -36.12 -29.16
N LEU A 431 36.77 -36.48 -27.94
CA LEU A 431 37.09 -37.78 -27.36
C LEU A 431 36.67 -38.92 -28.29
N GLU A 432 35.43 -38.88 -28.76
CA GLU A 432 34.93 -39.96 -29.61
C GLU A 432 35.75 -40.09 -30.88
N ASN A 433 36.02 -38.96 -31.55
CA ASN A 433 36.86 -38.99 -32.75
C ASN A 433 38.21 -39.63 -32.46
N GLN A 434 38.88 -39.18 -31.38
CA GLN A 434 40.18 -39.73 -31.02
C GLN A 434 40.11 -41.24 -30.82
N HIS A 435 39.18 -41.70 -29.98
CA HIS A 435 39.09 -43.13 -29.68
C HIS A 435 38.80 -43.94 -30.93
N THR A 436 37.98 -43.40 -31.85
CA THR A 436 37.67 -44.12 -33.07
C THR A 436 38.90 -44.23 -33.97
N ILE A 437 39.62 -43.13 -34.15
CA ILE A 437 40.89 -43.16 -34.88
C ILE A 437 41.80 -44.22 -34.29
N ASP A 438 41.92 -44.23 -32.96
CA ASP A 438 42.84 -45.16 -32.31
C ASP A 438 42.42 -46.61 -32.55
N LEU A 439 41.13 -46.89 -32.46
CA LEU A 439 40.63 -48.25 -32.59
C LEU A 439 40.63 -48.73 -34.04
N THR A 440 40.65 -47.82 -35.01
CA THR A 440 40.73 -48.23 -36.40
C THR A 440 42.17 -48.45 -36.88
N ASP A 441 43.17 -47.90 -36.18
CA ASP A 441 44.56 -48.17 -36.51
C ASP A 441 45.07 -49.39 -35.75
N VAL B 11 -46.59 19.08 -35.52
CA VAL B 11 -47.73 18.29 -35.06
C VAL B 11 -47.64 16.87 -35.63
N LYS B 12 -47.72 15.89 -34.75
CA LYS B 12 -47.62 14.49 -35.13
C LYS B 12 -48.99 13.83 -35.13
N LYS B 13 -49.25 13.03 -36.15
CA LYS B 13 -50.51 12.30 -36.22
C LYS B 13 -50.59 11.24 -35.12
N PRO B 14 -51.79 10.96 -34.61
CA PRO B 14 -51.93 9.90 -33.61
C PRO B 14 -51.50 8.55 -34.18
N GLY B 15 -50.87 7.74 -33.33
CA GLY B 15 -50.36 6.46 -33.74
C GLY B 15 -49.00 6.49 -34.39
N SER B 16 -48.41 7.67 -34.58
CA SER B 16 -47.09 7.79 -35.18
C SER B 16 -46.02 7.67 -34.10
N SER B 17 -44.77 7.96 -34.45
CA SER B 17 -43.65 7.87 -33.53
C SER B 17 -42.91 9.20 -33.48
N VAL B 18 -42.38 9.53 -32.30
CA VAL B 18 -41.59 10.72 -32.08
C VAL B 18 -40.26 10.32 -31.48
N LYS B 19 -39.17 10.86 -32.02
CA LYS B 19 -37.82 10.54 -31.59
C LYS B 19 -37.12 11.81 -31.11
N VAL B 20 -36.57 11.76 -29.89
CA VAL B 20 -35.85 12.89 -29.33
C VAL B 20 -34.40 12.48 -29.14
N SER B 21 -33.49 13.25 -29.74
CA SER B 21 -32.07 12.94 -29.68
C SER B 21 -31.37 13.84 -28.66
N CYS B 22 -30.25 13.35 -28.15
CA CYS B 22 -29.50 14.07 -27.13
C CYS B 22 -28.02 13.72 -27.24
N GLU B 23 -27.17 14.68 -26.92
CA GLU B 23 -25.72 14.54 -27.05
C GLU B 23 -25.15 14.05 -25.71
N ALA B 24 -24.48 12.91 -25.74
CA ALA B 24 -23.84 12.33 -24.56
C ALA B 24 -22.39 12.79 -24.45
N SER B 25 -22.21 14.11 -24.43
CA SER B 25 -20.89 14.70 -24.35
C SER B 25 -21.02 16.10 -23.76
N GLY B 26 -19.90 16.63 -23.30
CA GLY B 26 -19.87 17.95 -22.71
C GLY B 26 -18.71 18.07 -21.74
N ASP B 27 -18.64 19.23 -21.10
CA ASP B 27 -17.56 19.48 -20.14
C ASP B 27 -17.72 18.63 -18.88
N THR B 28 -18.94 18.54 -18.36
CA THR B 28 -19.21 17.79 -17.13
C THR B 28 -19.49 16.31 -17.38
N PHE B 29 -19.60 15.88 -18.64
CA PHE B 29 -19.91 14.49 -18.93
C PHE B 29 -18.66 13.64 -18.78
N THR B 30 -18.80 12.50 -18.10
CA THR B 30 -17.70 11.57 -17.86
C THR B 30 -18.04 10.21 -18.47
N THR B 31 -17.18 9.23 -18.18
CA THR B 31 -17.34 7.90 -18.77
C THR B 31 -18.64 7.24 -18.35
N TYR B 32 -19.01 7.36 -17.07
CA TYR B 32 -20.16 6.67 -16.52
C TYR B 32 -21.29 7.63 -16.13
N SER B 33 -21.37 8.78 -16.79
CA SER B 33 -22.52 9.65 -16.60
C SER B 33 -23.73 9.08 -17.34
N GLY B 34 -24.91 9.48 -16.88
CA GLY B 34 -26.13 8.95 -17.45
C GLY B 34 -27.01 10.01 -18.08
N ILE B 35 -27.95 9.60 -18.91
CA ILE B 35 -28.91 10.50 -19.54
C ILE B 35 -30.31 10.04 -19.19
N ASN B 36 -31.11 10.95 -18.65
CA ASN B 36 -32.49 10.69 -18.28
C ASN B 36 -33.41 11.64 -19.02
N TRP B 37 -34.61 11.17 -19.34
CA TRP B 37 -35.61 11.98 -20.03
C TRP B 37 -36.72 12.36 -19.08
N VAL B 38 -37.15 13.61 -19.16
CA VAL B 38 -38.21 14.14 -18.31
C VAL B 38 -39.28 14.75 -19.21
N ARG B 39 -40.54 14.54 -18.84
CA ARG B 39 -41.68 15.07 -19.57
C ARG B 39 -42.43 16.06 -18.71
N GLN B 40 -42.99 17.09 -19.35
CA GLN B 40 -43.80 18.09 -18.67
C GLN B 40 -44.98 18.45 -19.55
N ALA B 41 -46.19 18.06 -19.13
CA ALA B 41 -47.39 18.48 -19.83
C ALA B 41 -47.62 19.98 -19.63
N PRO B 42 -48.26 20.65 -20.60
CA PRO B 42 -48.48 22.09 -20.46
C PRO B 42 -49.37 22.43 -19.28
N GLY B 43 -48.80 23.12 -18.30
CA GLY B 43 -49.54 23.48 -17.10
C GLY B 43 -49.58 22.40 -16.04
N GLN B 44 -48.71 21.40 -16.12
CA GLN B 44 -48.71 20.32 -15.14
C GLN B 44 -47.31 20.11 -14.57
N GLY B 45 -47.13 19.05 -13.78
CA GLY B 45 -45.87 18.79 -13.13
C GLY B 45 -44.90 18.02 -14.00
N LEU B 46 -43.79 17.61 -13.37
CA LEU B 46 -42.73 16.91 -14.06
C LEU B 46 -42.90 15.41 -13.92
N GLU B 47 -42.58 14.68 -14.99
CA GLU B 47 -42.68 13.23 -15.01
C GLU B 47 -41.37 12.65 -15.52
N TRP B 48 -41.04 11.45 -15.02
CA TRP B 48 -39.79 10.79 -15.35
C TRP B 48 -40.04 9.70 -16.38
N MET B 49 -39.21 9.66 -17.40
CA MET B 49 -39.24 8.63 -18.43
C MET B 49 -37.93 7.85 -18.37
N GLY B 50 -37.68 7.04 -19.40
CA GLY B 50 -36.55 6.13 -19.37
C GLY B 50 -35.22 6.85 -19.28
N GLY B 51 -34.20 6.08 -18.89
CA GLY B 51 -32.85 6.59 -18.85
C GLY B 51 -31.87 5.49 -19.22
N VAL B 52 -30.64 5.90 -19.54
CA VAL B 52 -29.62 4.97 -19.98
C VAL B 52 -28.25 5.57 -19.68
N LEU B 53 -27.29 4.71 -19.34
CA LEU B 53 -25.90 5.09 -19.30
C LEU B 53 -25.25 4.65 -20.60
N PRO B 54 -24.70 5.56 -21.39
CA PRO B 54 -24.21 5.18 -22.73
C PRO B 54 -23.09 4.16 -22.72
N ASN B 55 -22.37 4.01 -21.62
CA ASN B 55 -21.22 3.11 -21.56
C ASN B 55 -21.39 1.98 -20.57
N PHE B 56 -22.60 1.76 -20.05
CA PHE B 56 -22.81 0.71 -19.06
C PHE B 56 -24.26 0.27 -19.07
N GLY B 57 -24.46 -1.03 -18.93
CA GLY B 57 -25.78 -1.60 -18.69
C GLY B 57 -26.75 -1.46 -19.85
N SER B 58 -28.04 -1.48 -19.49
CA SER B 58 -29.15 -1.40 -20.43
C SER B 58 -30.09 -0.30 -19.98
N PRO B 59 -30.86 0.28 -20.92
CA PRO B 59 -31.77 1.37 -20.54
C PRO B 59 -32.83 0.90 -19.54
N ASN B 60 -33.17 1.78 -18.61
CA ASN B 60 -34.28 1.58 -17.70
C ASN B 60 -35.51 2.30 -18.23
N TYR B 61 -36.68 1.82 -17.86
CA TYR B 61 -37.93 2.43 -18.32
C TYR B 61 -38.91 2.56 -17.16
N ALA B 62 -39.75 3.58 -17.24
CA ALA B 62 -40.86 3.73 -16.31
C ALA B 62 -41.98 2.77 -16.67
N GLN B 63 -42.72 2.33 -15.65
CA GLN B 63 -43.73 1.30 -15.90
C GLN B 63 -44.94 1.85 -16.63
N ARG B 64 -45.18 3.16 -16.58
CA ARG B 64 -46.31 3.73 -17.29
C ARG B 64 -46.12 3.68 -18.80
N PHE B 65 -44.86 3.65 -19.26
CA PHE B 65 -44.54 3.72 -20.67
C PHE B 65 -44.05 2.40 -21.24
N GLN B 66 -44.23 1.29 -20.52
CA GLN B 66 -43.71 0.01 -20.99
C GLN B 66 -44.41 -0.41 -22.28
N GLY B 67 -43.61 -0.88 -23.24
CA GLY B 67 -44.11 -1.33 -24.52
C GLY B 67 -44.13 -0.27 -25.60
N ARG B 68 -44.25 1.01 -25.22
CA ARG B 68 -44.33 2.09 -26.18
C ARG B 68 -43.01 2.83 -26.38
N ILE B 69 -42.05 2.68 -25.48
CA ILE B 69 -40.84 3.49 -25.47
C ILE B 69 -39.63 2.59 -25.73
N THR B 70 -38.67 3.12 -26.45
CA THR B 70 -37.40 2.45 -26.70
C THR B 70 -36.28 3.48 -26.64
N ILE B 71 -35.12 3.06 -26.16
CA ILE B 71 -33.96 3.93 -26.03
C ILE B 71 -32.78 3.29 -26.74
N THR B 72 -32.14 4.05 -27.62
CA THR B 72 -31.02 3.57 -28.42
C THR B 72 -29.82 4.49 -28.21
N VAL B 73 -28.63 3.91 -28.25
CA VAL B 73 -27.38 4.64 -28.09
C VAL B 73 -26.60 4.53 -29.39
N ASP B 74 -26.23 5.67 -29.96
CA ASP B 74 -25.43 5.74 -31.18
C ASP B 74 -24.02 6.19 -30.81
N ARG B 75 -23.09 5.23 -30.77
CA ARG B 75 -21.74 5.51 -30.30
C ARG B 75 -20.88 6.20 -31.34
N SER B 76 -21.20 6.06 -32.63
CA SER B 76 -20.41 6.71 -33.67
C SER B 76 -20.60 8.22 -33.63
N THR B 77 -21.83 8.69 -33.46
CA THR B 77 -22.12 10.11 -33.34
C THR B 77 -22.27 10.57 -31.89
N SER B 78 -22.05 9.67 -30.93
CA SER B 78 -22.12 9.99 -29.51
C SER B 78 -23.47 10.61 -29.15
N LEU B 79 -24.54 10.00 -29.63
CA LEU B 79 -25.89 10.45 -29.38
C LEU B 79 -26.71 9.36 -28.70
N VAL B 80 -27.81 9.77 -28.08
CA VAL B 80 -28.78 8.87 -27.47
C VAL B 80 -30.17 9.33 -27.88
N HIS B 81 -30.99 8.40 -28.35
CA HIS B 81 -32.31 8.72 -28.84
C HIS B 81 -33.37 7.95 -28.06
N MET B 82 -34.51 8.60 -27.83
CA MET B 82 -35.67 7.98 -27.20
C MET B 82 -36.85 8.10 -28.16
N GLU B 83 -37.47 6.97 -28.48
CA GLU B 83 -38.60 6.93 -29.40
C GLU B 83 -39.85 6.47 -28.66
N LEU B 84 -40.98 7.09 -28.97
CA LEU B 84 -42.25 6.78 -28.34
C LEU B 84 -43.24 6.40 -29.42
N THR B 85 -43.64 5.14 -29.43
CA THR B 85 -44.54 4.60 -30.45
C THR B 85 -45.98 4.65 -29.95
N ASN B 86 -46.91 4.77 -30.90
CA ASN B 86 -48.35 4.86 -30.64
C ASN B 86 -48.66 6.08 -29.77
N LEU B 87 -48.42 7.24 -30.38
CA LEU B 87 -48.69 8.52 -29.72
C LEU B 87 -50.18 8.68 -29.46
N ARG B 88 -50.48 9.53 -28.47
CA ARG B 88 -51.85 9.78 -28.05
C ARG B 88 -51.99 11.27 -27.75
N SER B 89 -53.24 11.72 -27.68
CA SER B 89 -53.50 13.15 -27.46
C SER B 89 -52.93 13.65 -26.15
N ASP B 90 -52.92 12.80 -25.11
CA ASP B 90 -52.38 13.22 -23.82
C ASP B 90 -50.86 13.32 -23.81
N ASP B 91 -50.18 12.92 -24.89
CA ASP B 91 -48.73 12.98 -24.95
C ASP B 91 -48.20 14.35 -25.34
N THR B 92 -49.07 15.32 -25.61
CA THR B 92 -48.63 16.68 -25.89
C THR B 92 -47.90 17.26 -24.68
N ALA B 93 -46.60 17.50 -24.81
CA ALA B 93 -45.78 17.91 -23.67
C ALA B 93 -44.43 18.38 -24.19
N VAL B 94 -43.61 18.89 -23.27
CA VAL B 94 -42.25 19.32 -23.54
C VAL B 94 -41.29 18.33 -22.89
N TYR B 95 -40.29 17.89 -23.65
CA TYR B 95 -39.37 16.85 -23.22
C TYR B 95 -38.00 17.45 -22.97
N TYR B 96 -37.37 17.05 -21.86
CA TYR B 96 -36.07 17.56 -21.45
C TYR B 96 -35.06 16.43 -21.28
N CYS B 97 -33.81 16.71 -21.64
CA CYS B 97 -32.69 15.85 -21.29
C CYS B 97 -32.11 16.29 -19.95
N THR B 98 -31.69 15.33 -19.15
CA THR B 98 -31.01 15.61 -17.89
C THR B 98 -29.76 14.75 -17.77
N GLU B 99 -28.69 15.35 -17.26
CA GLU B 99 -27.46 14.65 -16.92
C GLU B 99 -27.37 14.41 -15.42
N THR B 100 -26.79 13.27 -15.05
CA THR B 100 -26.74 12.86 -13.65
C THR B 100 -25.58 13.56 -12.93
N GLY B 101 -25.84 14.00 -11.71
CA GLY B 101 -24.84 14.59 -10.85
C GLY B 101 -24.49 13.68 -9.69
N ALA B 102 -23.29 13.85 -9.16
CA ALA B 102 -22.79 13.01 -8.08
C ALA B 102 -22.40 13.85 -6.88
N TYR B 103 -22.69 13.34 -5.68
CA TYR B 103 -22.33 14.02 -4.45
C TYR B 103 -22.22 12.97 -3.34
N ASN B 104 -21.45 13.30 -2.31
CA ASN B 104 -21.22 12.38 -1.19
C ASN B 104 -22.31 12.57 -0.14
N SER B 105 -23.02 11.47 0.15
CA SER B 105 -24.12 11.49 1.11
C SER B 105 -24.33 10.06 1.61
N VAL B 106 -25.46 9.82 2.24
CA VAL B 106 -25.83 8.49 2.69
C VAL B 106 -27.17 8.03 2.11
N GLY B 107 -27.99 8.93 1.60
CA GLY B 107 -29.21 8.59 0.91
C GLY B 107 -29.12 9.07 -0.53
N TYR B 108 -27.88 9.15 -1.02
CA TYR B 108 -27.58 9.72 -2.33
C TYR B 108 -28.37 9.07 -3.46
N PHE B 109 -28.94 9.92 -4.31
CA PHE B 109 -29.48 9.53 -5.61
C PHE B 109 -29.16 10.66 -6.57
N PRO B 110 -28.90 10.34 -7.85
CA PRO B 110 -28.46 11.37 -8.79
C PRO B 110 -29.47 12.50 -8.94
N TYR B 111 -28.95 13.72 -9.07
CA TYR B 111 -29.76 14.88 -9.40
C TYR B 111 -29.71 15.14 -10.90
N PHE B 112 -30.67 15.92 -11.39
CA PHE B 112 -30.84 16.15 -12.82
C PHE B 112 -30.30 17.52 -13.20
N GLN B 113 -29.48 17.55 -14.25
CA GLN B 113 -28.94 18.79 -14.80
C GLN B 113 -29.57 19.02 -16.17
N PHE B 114 -30.45 20.01 -16.27
CA PHE B 114 -31.17 20.27 -17.50
C PHE B 114 -30.27 21.02 -18.47
N ARG B 115 -30.08 20.47 -19.66
CA ARG B 115 -29.23 21.06 -20.69
C ARG B 115 -30.11 21.60 -21.81
N GLY B 116 -29.96 22.89 -22.10
CA GLY B 116 -30.73 23.50 -23.18
C GLY B 116 -32.20 23.64 -22.82
N GLN B 117 -32.97 24.03 -23.84
CA GLN B 117 -34.42 24.16 -23.72
C GLN B 117 -35.10 22.89 -24.20
N GLY B 118 -36.34 22.71 -23.76
CA GLY B 118 -37.08 21.51 -24.10
C GLY B 118 -37.58 21.52 -25.52
N THR B 119 -38.03 20.34 -25.97
CA THR B 119 -38.59 20.16 -27.31
C THR B 119 -40.10 19.97 -27.18
N LEU B 120 -40.85 20.78 -27.92
CA LEU B 120 -42.31 20.75 -27.88
C LEU B 120 -42.84 19.76 -28.89
N VAL B 121 -43.69 18.84 -28.44
CA VAL B 121 -44.32 17.84 -29.29
C VAL B 121 -45.83 17.92 -29.08
N SER B 122 -46.57 18.08 -30.18
CA SER B 122 -48.02 18.16 -30.14
C SER B 122 -48.62 17.07 -31.03
N VAL B 123 -49.68 16.43 -30.54
CA VAL B 123 -50.36 15.35 -31.25
C VAL B 123 -51.78 15.81 -31.55
N SER B 124 -52.16 15.76 -32.82
CA SER B 124 -53.51 16.14 -33.22
C SER B 124 -53.85 15.42 -34.51
N SER B 125 -55.16 15.32 -34.77
CA SER B 125 -55.64 14.65 -35.97
C SER B 125 -55.84 15.64 -37.12
N SER C 2 -46.48 7.39 -8.81
CA SER C 2 -46.17 7.84 -7.46
C SER C 2 -45.66 9.27 -7.46
N VAL C 3 -46.27 10.12 -6.63
CA VAL C 3 -45.91 11.52 -6.52
C VAL C 3 -45.77 11.89 -5.05
N LEU C 4 -45.07 12.99 -4.80
CA LEU C 4 -44.88 13.51 -3.45
C LEU C 4 -45.78 14.70 -3.24
N THR C 5 -46.50 14.72 -2.11
CA THR C 5 -47.44 15.78 -1.82
C THR C 5 -46.73 17.11 -1.59
N GLN C 6 -47.27 18.16 -2.17
CA GLN C 6 -46.73 19.51 -2.05
C GLN C 6 -47.88 20.50 -2.00
N PRO C 7 -47.73 21.59 -1.25
CA PRO C 7 -48.76 22.63 -1.23
C PRO C 7 -48.97 23.21 -2.62
N PRO C 8 -50.22 23.46 -3.02
CA PRO C 8 -50.46 24.00 -4.36
C PRO C 8 -49.79 25.35 -4.60
N SER C 9 -49.77 26.22 -3.60
CA SER C 9 -49.20 27.55 -3.76
C SER C 9 -49.02 28.17 -2.38
N VAL C 10 -48.05 29.09 -2.29
CA VAL C 10 -47.85 29.91 -1.10
C VAL C 10 -47.64 31.35 -1.56
N SER C 11 -47.86 32.28 -0.64
CA SER C 11 -47.72 33.69 -0.94
C SER C 11 -47.34 34.46 0.31
N GLY C 12 -46.79 35.66 0.11
CA GLY C 12 -46.43 36.52 1.22
C GLY C 12 -45.74 37.76 0.69
N ALA C 13 -45.61 38.74 1.58
CA ALA C 13 -44.91 39.97 1.23
C ALA C 13 -43.41 39.72 1.14
N PRO C 14 -42.70 40.50 0.34
CA PRO C 14 -41.24 40.36 0.29
C PRO C 14 -40.59 40.77 1.60
N GLY C 15 -39.47 40.11 1.91
CA GLY C 15 -38.66 40.48 3.05
C GLY C 15 -38.81 39.62 4.29
N GLN C 16 -39.53 38.50 4.21
CA GLN C 16 -39.67 37.60 5.35
C GLN C 16 -39.52 36.17 4.87
N ARG C 17 -39.38 35.25 5.84
CA ARG C 17 -39.17 33.85 5.52
C ARG C 17 -40.46 33.20 5.04
N VAL C 18 -40.32 32.33 4.05
CA VAL C 18 -41.42 31.54 3.50
C VAL C 18 -40.97 30.09 3.43
N THR C 19 -41.89 29.17 3.70
CA THR C 19 -41.56 27.75 3.81
C THR C 19 -42.39 26.93 2.84
N ILE C 20 -41.74 25.93 2.24
CA ILE C 20 -42.39 24.96 1.37
C ILE C 20 -42.06 23.58 1.91
N SER C 21 -42.99 22.63 1.77
CA SER C 21 -42.84 21.31 2.35
C SER C 21 -43.03 20.25 1.28
N CYS C 22 -42.28 19.15 1.42
CA CYS C 22 -42.44 17.96 0.60
C CYS C 22 -42.60 16.77 1.53
N THR C 23 -43.77 16.13 1.51
CA THR C 23 -44.09 15.00 2.37
C THR C 23 -44.00 13.70 1.56
N GLY C 24 -43.35 12.70 2.14
CA GLY C 24 -43.15 11.44 1.46
C GLY C 24 -43.78 10.26 2.17
N SER C 25 -43.41 9.05 1.74
CA SER C 25 -43.97 7.81 2.28
C SER C 25 -42.84 6.98 2.89
N SER C 26 -43.16 5.73 3.23
CA SER C 26 -42.16 4.83 3.79
C SER C 26 -41.17 4.32 2.74
N SER C 27 -41.44 4.55 1.46
CA SER C 27 -40.58 4.09 0.38
C SER C 27 -39.66 5.19 -0.17
N ASN C 28 -40.11 6.44 -0.13
CA ASN C 28 -39.31 7.58 -0.54
C ASN C 28 -39.20 8.58 0.60
N ILE C 29 -38.00 9.14 0.78
CA ILE C 29 -37.66 10.02 1.90
C ILE C 29 -37.64 9.24 3.20
N GLY C 30 -38.69 8.44 3.44
CA GLY C 30 -38.75 7.60 4.62
C GLY C 30 -37.90 6.36 4.59
N ALA C 31 -37.33 6.03 3.43
CA ALA C 31 -36.45 4.88 3.27
C ALA C 31 -35.00 5.30 3.12
N ASP C 32 -34.60 6.34 3.86
CA ASP C 32 -33.22 6.83 3.86
C ASP C 32 -32.80 7.30 2.47
N TYR C 33 -33.64 8.16 1.88
CA TYR C 33 -33.35 8.79 0.60
C TYR C 33 -33.43 10.31 0.74
N ASP C 34 -32.48 11.00 0.14
CA ASP C 34 -32.43 12.45 0.19
C ASP C 34 -33.49 13.05 -0.74
N VAL C 35 -33.57 14.38 -0.75
CA VAL C 35 -34.54 15.11 -1.56
C VAL C 35 -33.81 16.22 -2.30
N HIS C 36 -34.11 16.37 -3.59
CA HIS C 36 -33.58 17.45 -4.40
C HIS C 36 -34.66 18.49 -4.69
N TRP C 37 -34.25 19.74 -4.84
CA TRP C 37 -35.16 20.85 -5.11
C TRP C 37 -34.80 21.49 -6.44
N TYR C 38 -35.79 21.64 -7.31
CA TYR C 38 -35.60 22.23 -8.63
C TYR C 38 -36.44 23.49 -8.77
N GLN C 39 -35.92 24.44 -9.53
CA GLN C 39 -36.58 25.73 -9.75
C GLN C 39 -36.84 25.91 -11.25
N GLN C 40 -38.05 26.37 -11.58
CA GLN C 40 -38.46 26.59 -12.97
C GLN C 40 -39.12 27.97 -13.08
N LEU C 41 -38.39 28.94 -13.62
CA LEU C 41 -39.01 30.20 -13.99
C LEU C 41 -39.94 30.01 -15.19
N PRO C 42 -41.08 30.71 -15.23
CA PRO C 42 -42.01 30.54 -16.34
C PRO C 42 -41.34 30.79 -17.69
N GLY C 43 -41.61 29.90 -18.64
CA GLY C 43 -41.02 30.01 -19.97
C GLY C 43 -39.57 29.63 -20.03
N THR C 44 -39.10 28.78 -19.13
CA THR C 44 -37.71 28.37 -19.10
C THR C 44 -37.63 26.93 -18.57
N ALA C 45 -36.55 26.25 -18.93
CA ALA C 45 -36.33 24.90 -18.43
C ALA C 45 -36.06 24.93 -16.93
N PRO C 46 -36.50 23.90 -16.20
CA PRO C 46 -36.23 23.87 -14.76
C PRO C 46 -34.74 23.84 -14.46
N LYS C 47 -34.36 24.53 -13.39
CA LYS C 47 -32.98 24.62 -12.93
C LYS C 47 -32.83 23.76 -11.67
N LEU C 48 -31.60 23.72 -11.15
CA LEU C 48 -31.30 23.00 -9.92
C LEU C 48 -31.09 24.00 -8.80
N LEU C 49 -31.81 23.82 -7.69
CA LEU C 49 -31.71 24.71 -6.54
C LEU C 49 -30.97 24.07 -5.37
N ILE C 50 -31.41 22.92 -4.89
CA ILE C 50 -30.81 22.26 -3.73
C ILE C 50 -30.64 20.78 -4.04
N PHE C 51 -29.56 20.20 -3.52
CA PHE C 51 -29.39 18.76 -3.50
C PHE C 51 -28.79 18.36 -2.17
N GLY C 52 -28.95 17.10 -1.81
CA GLY C 52 -28.42 16.60 -0.55
C GLY C 52 -29.03 17.23 0.68
N ASN C 53 -30.20 17.87 0.52
CA ASN C 53 -31.01 18.45 1.58
C ASN C 53 -30.41 19.70 2.20
N ASN C 54 -29.14 20.00 1.91
CA ASN C 54 -28.60 21.28 2.33
C ASN C 54 -27.53 21.85 1.41
N ASN C 55 -27.21 21.22 0.28
CA ASN C 55 -26.12 21.68 -0.57
C ASN C 55 -26.64 22.61 -1.65
N ARG C 56 -25.95 23.74 -1.85
CA ARG C 56 -26.30 24.72 -2.85
C ARG C 56 -25.24 24.76 -3.93
N PRO C 57 -25.61 24.61 -5.21
CA PRO C 57 -24.62 24.73 -6.28
C PRO C 57 -24.13 26.16 -6.43
N SER C 58 -22.98 26.30 -7.08
CA SER C 58 -22.42 27.62 -7.35
C SER C 58 -23.37 28.42 -8.24
N GLY C 59 -23.66 29.64 -7.81
CA GLY C 59 -24.61 30.49 -8.52
C GLY C 59 -25.97 30.59 -7.86
N VAL C 60 -26.12 30.15 -6.62
CA VAL C 60 -27.38 30.20 -5.89
C VAL C 60 -27.14 30.97 -4.60
N PRO C 61 -27.91 32.01 -4.30
CA PRO C 61 -27.70 32.76 -3.07
C PRO C 61 -28.03 31.92 -1.84
N ASP C 62 -27.41 32.30 -0.72
CA ASP C 62 -27.58 31.60 0.54
C ASP C 62 -28.95 31.83 1.17
N ARG C 63 -29.83 32.59 0.51
CA ARG C 63 -31.18 32.80 1.02
C ARG C 63 -32.00 31.52 1.05
N PHE C 64 -31.66 30.53 0.23
CA PHE C 64 -32.42 29.29 0.17
C PHE C 64 -31.80 28.25 1.11
N SER C 65 -32.65 27.61 1.91
CA SER C 65 -32.23 26.58 2.84
C SER C 65 -33.18 25.39 2.75
N GLY C 66 -32.66 24.22 3.09
CA GLY C 66 -33.45 23.00 3.04
C GLY C 66 -33.18 22.14 4.26
N SER C 67 -34.17 21.31 4.59
CA SER C 67 -34.05 20.38 5.70
C SER C 67 -34.93 19.18 5.45
N LYS C 68 -34.59 18.07 6.11
CA LYS C 68 -35.36 16.84 6.03
C LYS C 68 -35.50 16.24 7.42
N SER C 69 -36.71 15.78 7.75
CA SER C 69 -36.97 15.15 9.03
C SER C 69 -38.02 14.08 8.85
N GLY C 70 -37.75 12.89 9.39
CA GLY C 70 -38.71 11.79 9.29
C GLY C 70 -38.98 11.45 7.85
N THR C 71 -40.26 11.49 7.47
CA THR C 71 -40.71 11.27 6.11
C THR C 71 -41.17 12.57 5.45
N SER C 72 -40.54 13.68 5.79
CA SER C 72 -40.92 14.98 5.26
C SER C 72 -39.68 15.81 5.02
N ALA C 73 -39.82 16.82 4.17
CA ALA C 73 -38.73 17.74 3.86
C ALA C 73 -39.30 19.16 3.76
N SER C 74 -38.44 20.14 4.04
CA SER C 74 -38.85 21.54 4.07
C SER C 74 -37.83 22.39 3.33
N LEU C 75 -38.35 23.32 2.53
CA LEU C 75 -37.53 24.33 1.85
C LEU C 75 -37.86 25.70 2.43
N ALA C 76 -36.82 26.51 2.64
CA ALA C 76 -36.98 27.82 3.27
C ALA C 76 -36.22 28.87 2.48
N ILE C 77 -36.81 30.07 2.40
CA ILE C 77 -36.18 31.24 1.79
C ILE C 77 -36.09 32.31 2.86
N THR C 78 -34.88 32.74 3.19
CA THR C 78 -34.70 33.72 4.26
C THR C 78 -35.34 35.06 3.90
N GLY C 79 -35.12 35.53 2.67
CA GLY C 79 -35.70 36.80 2.27
C GLY C 79 -36.34 36.74 0.90
N LEU C 80 -37.65 37.00 0.84
CA LEU C 80 -38.35 36.99 -0.44
C LEU C 80 -37.98 38.22 -1.26
N GLN C 81 -37.72 38.00 -2.55
CA GLN C 81 -37.33 39.06 -3.47
C GLN C 81 -38.19 38.99 -4.72
N ALA C 82 -37.97 39.96 -5.62
CA ALA C 82 -38.75 40.05 -6.84
C ALA C 82 -38.50 38.86 -7.76
N GLU C 83 -37.24 38.42 -7.88
CA GLU C 83 -36.92 37.33 -8.80
C GLU C 83 -37.45 35.98 -8.35
N ASP C 84 -37.95 35.86 -7.12
CA ASP C 84 -38.53 34.61 -6.63
C ASP C 84 -39.98 34.47 -7.09
N GLU C 85 -40.16 34.42 -8.41
CA GLU C 85 -41.46 34.20 -9.03
C GLU C 85 -41.60 32.82 -9.65
N ALA C 86 -40.61 31.95 -9.46
CA ALA C 86 -40.56 30.68 -10.16
C ALA C 86 -41.35 29.61 -9.40
N ASP C 87 -41.43 28.42 -9.98
CA ASP C 87 -42.04 27.26 -9.34
C ASP C 87 -40.97 26.34 -8.80
N TYR C 88 -41.33 25.59 -7.76
CA TYR C 88 -40.40 24.71 -7.06
C TYR C 88 -40.92 23.29 -7.05
N TYR C 89 -40.02 22.34 -7.32
CA TYR C 89 -40.34 20.91 -7.33
C TYR C 89 -39.38 20.18 -6.40
N CYS C 90 -39.88 19.12 -5.78
CA CYS C 90 -39.06 18.27 -4.93
C CYS C 90 -38.99 16.87 -5.53
N GLN C 91 -37.79 16.29 -5.52
CA GLN C 91 -37.53 15.03 -6.18
C GLN C 91 -36.92 14.04 -5.19
N SER C 92 -37.36 12.79 -5.26
CA SER C 92 -36.81 11.72 -4.45
C SER C 92 -36.83 10.44 -5.28
N PHE C 93 -36.37 9.35 -4.68
CA PHE C 93 -36.36 8.05 -5.33
C PHE C 93 -37.29 7.10 -4.58
N ASP C 94 -38.10 6.36 -5.34
CA ASP C 94 -39.05 5.41 -4.80
C ASP C 94 -38.52 4.01 -5.06
N LYS C 95 -38.30 3.25 -3.98
CA LYS C 95 -37.75 1.91 -4.09
C LYS C 95 -38.81 0.86 -4.38
N SER C 96 -40.09 1.20 -4.26
CA SER C 96 -41.15 0.22 -4.46
C SER C 96 -41.26 -0.17 -5.93
N LEU C 97 -41.77 -1.37 -6.17
CA LEU C 97 -41.97 -1.94 -7.51
C LEU C 97 -40.61 -2.00 -8.21
N SER C 98 -40.48 -1.48 -9.42
CA SER C 98 -39.22 -1.48 -10.15
C SER C 98 -38.35 -0.26 -9.86
N GLY C 99 -38.82 0.66 -9.02
CA GLY C 99 -38.05 1.84 -8.71
C GLY C 99 -38.20 2.93 -9.75
N SER C 100 -38.29 4.18 -9.31
CA SER C 100 -38.48 5.30 -10.22
C SER C 100 -38.07 6.59 -9.51
N PHE C 101 -38.03 7.67 -10.27
CA PHE C 101 -37.82 9.01 -9.74
C PHE C 101 -39.17 9.71 -9.58
N VAL C 102 -39.44 10.20 -8.38
CA VAL C 102 -40.74 10.81 -8.06
C VAL C 102 -40.54 12.30 -7.86
N PHE C 103 -41.47 13.08 -8.39
CA PHE C 103 -41.46 14.53 -8.27
C PHE C 103 -42.69 15.01 -7.50
N GLY C 104 -42.56 16.16 -6.87
CA GLY C 104 -43.68 16.76 -6.17
C GLY C 104 -44.71 17.32 -7.12
N THR C 105 -45.88 17.66 -6.54
CA THR C 105 -46.97 18.21 -7.32
C THR C 105 -46.72 19.64 -7.76
N GLY C 106 -45.68 20.29 -7.27
CA GLY C 106 -45.38 21.66 -7.67
C GLY C 106 -46.04 22.68 -6.75
N THR C 107 -45.39 23.85 -6.66
CA THR C 107 -45.89 24.94 -5.85
C THR C 107 -45.64 26.25 -6.57
N LYS C 108 -46.46 27.26 -6.23
CA LYS C 108 -46.34 28.60 -6.78
C LYS C 108 -46.11 29.58 -5.65
N VAL C 109 -45.01 30.33 -5.73
CA VAL C 109 -44.68 31.35 -4.74
C VAL C 109 -45.09 32.71 -5.30
N THR C 110 -45.66 33.54 -4.43
CA THR C 110 -46.18 34.84 -4.85
C THR C 110 -45.78 35.93 -3.87
N VAL D 26 53.80 -33.30 -12.96
CA VAL D 26 52.47 -32.99 -13.48
C VAL D 26 51.52 -34.13 -13.14
N LYS D 27 50.22 -33.86 -13.22
CA LYS D 27 49.19 -34.84 -12.91
C LYS D 27 48.61 -35.40 -14.19
N THR D 28 48.37 -36.72 -14.19
CA THR D 28 47.74 -37.42 -15.30
C THR D 28 46.65 -38.33 -14.76
N ILE D 29 45.81 -38.83 -15.66
CA ILE D 29 44.74 -39.74 -15.27
C ILE D 29 45.32 -41.04 -14.72
N THR D 30 46.31 -41.61 -15.42
CA THR D 30 46.88 -42.87 -14.98
C THR D 30 47.77 -42.69 -13.76
N ASN D 31 48.61 -41.65 -13.76
CA ASN D 31 49.55 -41.42 -12.66
C ASN D 31 49.38 -40.00 -12.15
N ASP D 32 49.29 -39.86 -10.83
CA ASP D 32 49.11 -38.55 -10.22
C ASP D 32 50.38 -37.71 -10.17
N ARG D 33 51.56 -38.34 -10.31
CA ARG D 33 52.83 -37.63 -10.21
C ARG D 33 53.76 -38.14 -11.31
N ILE D 34 53.91 -37.34 -12.37
CA ILE D 34 54.83 -37.63 -13.46
C ILE D 34 55.79 -36.47 -13.61
N GLU D 35 57.08 -36.76 -13.65
CA GLU D 35 58.11 -35.74 -13.79
C GLU D 35 58.39 -35.51 -15.27
N VAL D 36 58.40 -34.23 -15.67
CA VAL D 36 58.61 -33.85 -17.06
C VAL D 36 59.71 -32.79 -17.12
N THR D 37 60.30 -32.65 -18.31
CA THR D 37 61.40 -31.70 -18.49
C THR D 37 60.92 -30.26 -18.37
N ASN D 38 59.77 -29.94 -18.96
CA ASN D 38 59.28 -28.58 -18.97
C ASN D 38 57.77 -28.57 -18.74
N ALA D 39 57.28 -27.46 -18.18
CA ALA D 39 55.86 -27.29 -17.92
C ALA D 39 55.52 -25.82 -17.91
N THR D 40 54.23 -25.52 -18.09
CA THR D 40 53.74 -24.15 -18.11
C THR D 40 52.55 -24.02 -17.17
N GLU D 41 52.31 -22.79 -16.71
CA GLU D 41 51.22 -22.49 -15.79
C GLU D 41 50.01 -21.99 -16.57
N LEU D 42 48.84 -22.56 -16.29
CA LEU D 42 47.61 -22.23 -16.98
C LEU D 42 46.67 -21.36 -16.16
N VAL D 43 47.09 -20.88 -14.99
CA VAL D 43 46.24 -20.09 -14.10
C VAL D 43 46.94 -18.79 -13.79
N GLN D 44 46.27 -17.67 -14.07
CA GLN D 44 46.78 -16.36 -13.70
C GLN D 44 46.44 -16.07 -12.25
N ASN D 45 47.45 -15.71 -11.46
CA ASN D 45 47.25 -15.54 -10.02
C ASN D 45 47.59 -14.14 -9.51
N SER D 46 48.06 -13.25 -10.37
CA SER D 46 48.44 -11.90 -9.96
C SER D 46 47.78 -10.87 -10.86
N SER D 47 47.79 -9.62 -10.41
CA SER D 47 47.19 -8.53 -11.14
C SER D 47 48.18 -7.37 -11.27
N ILE D 48 47.96 -6.55 -12.31
CA ILE D 48 48.80 -5.37 -12.50
C ILE D 48 48.60 -4.38 -11.35
N GLY D 49 47.35 -4.19 -10.92
CA GLY D 49 47.03 -3.23 -9.89
C GLY D 49 46.42 -1.93 -10.38
N GLU D 50 46.25 -1.76 -11.68
CA GLU D 50 45.65 -0.56 -12.24
C GLU D 50 44.66 -0.95 -13.33
N ILE D 51 43.72 -0.04 -13.60
CA ILE D 51 42.79 -0.20 -14.70
C ILE D 51 43.36 0.49 -15.94
N CYS D 52 43.41 -0.24 -17.05
CA CYS D 52 44.23 0.18 -18.18
C CYS D 52 43.65 1.35 -18.96
N ASP D 53 42.36 1.66 -18.78
CA ASP D 53 41.66 2.79 -19.40
C ASP D 53 41.44 2.58 -20.89
N SER D 54 41.97 1.50 -21.48
CA SER D 54 41.87 1.21 -22.90
C SER D 54 41.86 -0.31 -23.06
N PRO D 55 41.15 -0.84 -24.07
CA PRO D 55 40.35 -0.14 -25.10
C PRO D 55 38.94 0.23 -24.63
N HIS D 56 38.48 -0.30 -23.51
CA HIS D 56 37.14 0.02 -23.03
C HIS D 56 37.09 1.44 -22.50
N GLN D 57 35.93 2.08 -22.64
CA GLN D 57 35.75 3.43 -22.14
C GLN D 57 35.44 3.37 -20.66
N ILE D 58 36.32 3.96 -19.85
CA ILE D 58 36.22 3.91 -18.39
C ILE D 58 35.78 5.27 -17.88
N LEU D 59 34.82 5.28 -16.95
CA LEU D 59 34.34 6.50 -16.32
C LEU D 59 34.55 6.35 -14.82
N ASP D 60 35.45 7.15 -14.27
CA ASP D 60 35.77 7.07 -12.84
C ASP D 60 34.77 7.92 -12.07
N GLY D 61 34.09 7.30 -11.11
CA GLY D 61 33.04 7.98 -10.36
C GLY D 61 33.53 8.85 -9.23
N GLU D 62 34.79 8.71 -8.83
CA GLU D 62 35.37 9.51 -7.75
C GLU D 62 34.55 9.36 -6.48
N ASN D 63 33.94 10.46 -6.05
CA ASN D 63 33.11 10.50 -4.84
C ASN D 63 31.64 10.27 -5.14
N CYS D 64 31.29 9.96 -6.38
CA CYS D 64 29.91 9.89 -6.84
C CYS D 64 29.53 8.46 -7.17
N THR D 65 28.31 8.09 -6.82
CA THR D 65 27.71 6.82 -7.25
C THR D 65 26.93 7.03 -8.54
N LEU D 66 26.54 5.92 -9.16
CA LEU D 66 25.80 6.00 -10.42
C LEU D 66 24.45 6.67 -10.23
N ILE D 67 23.75 6.35 -9.14
CA ILE D 67 22.44 6.95 -8.89
C ILE D 67 22.59 8.44 -8.57
N ASP D 68 23.64 8.81 -7.84
CA ASP D 68 23.87 10.22 -7.54
C ASP D 68 24.17 11.00 -8.82
N ALA D 69 24.96 10.42 -9.72
CA ALA D 69 25.21 11.06 -11.01
C ALA D 69 23.96 11.12 -11.86
N LEU D 70 23.09 10.12 -11.77
CA LEU D 70 21.83 10.14 -12.50
C LEU D 70 20.92 11.25 -12.02
N LEU D 71 20.81 11.42 -10.70
CA LEU D 71 19.88 12.40 -10.14
C LEU D 71 20.39 13.83 -10.27
N GLY D 72 21.70 14.03 -10.34
CA GLY D 72 22.24 15.37 -10.43
C GLY D 72 22.75 15.94 -9.12
N ASP D 73 23.53 15.15 -8.39
CA ASP D 73 24.16 15.65 -7.18
C ASP D 73 25.11 16.80 -7.50
N PRO D 74 25.16 17.83 -6.67
CA PRO D 74 26.02 18.99 -6.99
C PRO D 74 27.48 18.65 -7.20
N GLN D 75 28.02 17.65 -6.49
CA GLN D 75 29.41 17.27 -6.68
C GLN D 75 29.59 16.36 -7.89
N CYS D 76 28.50 15.94 -8.53
CA CYS D 76 28.55 15.07 -9.69
C CYS D 76 28.14 15.80 -10.98
N ASP D 77 28.19 17.14 -10.97
CA ASP D 77 27.77 17.91 -12.13
C ASP D 77 28.66 17.68 -13.35
N GLY D 78 29.87 17.17 -13.16
CA GLY D 78 30.74 16.87 -14.27
C GLY D 78 30.40 15.61 -15.03
N PHE D 79 29.49 14.78 -14.51
CA PHE D 79 29.09 13.53 -15.15
C PHE D 79 27.91 13.69 -16.08
N GLN D 80 27.42 14.92 -16.28
CA GLN D 80 26.23 15.12 -17.12
C GLN D 80 26.51 14.76 -18.57
N ASN D 81 25.58 14.01 -19.17
CA ASN D 81 25.60 13.66 -20.58
C ASN D 81 26.83 12.86 -20.98
N LYS D 82 27.41 12.12 -20.04
CA LYS D 82 28.58 11.32 -20.33
C LYS D 82 28.19 9.89 -20.71
N LYS D 83 29.14 9.19 -21.31
CA LYS D 83 28.94 7.81 -21.75
C LYS D 83 30.11 6.97 -21.26
N TRP D 84 29.86 5.67 -21.10
CA TRP D 84 30.86 4.77 -20.56
C TRP D 84 30.66 3.36 -21.07
N ASP D 85 31.73 2.57 -21.02
CA ASP D 85 31.67 1.12 -21.15
C ASP D 85 31.73 0.41 -19.82
N LEU D 86 32.49 0.95 -18.87
CA LEU D 86 32.55 0.44 -17.51
C LEU D 86 32.49 1.61 -16.54
N PHE D 87 31.63 1.51 -15.54
CA PHE D 87 31.51 2.52 -14.50
C PHE D 87 32.17 2.00 -13.23
N VAL D 88 33.08 2.80 -12.67
CA VAL D 88 33.86 2.41 -11.50
C VAL D 88 33.34 3.17 -10.29
N GLU D 89 32.91 2.43 -9.27
CA GLU D 89 32.39 3.00 -8.04
C GLU D 89 33.42 2.81 -6.93
N ARG D 90 33.78 3.91 -6.27
CA ARG D 90 34.74 3.86 -5.18
C ARG D 90 34.01 3.72 -3.85
N SER D 91 34.68 3.08 -2.89
CA SER D 91 34.11 2.93 -1.55
C SER D 91 34.09 4.26 -0.79
N LYS D 92 34.83 5.26 -1.25
CA LYS D 92 34.86 6.57 -0.62
C LYS D 92 33.67 7.44 -1.00
N ALA D 93 32.79 6.94 -1.86
CA ALA D 93 31.66 7.74 -2.34
C ALA D 93 30.71 8.06 -1.20
N TYR D 94 30.11 9.25 -1.26
CA TYR D 94 29.18 9.70 -0.24
C TYR D 94 28.19 10.68 -0.89
N SER D 95 27.05 10.86 -0.21
CA SER D 95 26.00 11.74 -0.69
C SER D 95 26.03 13.04 0.09
N ASN D 96 25.78 14.16 -0.59
CA ASN D 96 25.82 15.48 0.01
C ASN D 96 24.63 16.30 -0.45
N CYS D 97 23.44 15.70 -0.48
CA CYS D 97 22.24 16.37 -0.93
C CYS D 97 21.09 15.91 -0.04
N TYR D 98 19.86 16.16 -0.49
CA TYR D 98 18.68 15.77 0.28
C TYR D 98 18.65 14.26 0.49
N PRO D 99 18.33 13.78 1.70
CA PRO D 99 18.25 12.34 1.93
C PRO D 99 17.17 11.70 1.06
N TYR D 100 17.45 10.48 0.59
CA TYR D 100 16.52 9.79 -0.29
C TYR D 100 16.74 8.29 -0.19
N ASP D 101 15.74 7.53 -0.62
CA ASP D 101 15.84 6.09 -0.76
C ASP D 101 15.15 5.66 -2.05
N VAL D 102 15.63 4.58 -2.64
CA VAL D 102 15.08 4.09 -3.90
C VAL D 102 14.55 2.67 -3.72
N PRO D 103 13.23 2.47 -3.71
CA PRO D 103 12.71 1.09 -3.76
C PRO D 103 13.18 0.39 -5.04
N ASP D 104 13.58 -0.86 -4.88
CA ASP D 104 14.23 -1.64 -5.93
C ASP D 104 15.44 -0.88 -6.48
N TYR D 105 16.35 -0.56 -5.56
CA TYR D 105 17.54 0.20 -5.91
C TYR D 105 18.43 -0.57 -6.88
N ALA D 106 18.59 -1.87 -6.65
CA ALA D 106 19.47 -2.68 -7.49
C ALA D 106 18.96 -2.74 -8.93
N SER D 107 17.64 -2.86 -9.11
CA SER D 107 17.10 -2.92 -10.46
C SER D 107 17.38 -1.64 -11.24
N LEU D 108 17.14 -0.48 -10.62
CA LEU D 108 17.41 0.79 -11.29
C LEU D 108 18.90 0.96 -11.57
N ARG D 109 19.74 0.59 -10.60
CA ARG D 109 21.19 0.69 -10.79
C ARG D 109 21.65 -0.17 -11.97
N SER D 110 21.17 -1.42 -12.02
CA SER D 110 21.54 -2.30 -13.13
C SER D 110 21.01 -1.78 -14.46
N LEU D 111 19.79 -1.25 -14.47
CA LEU D 111 19.22 -0.70 -15.69
C LEU D 111 20.07 0.44 -16.22
N VAL D 112 20.43 1.39 -15.35
CA VAL D 112 21.22 2.53 -15.78
C VAL D 112 22.61 2.09 -16.22
N ALA D 113 23.21 1.13 -15.49
CA ALA D 113 24.53 0.65 -15.86
C ALA D 113 24.51 -0.04 -17.23
N SER D 114 23.47 -0.85 -17.50
CA SER D 114 23.37 -1.51 -18.78
C SER D 114 23.06 -0.54 -19.91
N SER D 115 22.34 0.55 -19.60
CA SER D 115 22.07 1.56 -20.63
C SER D 115 23.36 2.17 -21.14
N GLY D 116 24.28 2.51 -20.23
CA GLY D 116 25.60 2.95 -20.63
C GLY D 116 25.70 4.40 -21.05
N THR D 117 24.71 5.22 -20.73
CA THR D 117 24.78 6.63 -21.08
C THR D 117 23.95 7.45 -20.10
N LEU D 118 24.38 8.69 -19.89
CA LEU D 118 23.66 9.64 -19.05
C LEU D 118 23.11 10.80 -19.87
N GLU D 119 22.90 10.58 -21.17
CA GLU D 119 22.39 11.63 -22.04
C GLU D 119 20.99 12.05 -21.59
N PHE D 120 20.77 13.36 -21.51
CA PHE D 120 19.54 13.94 -21.00
C PHE D 120 19.00 14.94 -22.01
N LYS D 121 17.68 14.93 -22.20
CA LYS D 121 17.00 15.86 -23.10
C LYS D 121 15.89 16.54 -22.32
N ASN D 122 15.89 17.87 -22.35
CA ASN D 122 14.91 18.64 -21.60
C ASN D 122 13.57 18.65 -22.32
N GLU D 123 12.49 18.62 -21.55
CA GLU D 123 11.15 18.74 -22.08
C GLU D 123 10.40 19.83 -21.33
N SER D 124 9.47 20.48 -22.03
CA SER D 124 8.74 21.62 -21.49
C SER D 124 7.38 21.14 -20.99
N PHE D 125 7.36 20.69 -19.74
CA PHE D 125 6.10 20.41 -19.05
C PHE D 125 5.45 21.72 -18.64
N ASN D 126 4.11 21.71 -18.57
CA ASN D 126 3.39 22.95 -18.29
C ASN D 126 3.59 23.39 -16.84
N TRP D 127 3.16 22.57 -15.89
CA TRP D 127 3.27 22.86 -14.46
C TRP D 127 2.69 24.25 -14.14
N THR D 128 1.42 24.43 -14.47
CA THR D 128 0.76 25.72 -14.26
C THR D 128 0.01 25.72 -12.93
N GLY D 129 0.16 26.81 -12.18
CA GLY D 129 -0.48 26.97 -10.89
C GLY D 129 0.38 26.61 -9.69
N VAL D 130 1.65 26.25 -9.89
CA VAL D 130 2.53 25.86 -8.80
C VAL D 130 3.87 26.59 -8.96
N THR D 131 4.67 26.52 -7.89
CA THR D 131 6.02 27.07 -7.90
C THR D 131 7.02 26.00 -8.30
N GLN D 132 8.07 26.41 -9.03
CA GLN D 132 9.06 25.51 -9.58
C GLN D 132 10.43 25.81 -8.99
N ASN D 133 11.34 24.86 -9.17
CA ASN D 133 12.76 25.00 -8.81
C ASN D 133 12.96 25.24 -7.31
N GLY D 134 12.47 24.28 -6.52
CA GLY D 134 12.68 24.34 -5.09
C GLY D 134 14.12 23.99 -4.72
N THR D 135 14.59 24.59 -3.63
CA THR D 135 15.97 24.40 -3.16
C THR D 135 15.97 24.09 -1.67
N SER D 136 16.97 23.32 -1.24
CA SER D 136 17.09 22.90 0.14
C SER D 136 18.46 23.26 0.69
N SER D 137 18.51 23.54 2.00
CA SER D 137 19.77 23.89 2.65
C SER D 137 20.69 22.69 2.80
N ALA D 138 20.16 21.47 2.69
CA ALA D 138 20.98 20.27 2.79
C ALA D 138 21.68 19.91 1.48
N CYS D 139 21.40 20.64 0.41
CA CYS D 139 22.00 20.40 -0.90
C CYS D 139 22.62 21.72 -1.35
N ILE D 140 23.92 21.87 -1.15
CA ILE D 140 24.65 23.10 -1.46
C ILE D 140 25.48 22.88 -2.71
N ARG D 141 25.23 23.69 -3.74
CA ARG D 141 25.97 23.60 -5.01
C ARG D 141 27.09 24.64 -5.07
N GLY D 142 26.74 25.92 -4.96
CA GLY D 142 27.74 26.96 -4.85
C GLY D 142 27.89 27.41 -3.41
N SER D 143 27.49 28.66 -3.13
CA SER D 143 27.37 29.14 -1.77
C SER D 143 25.94 29.21 -1.29
N SER D 144 24.98 28.81 -2.13
CA SER D 144 23.57 28.92 -1.83
C SER D 144 22.90 27.56 -1.89
N SER D 145 21.64 27.52 -1.45
CA SER D 145 20.86 26.30 -1.46
C SER D 145 20.57 25.86 -2.90
N SER D 146 20.48 24.55 -3.10
CA SER D 146 20.22 23.99 -4.42
C SER D 146 19.44 22.70 -4.27
N PHE D 147 19.37 21.93 -5.35
CA PHE D 147 18.63 20.68 -5.39
C PHE D 147 19.24 19.82 -6.48
N PHE D 148 18.62 18.66 -6.73
CA PHE D 148 19.05 17.81 -7.84
C PHE D 148 18.83 18.52 -9.17
N SER D 149 19.80 18.38 -10.08
CA SER D 149 19.73 19.10 -11.34
C SER D 149 18.69 18.52 -12.29
N ARG D 150 18.43 17.21 -12.20
CA ARG D 150 17.50 16.55 -13.11
C ARG D 150 16.10 16.41 -12.54
N LEU D 151 15.85 16.94 -11.35
CA LEU D 151 14.55 16.82 -10.70
C LEU D 151 13.99 18.20 -10.41
N ASN D 152 12.66 18.31 -10.47
CA ASN D 152 11.96 19.56 -10.22
C ASN D 152 11.09 19.41 -8.98
N TRP D 153 11.29 20.30 -8.00
CA TRP D 153 10.55 20.29 -6.74
C TRP D 153 9.41 21.30 -6.88
N LEU D 154 8.20 20.80 -7.09
CA LEU D 154 7.02 21.66 -7.23
C LEU D 154 6.38 21.89 -5.87
N THR D 155 6.10 23.15 -5.57
CA THR D 155 5.48 23.52 -4.30
C THR D 155 4.28 24.43 -4.51
N HIS D 156 3.74 24.96 -3.42
CA HIS D 156 2.58 25.83 -3.51
C HIS D 156 2.91 27.13 -4.21
N LEU D 157 1.89 27.73 -4.83
CA LEU D 157 1.98 29.06 -5.44
C LEU D 157 0.96 29.93 -4.74
N ASN D 158 1.45 30.93 -4.00
CA ASN D 158 0.59 31.83 -3.22
C ASN D 158 -0.31 31.01 -2.29
N TYR D 159 0.27 29.97 -1.69
CA TYR D 159 -0.41 29.10 -0.72
C TYR D 159 -1.61 28.38 -1.34
N THR D 160 -1.50 28.02 -2.62
CA THR D 160 -2.48 27.16 -3.28
C THR D 160 -1.75 26.12 -4.10
N TYR D 161 -2.36 24.94 -4.22
CA TYR D 161 -1.79 23.84 -4.99
C TYR D 161 -2.91 23.14 -5.76
N PRO D 162 -3.17 23.57 -6.99
CA PRO D 162 -4.21 22.92 -7.79
C PRO D 162 -3.76 21.56 -8.29
N ALA D 163 -4.75 20.73 -8.63
CA ALA D 163 -4.47 19.41 -9.19
C ALA D 163 -3.82 19.53 -10.56
N LEU D 164 -2.85 18.67 -10.81
CA LEU D 164 -2.06 18.71 -12.04
C LEU D 164 -2.50 17.58 -12.96
N ASN D 165 -2.74 17.91 -14.23
CA ASN D 165 -3.13 16.96 -15.27
C ASN D 165 -2.25 17.29 -16.47
N VAL D 166 -1.09 16.64 -16.54
CA VAL D 166 -0.06 16.95 -17.51
C VAL D 166 0.25 15.69 -18.31
N THR D 167 0.46 15.87 -19.62
CA THR D 167 0.73 14.78 -20.53
C THR D 167 1.98 15.06 -21.33
N MET D 168 2.63 13.99 -21.79
CA MET D 168 3.77 14.11 -22.67
C MET D 168 3.81 12.90 -23.59
N PRO D 169 3.63 13.11 -24.89
CA PRO D 169 3.63 11.99 -25.85
C PRO D 169 5.03 11.64 -26.33
N ASN D 170 5.19 10.38 -26.72
CA ASN D 170 6.43 9.88 -27.29
C ASN D 170 6.23 9.73 -28.79
N ASN D 171 6.66 10.74 -29.55
CA ASN D 171 6.57 10.75 -31.00
C ASN D 171 7.87 10.33 -31.66
N GLU D 172 8.85 9.89 -30.89
CA GLU D 172 10.15 9.50 -31.42
C GLU D 172 10.15 8.02 -31.79
N GLN D 173 11.30 7.53 -32.24
CA GLN D 173 11.46 6.13 -32.62
C GLN D 173 12.16 5.31 -31.55
N PHE D 174 12.38 5.87 -30.37
CA PHE D 174 13.12 5.21 -29.30
C PHE D 174 12.37 5.33 -27.98
N ASP D 175 12.77 4.50 -27.03
CA ASP D 175 12.18 4.53 -25.70
C ASP D 175 12.67 5.74 -24.91
N LYS D 176 11.86 6.17 -23.96
CA LYS D 176 12.20 7.26 -23.05
C LYS D 176 12.17 6.76 -21.61
N LEU D 177 13.12 7.23 -20.81
CA LEU D 177 13.20 6.90 -19.40
C LEU D 177 12.97 8.16 -18.57
N TYR D 178 12.01 8.08 -17.65
CA TYR D 178 11.66 9.21 -16.79
C TYR D 178 11.94 8.85 -15.34
N ILE D 179 12.55 9.78 -14.61
CA ILE D 179 12.86 9.62 -13.20
C ILE D 179 12.06 10.68 -12.43
N TRP D 180 11.24 10.23 -11.49
CA TRP D 180 10.44 11.13 -10.67
C TRP D 180 10.51 10.66 -9.21
N GLY D 181 9.88 11.41 -8.32
CA GLY D 181 9.97 11.12 -6.90
C GLY D 181 8.75 11.59 -6.13
N VAL D 182 8.66 11.08 -4.90
CA VAL D 182 7.64 11.50 -3.93
C VAL D 182 8.36 11.97 -2.68
N HIS D 183 7.77 12.96 -2.02
CA HIS D 183 8.37 13.58 -0.84
C HIS D 183 7.58 13.19 0.40
N HIS D 184 8.30 12.71 1.42
CA HIS D 184 7.70 12.32 2.70
C HIS D 184 8.13 13.31 3.77
N PRO D 185 7.26 14.23 4.19
CA PRO D 185 7.63 15.17 5.25
C PRO D 185 7.67 14.49 6.61
N GLY D 186 8.29 15.19 7.56
CA GLY D 186 8.41 14.64 8.90
C GLY D 186 7.22 14.87 9.80
N THR D 187 6.41 15.87 9.49
CA THR D 187 5.26 16.23 10.32
C THR D 187 4.15 16.74 9.42
N ASP D 188 2.96 16.88 10.01
CA ASP D 188 1.82 17.42 9.27
C ASP D 188 1.98 18.92 9.05
N LYS D 189 2.54 19.61 10.05
CA LYS D 189 2.86 21.03 9.88
C LYS D 189 3.71 21.25 8.63
N ASP D 190 4.75 20.43 8.44
CA ASP D 190 5.61 20.59 7.27
C ASP D 190 4.85 20.34 5.98
N GLN D 191 4.03 19.28 5.96
CA GLN D 191 3.14 19.00 4.85
C GLN D 191 2.38 20.27 4.45
N ILE D 192 1.65 20.84 5.41
CA ILE D 192 0.85 22.03 5.12
C ILE D 192 1.74 23.18 4.67
N PHE D 193 2.84 23.42 5.40
CA PHE D 193 3.78 24.50 5.09
C PHE D 193 4.36 24.43 3.69
N LEU D 194 4.40 23.24 3.08
CA LEU D 194 4.92 23.16 1.72
C LEU D 194 3.85 23.01 0.65
N TYR D 195 2.77 22.29 0.92
CA TYR D 195 1.79 21.95 -0.09
C TYR D 195 0.42 22.56 0.15
N ALA D 196 0.21 23.24 1.27
CA ALA D 196 -1.02 23.95 1.63
C ALA D 196 -2.18 23.00 1.92
N GLN D 197 -1.97 21.70 1.84
CA GLN D 197 -3.02 20.73 2.15
C GLN D 197 -2.38 19.44 2.63
N SER D 198 -3.13 18.66 3.39
CA SER D 198 -2.60 17.53 4.13
C SER D 198 -2.87 16.18 3.46
N SER D 199 -3.33 16.17 2.22
CA SER D 199 -3.67 14.92 1.54
C SER D 199 -3.14 14.98 0.12
N GLY D 200 -1.98 14.39 -0.11
CA GLY D 200 -1.37 14.34 -1.43
C GLY D 200 -1.41 12.92 -1.99
N ARG D 201 -1.45 12.83 -3.31
CA ARG D 201 -1.47 11.53 -3.98
C ARG D 201 -0.91 11.72 -5.39
N ILE D 202 -0.19 10.71 -5.87
CA ILE D 202 0.46 10.76 -7.17
C ILE D 202 0.06 9.52 -7.96
N THR D 203 -0.28 9.73 -9.23
CA THR D 203 -0.57 8.63 -10.14
C THR D 203 0.12 8.91 -11.47
N VAL D 204 1.07 8.05 -11.83
CA VAL D 204 1.80 8.15 -13.10
C VAL D 204 1.44 6.93 -13.92
N SER D 205 0.92 7.14 -15.12
CA SER D 205 0.34 6.06 -15.91
C SER D 205 0.75 6.20 -17.37
N THR D 206 0.79 5.06 -18.05
CA THR D 206 0.92 4.97 -19.49
C THR D 206 -0.09 3.94 -19.99
N LYS D 207 -0.24 3.86 -21.32
CA LYS D 207 -1.26 2.98 -21.89
C LYS D 207 -1.13 1.54 -21.43
N ARG D 208 0.03 1.14 -20.91
CA ARG D 208 0.24 -0.23 -20.47
C ARG D 208 0.75 -0.35 -19.04
N SER D 209 0.70 0.73 -18.25
CA SER D 209 1.21 0.66 -16.89
C SER D 209 0.60 1.78 -16.05
N GLN D 210 0.65 1.59 -14.73
CA GLN D 210 0.19 2.59 -13.79
C GLN D 210 0.95 2.42 -12.48
N GLN D 211 1.25 3.53 -11.81
CA GLN D 211 1.96 3.52 -10.53
C GLN D 211 1.33 4.55 -9.61
N ALA D 212 0.81 4.09 -8.48
CA ALA D 212 0.18 4.97 -7.49
C ALA D 212 1.02 4.98 -6.22
N VAL D 213 1.39 6.17 -5.76
CA VAL D 213 2.24 6.35 -4.58
C VAL D 213 1.56 7.34 -3.64
N ILE D 214 1.53 7.00 -2.36
CA ILE D 214 0.96 7.86 -1.32
C ILE D 214 2.05 8.17 -0.32
N PRO D 215 2.30 9.45 0.02
CA PRO D 215 3.35 9.77 0.99
C PRO D 215 3.01 9.28 2.38
N ASN D 216 4.05 8.98 3.15
CA ASN D 216 3.94 8.52 4.54
C ASN D 216 4.57 9.56 5.45
N ILE D 217 3.73 10.40 6.08
CA ILE D 217 4.22 11.42 6.98
C ILE D 217 4.65 10.78 8.30
N GLY D 218 5.87 11.10 8.74
CA GLY D 218 6.37 10.55 9.98
C GLY D 218 7.79 11.02 10.23
N SER D 219 8.23 10.85 11.47
CA SER D 219 9.56 11.27 11.88
C SER D 219 10.57 10.17 11.56
N ARG D 220 11.75 10.58 11.14
CA ARG D 220 12.83 9.68 10.78
C ARG D 220 14.15 10.26 11.28
N PRO D 221 15.16 9.42 11.48
CA PRO D 221 16.45 9.95 11.93
C PRO D 221 17.02 10.99 10.98
N ARG D 222 17.65 12.00 11.56
CA ARG D 222 18.08 13.17 10.81
C ARG D 222 19.41 12.91 10.11
N ILE D 223 19.45 13.20 8.81
CA ILE D 223 20.68 13.20 8.03
C ILE D 223 20.88 14.61 7.50
N ARG D 224 21.99 15.24 7.89
CA ARG D 224 22.25 16.65 7.59
C ARG D 224 21.11 17.53 8.10
N ASP D 225 20.63 17.22 9.30
CA ASP D 225 19.58 17.93 10.02
C ASP D 225 18.20 17.77 9.39
N ILE D 226 18.05 16.89 8.41
CA ILE D 226 16.79 16.72 7.69
C ILE D 226 16.18 15.39 8.11
N PRO D 227 14.99 15.38 8.73
CA PRO D 227 14.32 14.10 9.02
C PRO D 227 13.51 13.55 7.87
N SER D 228 13.17 14.37 6.87
CA SER D 228 12.34 13.92 5.76
C SER D 228 13.16 13.09 4.78
N ARG D 229 12.45 12.40 3.88
CA ARG D 229 13.06 11.51 2.90
C ARG D 229 12.38 11.72 1.57
N ILE D 230 12.95 11.09 0.53
CA ILE D 230 12.39 11.11 -0.82
C ILE D 230 12.52 9.71 -1.40
N SER D 231 11.45 9.24 -2.03
CA SER D 231 11.45 7.95 -2.71
C SER D 231 11.46 8.16 -4.22
N ILE D 232 12.28 7.37 -4.91
CA ILE D 232 12.55 7.57 -6.33
C ILE D 232 11.89 6.43 -7.12
N TYR D 233 11.18 6.81 -8.19
CA TYR D 233 10.53 5.86 -9.07
C TYR D 233 10.87 6.21 -10.51
N TRP D 234 10.76 5.23 -11.40
CA TRP D 234 11.06 5.42 -12.81
C TRP D 234 9.97 4.81 -13.67
N THR D 235 9.81 5.38 -14.87
CA THR D 235 8.80 4.96 -15.82
C THR D 235 9.40 4.97 -17.23
N ILE D 236 9.10 3.95 -18.01
CA ILE D 236 9.60 3.80 -19.38
C ILE D 236 8.43 3.95 -20.34
N VAL D 237 8.61 4.80 -21.35
CA VAL D 237 7.56 5.09 -22.34
C VAL D 237 8.04 4.59 -23.69
N LYS D 238 7.24 3.73 -24.31
CA LYS D 238 7.56 3.21 -25.64
C LYS D 238 7.16 4.21 -26.72
N PRO D 239 7.74 4.09 -27.91
CA PRO D 239 7.32 4.96 -29.01
C PRO D 239 5.85 4.77 -29.33
N GLY D 240 5.17 5.88 -29.62
CA GLY D 240 3.74 5.85 -29.86
C GLY D 240 2.89 5.87 -28.62
N ASP D 241 3.50 5.87 -27.43
CA ASP D 241 2.79 5.89 -26.16
C ASP D 241 2.76 7.32 -25.62
N ILE D 242 2.06 7.49 -24.51
CA ILE D 242 1.90 8.80 -23.88
C ILE D 242 2.09 8.64 -22.37
N LEU D 243 2.74 9.63 -21.76
CA LEU D 243 2.95 9.65 -20.33
C LEU D 243 2.00 10.66 -19.69
N LEU D 244 1.27 10.23 -18.66
CA LEU D 244 0.33 11.07 -17.96
C LEU D 244 0.68 11.10 -16.48
N ILE D 245 0.70 12.30 -15.90
CA ILE D 245 0.96 12.49 -14.48
C ILE D 245 -0.20 13.24 -13.86
N ASN D 246 -0.78 12.68 -12.80
CA ASN D 246 -1.91 13.29 -12.12
C ASN D 246 -1.59 13.31 -10.64
N SER D 247 -1.38 14.50 -10.09
CA SER D 247 -0.85 14.66 -8.74
C SER D 247 -1.58 15.77 -8.03
N THR D 248 -1.58 15.70 -6.69
CA THR D 248 -2.13 16.74 -5.85
C THR D 248 -1.13 17.26 -4.83
N GLY D 249 0.08 16.75 -4.82
CA GLY D 249 1.10 17.22 -3.90
C GLY D 249 2.19 16.19 -3.74
N ASN D 250 3.25 16.61 -3.06
CA ASN D 250 4.39 15.75 -2.72
C ASN D 250 5.05 15.16 -3.98
N LEU D 251 5.04 15.91 -5.08
CA LEU D 251 5.55 15.42 -6.35
C LEU D 251 6.91 16.06 -6.64
N ILE D 252 7.89 15.22 -6.95
CA ILE D 252 9.19 15.66 -7.46
C ILE D 252 9.18 15.38 -8.96
N ALA D 253 8.91 16.42 -9.74
CA ALA D 253 8.66 16.26 -11.17
C ALA D 253 9.96 16.05 -11.94
N PRO D 254 9.89 15.41 -13.10
CA PRO D 254 11.06 15.29 -13.97
C PRO D 254 11.18 16.49 -14.92
N ARG D 255 12.42 16.79 -15.26
CA ARG D 255 12.71 17.87 -16.20
C ARG D 255 12.85 17.37 -17.64
N GLY D 256 12.80 16.07 -17.86
CA GLY D 256 13.01 15.53 -19.19
C GLY D 256 13.13 14.02 -19.13
N TYR D 257 13.77 13.46 -20.14
CA TYR D 257 13.94 12.01 -20.24
C TYR D 257 15.38 11.65 -20.56
N PHE D 258 15.76 10.45 -20.15
CA PHE D 258 17.04 9.86 -20.53
C PHE D 258 16.83 8.89 -21.69
N LYS D 259 17.79 8.85 -22.60
CA LYS D 259 17.76 7.87 -23.68
C LYS D 259 18.30 6.55 -23.16
N ILE D 260 17.49 5.49 -23.22
CA ILE D 260 17.86 4.18 -22.72
C ILE D 260 18.11 3.28 -23.92
N ARG D 261 19.31 2.70 -23.98
CA ARG D 261 19.70 1.83 -25.07
C ARG D 261 20.26 0.52 -24.53
N SER D 262 20.80 -0.32 -25.40
CA SER D 262 21.37 -1.60 -25.02
C SER D 262 22.79 -1.68 -25.55
N GLY D 263 23.67 -2.30 -24.76
CA GLY D 263 25.07 -2.38 -25.14
C GLY D 263 25.85 -3.22 -24.17
N LYS D 264 27.17 -3.15 -24.32
CA LYS D 264 28.09 -3.95 -23.50
C LYS D 264 28.52 -3.22 -22.22
N SER D 265 27.79 -2.20 -21.80
CA SER D 265 28.18 -1.43 -20.63
C SER D 265 27.86 -2.20 -19.35
N SER D 266 28.58 -1.85 -18.28
CA SER D 266 28.40 -2.47 -16.98
C SER D 266 28.95 -1.53 -15.91
N ILE D 267 28.84 -1.96 -14.66
CA ILE D 267 29.32 -1.21 -13.50
C ILE D 267 30.16 -2.13 -12.63
N MET D 268 31.20 -1.58 -12.01
CA MET D 268 32.11 -2.35 -11.19
C MET D 268 32.51 -1.53 -9.97
N ARG D 269 32.61 -2.21 -8.82
CA ARG D 269 33.10 -1.60 -7.59
C ARG D 269 34.56 -1.95 -7.43
N SER D 270 35.43 -0.93 -7.36
CA SER D 270 36.85 -1.16 -7.23
C SER D 270 37.51 0.12 -6.73
N ASP D 271 38.62 -0.06 -6.00
CA ASP D 271 39.43 1.05 -5.52
C ASP D 271 40.77 1.14 -6.23
N ALA D 272 40.96 0.38 -7.31
CA ALA D 272 42.22 0.43 -8.03
C ALA D 272 42.33 1.71 -8.85
N PRO D 273 43.52 2.30 -8.92
CA PRO D 273 43.69 3.53 -9.71
C PRO D 273 43.61 3.24 -11.19
N ILE D 274 43.26 4.28 -11.96
CA ILE D 274 43.20 4.19 -13.41
C ILE D 274 44.57 4.50 -13.99
N GLY D 275 45.09 3.59 -14.80
CA GLY D 275 46.39 3.76 -15.42
C GLY D 275 46.31 4.11 -16.89
N LYS D 276 47.37 3.80 -17.64
CA LYS D 276 47.41 4.02 -19.08
C LYS D 276 48.08 2.82 -19.74
N CYS D 277 47.28 1.83 -20.09
CA CYS D 277 47.80 0.60 -20.70
C CYS D 277 46.69 0.03 -21.58
N LYS D 278 46.85 -1.23 -21.98
CA LYS D 278 45.85 -1.92 -22.79
C LYS D 278 45.61 -3.31 -22.22
N SER D 279 44.33 -3.66 -22.05
CA SER D 279 43.94 -4.97 -21.56
C SER D 279 42.45 -5.20 -21.80
N GLU D 280 42.09 -6.36 -22.35
CA GLU D 280 40.70 -6.65 -22.68
C GLU D 280 39.94 -7.26 -21.51
N CYS D 281 40.57 -7.39 -20.35
CA CYS D 281 39.95 -8.01 -19.18
C CYS D 281 40.17 -7.09 -17.99
N ILE D 282 39.08 -6.62 -17.38
CA ILE D 282 39.13 -5.79 -16.19
C ILE D 282 38.60 -6.58 -15.01
N THR D 283 39.39 -6.67 -13.96
CA THR D 283 39.04 -7.24 -12.67
C THR D 283 38.97 -6.12 -11.63
N PRO D 284 38.21 -6.29 -10.54
CA PRO D 284 38.28 -5.30 -9.46
C PRO D 284 39.70 -4.97 -9.04
N ASN D 285 40.58 -5.96 -8.99
CA ASN D 285 41.99 -5.69 -8.68
C ASN D 285 42.75 -5.49 -9.98
N GLY D 286 42.83 -4.25 -10.44
CA GLY D 286 43.47 -3.92 -11.71
C GLY D 286 43.05 -4.74 -12.91
N SER D 287 43.78 -4.55 -14.01
CA SER D 287 43.59 -5.33 -15.23
C SER D 287 44.53 -6.54 -15.22
N ILE D 288 44.08 -7.64 -15.81
CA ILE D 288 44.89 -8.85 -15.79
C ILE D 288 45.11 -9.37 -17.21
N PRO D 289 46.26 -9.99 -17.49
CA PRO D 289 46.50 -10.56 -18.83
C PRO D 289 45.54 -11.71 -19.13
N ASN D 290 45.10 -11.78 -20.38
CA ASN D 290 44.06 -12.72 -20.78
C ASN D 290 44.60 -13.76 -21.76
N ASP D 291 45.86 -14.18 -21.56
CA ASP D 291 46.48 -15.20 -22.41
C ASP D 291 46.21 -16.61 -21.91
N LYS D 292 46.23 -16.80 -20.59
CA LYS D 292 45.96 -18.11 -20.00
C LYS D 292 44.44 -18.36 -19.97
N PRO D 293 44.02 -19.63 -20.04
CA PRO D 293 42.58 -19.91 -20.10
C PRO D 293 41.86 -19.84 -18.76
N PHE D 294 42.59 -19.83 -17.64
CA PHE D 294 41.96 -19.83 -16.33
C PHE D 294 42.63 -18.80 -15.43
N GLN D 295 41.90 -18.38 -14.40
CA GLN D 295 42.41 -17.40 -13.45
C GLN D 295 41.73 -17.64 -12.11
N ASN D 296 42.31 -17.04 -11.05
CA ASN D 296 41.74 -17.17 -9.72
C ASN D 296 41.74 -15.85 -8.95
N VAL D 297 42.02 -14.72 -9.61
CA VAL D 297 42.12 -13.46 -8.89
C VAL D 297 40.78 -13.04 -8.32
N ASN D 298 39.72 -13.08 -9.14
CA ASN D 298 38.42 -12.62 -8.70
C ASN D 298 37.35 -13.23 -9.60
N ARG D 299 36.17 -13.45 -9.02
CA ARG D 299 35.02 -13.95 -9.76
C ARG D 299 34.29 -12.86 -10.53
N ILE D 300 34.56 -11.60 -10.23
CA ILE D 300 33.96 -10.47 -10.93
C ILE D 300 34.88 -10.06 -12.06
N THR D 301 34.39 -10.11 -13.30
CA THR D 301 35.21 -9.85 -14.47
C THR D 301 34.42 -9.03 -15.47
N TYR D 302 35.15 -8.30 -16.32
CA TYR D 302 34.55 -7.55 -17.41
C TYR D 302 35.41 -7.69 -18.65
N GLY D 303 34.76 -7.91 -19.79
CA GLY D 303 35.48 -8.08 -21.04
C GLY D 303 35.90 -9.52 -21.28
N ALA D 304 36.86 -9.68 -22.19
CA ALA D 304 37.38 -11.00 -22.54
C ALA D 304 38.31 -11.45 -21.42
N CYS D 305 37.82 -12.34 -20.56
CA CYS D 305 38.55 -12.77 -19.38
C CYS D 305 38.64 -14.29 -19.33
N PRO D 306 39.68 -14.82 -18.69
CA PRO D 306 39.75 -16.27 -18.48
C PRO D 306 38.72 -16.72 -17.46
N ARG D 307 38.41 -18.01 -17.50
CA ARG D 307 37.46 -18.58 -16.56
C ARG D 307 38.02 -18.58 -15.15
N TYR D 308 37.15 -18.37 -14.17
CA TYR D 308 37.54 -18.35 -12.77
C TYR D 308 37.44 -19.76 -12.19
N VAL D 309 38.52 -20.21 -11.53
CA VAL D 309 38.57 -21.53 -10.93
C VAL D 309 39.13 -21.38 -9.52
N LYS D 310 38.84 -22.38 -8.68
CA LYS D 310 39.33 -22.39 -7.31
C LYS D 310 40.78 -22.85 -7.21
N GLN D 311 41.27 -23.61 -8.18
CA GLN D 311 42.64 -24.11 -8.12
C GLN D 311 43.61 -22.95 -8.21
N SER D 312 44.63 -22.97 -7.36
CA SER D 312 45.64 -21.92 -7.34
C SER D 312 46.80 -22.20 -8.31
N THR D 313 46.86 -23.40 -8.87
CA THR D 313 47.97 -23.76 -9.76
C THR D 313 47.55 -24.95 -10.62
N LEU D 314 47.68 -24.80 -11.94
CA LEU D 314 47.47 -25.89 -12.88
C LEU D 314 48.65 -25.92 -13.84
N LYS D 315 49.28 -27.08 -13.97
CA LYS D 315 50.49 -27.24 -14.76
C LYS D 315 50.18 -28.06 -16.00
N LEU D 316 50.63 -27.57 -17.16
CA LEU D 316 50.44 -28.28 -18.42
C LEU D 316 51.75 -28.92 -18.88
N ASN D 389 35.31 -16.11 -24.43
CA ASN D 389 34.54 -15.75 -23.25
C ASN D 389 34.49 -14.24 -23.06
N GLU D 390 33.34 -13.65 -23.37
CA GLU D 390 33.15 -12.20 -23.28
C GLU D 390 31.71 -11.96 -22.84
N LYS D 391 31.54 -11.46 -21.62
CA LYS D 391 30.24 -11.49 -20.97
C LYS D 391 29.61 -10.12 -20.75
N PHE D 392 30.41 -9.08 -20.52
CA PHE D 392 29.91 -7.72 -20.31
C PHE D 392 29.07 -7.72 -19.05
N HIS D 393 27.84 -7.21 -19.08
CA HIS D 393 27.04 -7.08 -17.86
C HIS D 393 26.66 -8.46 -17.33
N GLN D 394 26.74 -8.62 -16.01
CA GLN D 394 26.44 -9.88 -15.34
C GLN D 394 25.68 -9.58 -14.06
N ILE D 395 25.55 -10.60 -13.21
CA ILE D 395 24.84 -10.47 -11.94
C ILE D 395 25.80 -9.99 -10.86
N GLU D 396 25.23 -9.47 -9.76
CA GLU D 396 26.03 -9.04 -8.63
C GLU D 396 26.48 -10.24 -7.82
N LYS D 397 27.76 -10.22 -7.43
CA LYS D 397 28.37 -11.37 -6.77
C LYS D 397 28.89 -11.06 -5.37
N GLU D 398 28.69 -9.84 -4.88
CA GLU D 398 29.03 -9.49 -3.50
C GLU D 398 27.90 -8.67 -2.90
N PHE D 399 27.58 -8.94 -1.64
CA PHE D 399 26.47 -8.31 -0.96
C PHE D 399 26.91 -7.81 0.40
N SER D 400 26.48 -6.61 0.76
CA SER D 400 26.80 -6.02 2.05
C SER D 400 25.66 -6.15 3.06
N GLU D 401 24.49 -6.60 2.63
CA GLU D 401 23.34 -6.77 3.50
C GLU D 401 22.70 -8.12 3.25
N VAL D 402 22.14 -8.71 4.31
CA VAL D 402 21.43 -9.97 4.19
C VAL D 402 20.01 -9.70 3.70
N GLU D 403 19.60 -10.44 2.66
CA GLU D 403 18.30 -10.19 2.05
C GLU D 403 17.44 -11.44 2.00
N GLY D 404 18.07 -12.62 1.99
CA GLY D 404 17.31 -13.85 2.00
C GLY D 404 17.25 -14.59 0.68
N ARG D 405 16.03 -15.00 0.30
CA ARG D 405 15.78 -15.87 -0.83
C ARG D 405 16.57 -15.49 -2.09
N ILE D 406 16.40 -14.25 -2.55
CA ILE D 406 17.00 -13.83 -3.83
C ILE D 406 18.52 -13.93 -3.76
N GLN D 407 19.09 -13.43 -2.66
CA GLN D 407 20.55 -13.42 -2.54
C GLN D 407 21.09 -14.84 -2.40
N ASP D 408 20.34 -15.71 -1.72
CA ASP D 408 20.71 -17.11 -1.62
C ASP D 408 20.72 -17.77 -2.98
N LEU D 409 19.68 -17.54 -3.79
CA LEU D 409 19.65 -18.08 -5.14
C LEU D 409 20.83 -17.59 -5.98
N GLU D 410 21.14 -16.29 -5.90
CA GLU D 410 22.26 -15.76 -6.67
C GLU D 410 23.57 -16.43 -6.25
N LYS D 411 23.80 -16.56 -4.94
CA LYS D 411 25.01 -17.21 -4.44
C LYS D 411 25.08 -18.66 -4.90
N TYR D 412 23.95 -19.37 -4.83
CA TYR D 412 23.90 -20.76 -5.26
C TYR D 412 24.26 -20.90 -6.74
N VAL D 413 23.69 -20.04 -7.58
CA VAL D 413 24.01 -20.04 -9.00
C VAL D 413 25.51 -19.86 -9.22
N GLU D 414 26.09 -18.83 -8.59
CA GLU D 414 27.52 -18.57 -8.82
C GLU D 414 28.39 -19.70 -8.27
N ASP D 415 28.01 -20.29 -7.14
CA ASP D 415 28.75 -21.42 -6.59
C ASP D 415 28.72 -22.62 -7.53
N THR D 416 27.53 -22.92 -8.08
CA THR D 416 27.41 -24.01 -9.04
C THR D 416 28.33 -23.77 -10.24
N LYS D 417 28.27 -22.56 -10.81
CA LYS D 417 29.13 -22.23 -11.94
C LYS D 417 30.60 -22.47 -11.60
N ILE D 418 31.05 -21.92 -10.47
CA ILE D 418 32.45 -22.04 -10.08
C ILE D 418 32.86 -23.50 -9.96
N ASP D 419 32.04 -24.30 -9.27
CA ASP D 419 32.41 -25.70 -9.04
C ASP D 419 32.48 -26.48 -10.34
N LEU D 420 31.50 -26.28 -11.23
CA LEU D 420 31.52 -26.99 -12.50
C LEU D 420 32.72 -26.60 -13.35
N TRP D 421 33.06 -25.30 -13.37
CA TRP D 421 34.22 -24.90 -14.18
C TRP D 421 35.53 -25.36 -13.56
N SER D 422 35.60 -25.48 -12.23
CA SER D 422 36.78 -26.04 -11.60
C SER D 422 36.96 -27.51 -11.98
N TYR D 423 35.85 -28.27 -11.97
CA TYR D 423 35.92 -29.66 -12.41
C TYR D 423 36.39 -29.74 -13.87
N ASN D 424 35.82 -28.89 -14.73
CA ASN D 424 36.21 -28.88 -16.13
C ASN D 424 37.71 -28.63 -16.27
N ALA D 425 38.21 -27.60 -15.59
CA ALA D 425 39.63 -27.28 -15.63
C ALA D 425 40.49 -28.47 -15.23
N GLU D 426 40.19 -29.07 -14.07
CA GLU D 426 40.97 -30.20 -13.60
C GLU D 426 41.00 -31.32 -14.62
N LEU D 427 39.82 -31.72 -15.11
CA LEU D 427 39.73 -32.83 -16.06
C LEU D 427 40.52 -32.51 -17.33
N LEU D 428 40.38 -31.29 -17.84
CA LEU D 428 41.08 -30.89 -19.06
C LEU D 428 42.59 -31.01 -18.88
N VAL D 429 43.11 -30.43 -17.80
CA VAL D 429 44.55 -30.47 -17.55
C VAL D 429 45.02 -31.93 -17.50
N ALA D 430 44.32 -32.76 -16.73
CA ALA D 430 44.69 -34.17 -16.63
C ALA D 430 44.76 -34.83 -17.99
N LEU D 431 43.68 -34.69 -18.78
CA LEU D 431 43.60 -35.30 -20.10
C LEU D 431 44.78 -34.85 -20.98
N GLU D 432 45.02 -33.55 -21.04
CA GLU D 432 46.08 -33.03 -21.90
C GLU D 432 47.43 -33.58 -21.48
N ASN D 433 47.73 -33.54 -20.18
CA ASN D 433 48.99 -34.11 -19.68
C ASN D 433 49.13 -35.56 -20.11
N GLN D 434 48.09 -36.37 -19.88
CA GLN D 434 48.14 -37.78 -20.25
C GLN D 434 48.45 -37.96 -21.73
N HIS D 435 47.67 -37.30 -22.59
CA HIS D 435 47.84 -37.47 -24.03
C HIS D 435 49.23 -37.03 -24.48
N THR D 436 49.76 -35.98 -23.86
CA THR D 436 51.10 -35.51 -24.23
C THR D 436 52.16 -36.53 -23.83
N ILE D 437 52.08 -37.04 -22.59
CA ILE D 437 52.97 -38.12 -22.17
C ILE D 437 52.92 -39.27 -23.16
N ASP D 438 51.70 -39.67 -23.54
CA ASP D 438 51.54 -40.82 -24.43
C ASP D 438 52.17 -40.55 -25.79
N LEU D 439 51.97 -39.35 -26.33
CA LEU D 439 52.47 -39.03 -27.67
C LEU D 439 53.97 -38.78 -27.69
N THR D 440 54.58 -38.48 -26.54
CA THR D 440 56.02 -38.33 -26.49
C THR D 440 56.76 -39.65 -26.28
N ASP D 441 56.09 -40.68 -25.78
CA ASP D 441 56.71 -42.00 -25.67
C ASP D 441 56.48 -42.82 -26.94
N VAL E 11 19.78 55.10 19.04
CA VAL E 11 19.47 56.00 17.94
C VAL E 11 20.48 55.83 16.81
N LYS E 12 19.97 55.59 15.60
CA LYS E 12 20.81 55.37 14.44
C LYS E 12 20.81 56.60 13.55
N LYS E 13 21.99 56.95 13.04
CA LYS E 13 22.12 58.09 12.15
C LYS E 13 21.44 57.78 10.81
N PRO E 14 20.87 58.79 10.15
CA PRO E 14 20.28 58.57 8.83
C PRO E 14 21.31 58.08 7.83
N GLY E 15 20.88 57.18 6.95
CA GLY E 15 21.76 56.58 5.97
C GLY E 15 22.57 55.41 6.48
N SER E 16 22.44 55.05 7.75
CA SER E 16 23.16 53.91 8.31
C SER E 16 22.35 52.63 8.08
N SER E 17 22.78 51.54 8.71
CA SER E 17 22.11 50.25 8.59
C SER E 17 21.73 49.71 9.95
N VAL E 18 20.60 49.00 10.00
CA VAL E 18 20.12 48.37 11.22
C VAL E 18 19.89 46.89 10.93
N LYS E 19 20.37 46.03 11.82
CA LYS E 19 20.28 44.59 11.66
C LYS E 19 19.51 44.00 12.83
N VAL E 20 18.48 43.21 12.54
CA VAL E 20 17.68 42.55 13.57
C VAL E 20 17.86 41.05 13.42
N SER E 21 18.31 40.40 14.51
CA SER E 21 18.57 38.97 14.49
C SER E 21 17.43 38.21 15.16
N CYS E 22 17.28 36.94 14.77
CA CYS E 22 16.21 36.11 15.30
C CYS E 22 16.64 34.66 15.28
N GLU E 23 16.15 33.91 16.27
CA GLU E 23 16.53 32.51 16.45
C GLU E 23 15.54 31.62 15.72
N ALA E 24 16.05 30.81 14.80
CA ALA E 24 15.24 29.86 14.03
C ALA E 24 15.19 28.50 14.71
N SER E 25 14.76 28.51 15.97
CA SER E 25 14.69 27.30 16.77
C SER E 25 13.65 27.50 17.87
N GLY E 26 13.23 26.40 18.45
CA GLY E 26 12.23 26.44 19.51
C GLY E 26 11.47 25.13 19.56
N ASP E 27 10.49 25.10 20.47
CA ASP E 27 9.68 23.89 20.63
C ASP E 27 8.76 23.67 19.43
N THR E 28 8.13 24.73 18.93
CA THR E 28 7.20 24.62 17.82
C THR E 28 7.87 24.74 16.46
N PHE E 29 9.16 25.04 16.41
CA PHE E 29 9.85 25.20 15.14
C PHE E 29 10.19 23.84 14.55
N THR E 30 9.92 23.68 13.25
CA THR E 30 10.16 22.44 12.55
C THR E 30 11.13 22.68 11.39
N THR E 31 11.31 21.66 10.55
CA THR E 31 12.29 21.74 9.47
C THR E 31 11.91 22.83 8.46
N TYR E 32 10.63 22.93 8.11
CA TYR E 32 10.18 23.84 7.07
C TYR E 32 9.34 24.99 7.62
N SER E 33 9.55 25.36 8.88
CA SER E 33 8.91 26.55 9.41
C SER E 33 9.59 27.80 8.85
N GLY E 34 8.86 28.90 8.84
CA GLY E 34 9.40 30.13 8.28
C GLY E 34 9.49 31.26 9.29
N ILE E 35 10.27 32.29 8.96
CA ILE E 35 10.41 33.47 9.80
C ILE E 35 10.03 34.70 8.98
N ASN E 36 9.11 35.49 9.51
CA ASN E 36 8.64 36.70 8.87
C ASN E 36 8.88 37.88 9.80
N TRP E 37 9.15 39.04 9.21
CA TRP E 37 9.38 40.27 9.97
C TRP E 37 8.19 41.20 9.81
N VAL E 38 7.78 41.81 10.92
CA VAL E 38 6.66 42.74 10.95
C VAL E 38 7.13 44.05 11.57
N ARG E 39 6.67 45.17 11.01
CA ARG E 39 7.02 46.49 11.49
C ARG E 39 5.76 47.19 12.01
N GLN E 40 5.94 48.01 13.05
CA GLN E 40 4.84 48.79 13.60
C GLN E 40 5.37 50.17 13.97
N ALA E 41 4.94 51.19 13.25
CA ALA E 41 5.26 52.56 13.59
C ALA E 41 4.54 52.95 14.89
N PRO E 42 5.13 53.86 15.68
CA PRO E 42 4.49 54.26 16.94
C PRO E 42 3.15 54.93 16.72
N GLY E 43 2.08 54.27 17.18
CA GLY E 43 0.74 54.78 17.01
C GLY E 43 0.10 54.46 15.68
N GLN E 44 0.64 53.49 14.94
CA GLN E 44 0.08 53.13 13.64
C GLN E 44 -0.16 51.63 13.55
N GLY E 45 -0.52 51.14 12.36
CA GLY E 45 -0.85 49.75 12.17
C GLY E 45 0.36 48.88 11.92
N LEU E 46 0.08 47.63 11.57
CA LEU E 46 1.11 46.63 11.34
C LEU E 46 1.45 46.56 9.86
N GLU E 47 2.74 46.36 9.57
CA GLU E 47 3.23 46.25 8.20
C GLU E 47 4.09 45.01 8.07
N TRP E 48 4.07 44.42 6.89
CA TRP E 48 4.79 43.18 6.62
C TRP E 48 6.06 43.48 5.85
N MET E 49 7.16 42.89 6.29
CA MET E 49 8.46 42.97 5.63
C MET E 49 8.86 41.57 5.16
N GLY E 50 10.12 41.44 4.76
CA GLY E 50 10.56 40.21 4.13
C GLY E 50 10.45 39.01 5.05
N GLY E 51 10.48 37.84 4.41
CA GLY E 51 10.48 36.58 5.14
C GLY E 51 11.33 35.56 4.43
N VAL E 52 11.67 34.49 5.16
CA VAL E 52 12.55 33.46 4.63
C VAL E 52 12.28 32.16 5.37
N LEU E 53 12.40 31.05 4.65
CA LEU E 53 12.43 29.73 5.28
C LEU E 53 13.88 29.31 5.39
N PRO E 54 14.41 29.07 6.59
CA PRO E 54 15.85 28.82 6.74
C PRO E 54 16.35 27.59 6.00
N ASN E 55 15.48 26.64 5.68
CA ASN E 55 15.90 25.39 5.06
C ASN E 55 15.33 25.20 3.66
N PHE E 56 14.73 26.23 3.06
CA PHE E 56 14.13 26.07 1.75
C PHE E 56 14.07 27.42 1.05
N GLY E 57 14.34 27.40 -0.25
CA GLY E 57 14.10 28.55 -1.11
C GLY E 57 15.00 29.74 -0.84
N SER E 58 14.48 30.91 -1.21
CA SER E 58 15.16 32.19 -1.08
C SER E 58 14.24 33.18 -0.38
N PRO E 59 14.79 34.19 0.28
CA PRO E 59 13.94 35.15 0.99
C PRO E 59 13.02 35.90 0.06
N ASN E 60 11.80 36.16 0.52
CA ASN E 60 10.86 37.03 -0.16
C ASN E 60 10.94 38.42 0.43
N TYR E 61 10.56 39.41 -0.37
CA TYR E 61 10.60 40.80 0.09
C TYR E 61 9.34 41.53 -0.34
N ALA E 62 8.95 42.51 0.46
CA ALA E 62 7.86 43.41 0.11
C ALA E 62 8.35 44.43 -0.92
N GLN E 63 7.44 44.87 -1.78
CA GLN E 63 7.86 45.76 -2.86
C GLN E 63 8.18 47.16 -2.38
N ARG E 64 7.66 47.57 -1.21
CA ARG E 64 7.96 48.90 -0.70
C ARG E 64 9.42 49.01 -0.25
N PHE E 65 10.04 47.89 0.11
CA PHE E 65 11.39 47.88 0.67
C PHE E 65 12.43 47.33 -0.30
N GLN E 66 12.09 47.19 -1.58
CA GLN E 66 13.04 46.60 -2.53
C GLN E 66 14.27 47.48 -2.68
N GLY E 67 15.44 46.85 -2.66
CA GLY E 67 16.71 47.52 -2.80
C GLY E 67 17.35 47.92 -1.49
N ARG E 68 16.56 48.14 -0.44
CA ARG E 68 17.09 48.58 0.85
C ARG E 68 17.22 47.45 1.86
N ILE E 69 16.58 46.30 1.63
CA ILE E 69 16.48 45.25 2.63
C ILE E 69 17.20 44.01 2.12
N THR E 70 17.85 43.29 3.03
CA THR E 70 18.48 42.02 2.73
C THR E 70 18.24 41.08 3.90
N ILE E 71 18.11 39.78 3.60
CA ILE E 71 17.88 38.77 4.61
C ILE E 71 18.94 37.68 4.45
N THR E 72 19.59 37.35 5.56
CA THR E 72 20.67 36.36 5.59
C THR E 72 20.35 35.29 6.61
N VAL E 73 20.76 34.06 6.32
CA VAL E 73 20.54 32.92 7.21
C VAL E 73 21.91 32.41 7.65
N ASP E 74 22.12 32.34 8.97
CA ASP E 74 23.35 31.83 9.55
C ASP E 74 23.07 30.45 10.14
N ARG E 75 23.48 29.41 9.44
CA ARG E 75 23.15 28.04 9.82
C ARG E 75 24.03 27.52 10.96
N SER E 76 25.23 28.08 11.13
CA SER E 76 26.10 27.62 12.22
C SER E 76 25.52 28.00 13.58
N THR E 77 25.03 29.23 13.71
CA THR E 77 24.41 29.69 14.95
C THR E 77 22.89 29.60 14.91
N SER E 78 22.32 29.07 13.83
CA SER E 78 20.87 28.88 13.68
C SER E 78 20.13 30.21 13.88
N LEU E 79 20.63 31.25 13.23
CA LEU E 79 20.04 32.57 13.31
C LEU E 79 19.65 33.07 11.93
N VAL E 80 18.77 34.06 11.91
CA VAL E 80 18.36 34.74 10.68
C VAL E 80 18.37 36.24 10.95
N HIS E 81 19.00 37.00 10.06
CA HIS E 81 19.16 38.44 10.24
C HIS E 81 18.54 39.19 9.08
N MET E 82 17.93 40.34 9.39
CA MET E 82 17.37 41.24 8.40
C MET E 82 18.05 42.60 8.54
N GLU E 83 18.64 43.10 7.46
CA GLU E 83 19.33 44.37 7.48
C GLU E 83 18.61 45.36 6.58
N LEU E 84 18.52 46.61 7.03
CA LEU E 84 17.83 47.68 6.29
C LEU E 84 18.83 48.80 6.05
N THR E 85 19.20 49.01 4.79
CA THR E 85 20.19 50.01 4.42
C THR E 85 19.50 51.31 4.02
N ASN E 86 20.21 52.43 4.24
CA ASN E 86 19.71 53.77 3.95
C ASN E 86 18.45 54.07 4.78
N LEU E 87 18.67 54.13 6.09
CA LEU E 87 17.59 54.43 7.02
C LEU E 87 17.07 55.84 6.80
N ARG E 88 15.82 56.06 7.23
CA ARG E 88 15.15 57.34 7.06
C ARG E 88 14.36 57.62 8.33
N SER E 89 13.95 58.88 8.48
CA SER E 89 13.24 59.30 9.70
C SER E 89 11.93 58.54 9.88
N ASP E 90 11.25 58.19 8.78
CA ASP E 90 9.99 57.47 8.90
C ASP E 90 10.17 56.00 9.29
N ASP E 91 11.41 55.52 9.38
CA ASP E 91 11.66 54.13 9.74
C ASP E 91 11.65 53.88 11.24
N THR E 92 11.46 54.92 12.05
CA THR E 92 11.32 54.76 13.50
C THR E 92 10.11 53.89 13.81
N ALA E 93 10.34 52.68 14.34
CA ALA E 93 9.27 51.72 14.55
C ALA E 93 9.80 50.58 15.41
N VAL E 94 8.90 49.67 15.77
CA VAL E 94 9.20 48.47 16.54
C VAL E 94 9.07 47.27 15.62
N TYR E 95 10.08 46.40 15.62
CA TYR E 95 10.16 45.27 14.72
C TYR E 95 9.93 43.96 15.49
N TYR E 96 9.13 43.07 14.90
CA TYR E 96 8.77 41.80 15.51
C TYR E 96 9.14 40.64 14.62
N CYS E 97 9.56 39.53 15.23
CA CYS E 97 9.68 38.25 14.55
C CYS E 97 8.39 37.48 14.67
N THR E 98 8.03 36.77 13.61
CA THR E 98 6.86 35.89 13.64
C THR E 98 7.22 34.54 13.05
N GLU E 99 6.71 33.48 13.67
CA GLU E 99 6.81 32.12 13.16
C GLU E 99 5.50 31.69 12.51
N THR E 100 5.62 30.89 11.46
CA THR E 100 4.46 30.49 10.66
C THR E 100 3.74 29.32 11.33
N GLY E 101 2.42 29.39 11.32
CA GLY E 101 1.57 28.32 11.82
C GLY E 101 0.85 27.62 10.69
N ALA E 102 0.47 26.36 10.92
CA ALA E 102 -0.18 25.54 9.91
C ALA E 102 -1.53 25.04 10.43
N TYR E 103 -2.51 25.00 9.53
CA TYR E 103 -3.83 24.48 9.86
C TYR E 103 -4.50 24.02 8.58
N ASN E 104 -5.45 23.10 8.72
CA ASN E 104 -6.15 22.52 7.59
C ASN E 104 -7.36 23.38 7.21
N SER E 105 -7.38 23.85 5.97
CA SER E 105 -8.43 24.73 5.46
C SER E 105 -8.45 24.61 3.94
N VAL E 106 -9.14 25.54 3.30
CA VAL E 106 -9.15 25.62 1.85
C VAL E 106 -8.67 26.97 1.33
N GLY E 107 -8.62 28.00 2.16
CA GLY E 107 -8.03 29.27 1.80
C GLY E 107 -6.85 29.55 2.70
N TYR E 108 -6.24 28.47 3.18
CA TYR E 108 -5.17 28.52 4.16
C TYR E 108 -4.02 29.43 3.74
N PHE E 109 -3.57 30.27 4.67
CA PHE E 109 -2.33 31.01 4.58
C PHE E 109 -1.75 31.06 5.99
N PRO E 110 -0.42 31.03 6.12
CA PRO E 110 0.17 30.95 7.47
C PRO E 110 -0.21 32.12 8.36
N TYR E 111 -0.41 31.82 9.64
CA TYR E 111 -0.61 32.83 10.66
C TYR E 111 0.71 33.12 11.37
N PHE E 112 0.76 34.27 12.03
CA PHE E 112 1.98 34.76 12.64
C PHE E 112 1.97 34.52 14.15
N GLN E 113 3.05 33.94 14.67
CA GLN E 113 3.23 33.70 16.09
C GLN E 113 4.34 34.63 16.58
N PHE E 114 3.97 35.64 17.36
CA PHE E 114 4.92 36.63 17.84
C PHE E 114 5.71 36.07 19.01
N ARG E 115 7.03 36.05 18.89
CA ARG E 115 7.91 35.53 19.92
C ARG E 115 8.66 36.69 20.58
N GLY E 116 8.53 36.79 21.90
CA GLY E 116 9.20 37.84 22.64
C GLY E 116 8.60 39.21 22.37
N GLN E 117 9.31 40.22 22.88
CA GLN E 117 8.93 41.61 22.67
C GLN E 117 9.71 42.19 21.50
N GLY E 118 9.17 43.27 20.95
CA GLY E 118 9.77 43.89 19.78
C GLY E 118 11.03 44.67 20.12
N THR E 119 11.76 45.03 19.07
CA THR E 119 12.97 45.82 19.18
C THR E 119 12.70 47.24 18.67
N LEU E 120 13.01 48.23 19.50
CA LEU E 120 12.75 49.62 19.16
C LEU E 120 13.96 50.21 18.43
N VAL E 121 13.71 50.81 17.27
CA VAL E 121 14.75 51.45 16.47
C VAL E 121 14.30 52.88 16.18
N SER E 122 15.15 53.84 16.50
CA SER E 122 14.88 55.26 16.27
C SER E 122 15.97 55.86 15.41
N VAL E 123 15.58 56.70 14.45
CA VAL E 123 16.49 57.34 13.52
C VAL E 123 16.41 58.84 13.75
N SER E 124 17.55 59.47 14.01
CA SER E 124 17.60 60.91 14.22
C SER E 124 18.99 61.41 13.86
N SER E 125 19.07 62.71 13.58
CA SER E 125 20.34 63.33 13.22
C SER E 125 21.05 63.90 14.45
N SER F 2 -1.29 47.67 0.06
CA SER F 2 -2.65 47.14 0.15
C SER F 2 -3.04 46.87 1.60
N VAL F 3 -4.18 47.41 2.01
CA VAL F 3 -4.68 47.26 3.37
C VAL F 3 -6.16 46.88 3.31
N LEU F 4 -6.64 46.31 4.41
CA LEU F 4 -8.04 45.93 4.54
C LEU F 4 -8.77 46.94 5.41
N THR F 5 -9.93 47.40 4.94
CA THR F 5 -10.68 48.42 5.65
C THR F 5 -11.22 47.88 6.96
N GLN F 6 -11.11 48.69 8.01
CA GLN F 6 -11.57 48.35 9.35
C GLN F 6 -12.12 49.60 10.02
N PRO F 7 -13.15 49.47 10.84
CA PRO F 7 -13.66 50.63 11.59
C PRO F 7 -12.58 51.20 12.49
N PRO F 8 -12.48 52.53 12.57
CA PRO F 8 -11.44 53.13 13.42
C PRO F 8 -11.56 52.73 14.88
N SER F 9 -12.77 52.64 15.41
CA SER F 9 -12.97 52.33 16.82
C SER F 9 -14.43 51.96 17.04
N VAL F 10 -14.67 51.15 18.08
CA VAL F 10 -16.01 50.83 18.53
C VAL F 10 -16.03 50.95 20.05
N SER F 11 -17.23 51.11 20.61
CA SER F 11 -17.37 51.25 22.05
C SER F 11 -18.75 50.75 22.48
N GLY F 12 -18.86 50.44 23.76
CA GLY F 12 -20.12 49.99 24.33
C GLY F 12 -19.93 49.63 25.78
N ALA F 13 -21.06 49.46 26.46
CA ALA F 13 -21.03 49.06 27.86
C ALA F 13 -20.64 47.59 27.97
N PRO F 14 -20.03 47.19 29.08
CA PRO F 14 -19.72 45.77 29.27
C PRO F 14 -20.99 44.93 29.42
N GLY F 15 -20.89 43.68 28.95
CA GLY F 15 -21.95 42.71 29.13
C GLY F 15 -22.85 42.47 27.93
N GLN F 16 -22.53 43.01 26.76
CA GLN F 16 -23.32 42.78 25.56
C GLN F 16 -22.39 42.51 24.39
N ARG F 17 -22.98 42.04 23.29
CA ARG F 17 -22.19 41.68 22.12
C ARG F 17 -21.71 42.92 21.37
N VAL F 18 -20.48 42.86 20.88
CA VAL F 18 -19.89 43.92 20.07
C VAL F 18 -19.28 43.27 18.84
N THR F 19 -19.37 43.96 17.70
CA THR F 19 -18.97 43.40 16.42
C THR F 19 -17.92 44.28 15.76
N ILE F 20 -16.93 43.64 15.14
CA ILE F 20 -15.90 44.29 14.34
C ILE F 20 -15.90 43.63 12.97
N SER F 21 -15.60 44.42 11.94
CA SER F 21 -15.69 43.95 10.57
C SER F 21 -14.37 44.20 9.84
N CYS F 22 -14.04 43.27 8.94
CA CYS F 22 -12.90 43.41 8.03
C CYS F 22 -13.42 43.20 6.61
N THR F 23 -13.36 44.23 5.79
CA THR F 23 -13.83 44.18 4.42
C THR F 23 -12.66 44.07 3.46
N GLY F 24 -12.78 43.17 2.48
CA GLY F 24 -11.69 42.91 1.55
C GLY F 24 -12.06 43.20 0.10
N SER F 25 -11.23 42.75 -0.82
CA SER F 25 -11.39 42.98 -2.25
C SER F 25 -11.54 41.64 -2.97
N SER F 26 -11.49 41.69 -4.30
CA SER F 26 -11.57 40.47 -5.09
C SER F 26 -10.27 39.65 -5.05
N SER F 27 -9.19 40.22 -4.52
CA SER F 27 -7.91 39.53 -4.44
C SER F 27 -7.62 38.93 -3.08
N ASN F 28 -8.13 39.55 -2.01
CA ASN F 28 -7.99 39.03 -0.66
C ASN F 28 -9.37 38.85 -0.04
N ILE F 29 -9.55 37.74 0.69
CA ILE F 29 -10.82 37.31 1.25
C ILE F 29 -11.78 36.90 0.14
N GLY F 30 -11.90 37.74 -0.89
CA GLY F 30 -12.75 37.43 -2.03
C GLY F 30 -12.18 36.42 -2.99
N ALA F 31 -10.91 36.05 -2.85
CA ALA F 31 -10.25 35.07 -3.69
C ALA F 31 -10.04 33.76 -2.94
N ASP F 32 -11.00 33.38 -2.11
CA ASP F 32 -10.96 32.13 -1.36
C ASP F 32 -9.75 32.09 -0.41
N TYR F 33 -9.60 33.15 0.37
CA TYR F 33 -8.57 33.24 1.40
C TYR F 33 -9.22 33.51 2.75
N ASP F 34 -8.73 32.82 3.78
CA ASP F 34 -9.24 32.99 5.13
C ASP F 34 -8.72 34.29 5.74
N VAL F 35 -9.16 34.58 6.96
CA VAL F 35 -8.79 35.80 7.68
C VAL F 35 -8.34 35.42 9.08
N HIS F 36 -7.24 36.00 9.53
CA HIS F 36 -6.75 35.81 10.89
C HIS F 36 -6.98 37.08 11.70
N TRP F 37 -7.19 36.91 13.01
CA TRP F 37 -7.43 38.01 13.93
C TRP F 37 -6.34 38.04 14.99
N TYR F 38 -5.72 39.20 15.18
CA TYR F 38 -4.65 39.38 16.15
C TYR F 38 -5.06 40.41 17.19
N GLN F 39 -4.59 40.23 18.42
CA GLN F 39 -4.89 41.11 19.54
C GLN F 39 -3.60 41.69 20.08
N GLN F 40 -3.62 43.00 20.36
CA GLN F 40 -2.47 43.72 20.88
C GLN F 40 -2.90 44.60 22.05
N LEU F 41 -2.60 44.16 23.27
CA LEU F 41 -2.76 45.02 24.43
C LEU F 41 -1.72 46.13 24.40
N PRO F 42 -2.07 47.34 24.83
CA PRO F 42 -1.12 48.46 24.80
C PRO F 42 0.16 48.14 25.56
N GLY F 43 1.30 48.46 24.95
CA GLY F 43 2.58 48.18 25.56
C GLY F 43 2.99 46.73 25.54
N THR F 44 2.48 45.96 24.59
CA THR F 44 2.81 44.54 24.48
C THR F 44 2.79 44.14 23.01
N ALA F 45 3.51 43.07 22.70
CA ALA F 45 3.51 42.55 21.34
C ALA F 45 2.15 41.97 20.99
N PRO F 46 1.73 42.09 19.73
CA PRO F 46 0.43 41.52 19.32
C PRO F 46 0.38 40.01 19.53
N LYS F 47 -0.78 39.53 19.95
CA LYS F 47 -1.03 38.12 20.18
C LYS F 47 -1.91 37.58 19.06
N LEU F 48 -2.19 36.28 19.12
CA LEU F 48 -3.07 35.62 18.15
C LEU F 48 -4.41 35.33 18.81
N LEU F 49 -5.48 35.77 18.16
CA LEU F 49 -6.84 35.57 18.68
C LEU F 49 -7.61 34.52 17.90
N ILE F 50 -7.75 34.67 16.58
CA ILE F 50 -8.53 33.75 15.77
C ILE F 50 -7.74 33.42 14.50
N PHE F 51 -7.86 32.17 14.04
CA PHE F 51 -7.38 31.78 12.73
C PHE F 51 -8.42 30.87 12.10
N GLY F 52 -8.37 30.76 10.77
CA GLY F 52 -9.30 29.90 10.06
C GLY F 52 -10.74 30.34 10.16
N ASN F 53 -10.97 31.59 10.57
CA ASN F 53 -12.28 32.25 10.61
C ASN F 53 -13.17 31.74 11.73
N ASN F 54 -12.82 30.61 12.36
CA ASN F 54 -13.54 30.20 13.55
C ASN F 54 -12.71 29.44 14.58
N ASN F 55 -11.40 29.27 14.38
CA ASN F 55 -10.60 28.47 15.29
C ASN F 55 -9.96 29.34 16.36
N ARG F 56 -10.05 28.89 17.61
CA ARG F 56 -9.48 29.60 18.75
C ARG F 56 -8.32 28.79 19.32
N PRO F 57 -7.15 29.39 19.49
CA PRO F 57 -6.03 28.68 20.12
C PRO F 57 -6.28 28.46 21.60
N SER F 58 -5.54 27.49 22.16
CA SER F 58 -5.64 27.22 23.58
C SER F 58 -5.21 28.43 24.40
N GLY F 59 -6.05 28.83 25.35
CA GLY F 59 -5.82 30.01 26.14
C GLY F 59 -6.66 31.21 25.77
N VAL F 60 -7.70 31.03 24.96
CA VAL F 60 -8.58 32.11 24.54
C VAL F 60 -10.00 31.72 24.92
N PRO F 61 -10.74 32.57 25.63
CA PRO F 61 -12.10 32.22 26.02
C PRO F 61 -13.03 32.15 24.82
N ASP F 62 -14.10 31.37 24.97
CA ASP F 62 -15.07 31.17 23.91
C ASP F 62 -15.94 32.40 23.66
N ARG F 63 -15.70 33.50 24.37
CA ARG F 63 -16.44 34.73 24.14
C ARG F 63 -16.18 35.32 22.76
N PHE F 64 -15.05 35.01 22.14
CA PHE F 64 -14.69 35.56 20.84
C PHE F 64 -15.15 34.62 19.74
N SER F 65 -15.80 35.18 18.72
CA SER F 65 -16.28 34.41 17.58
C SER F 65 -15.94 35.16 16.29
N GLY F 66 -15.80 34.41 15.21
CA GLY F 66 -15.49 34.99 13.93
C GLY F 66 -16.31 34.36 12.83
N SER F 67 -16.48 35.12 11.74
CA SER F 67 -17.21 34.62 10.58
C SER F 67 -16.71 35.35 9.34
N LYS F 68 -16.91 34.71 8.19
CA LYS F 68 -16.56 35.28 6.90
C LYS F 68 -17.68 35.03 5.91
N SER F 69 -18.01 36.05 5.13
CA SER F 69 -19.05 35.94 4.11
C SER F 69 -18.69 36.84 2.94
N GLY F 70 -18.76 36.28 1.73
CA GLY F 70 -18.46 37.05 0.54
C GLY F 70 -17.03 37.57 0.57
N THR F 71 -16.89 38.89 0.45
CA THR F 71 -15.60 39.57 0.56
C THR F 71 -15.49 40.36 1.85
N SER F 72 -16.08 39.85 2.93
CA SER F 72 -16.07 40.53 4.22
C SER F 72 -15.93 39.49 5.33
N ALA F 73 -15.48 39.97 6.49
CA ALA F 73 -15.33 39.13 7.67
C ALA F 73 -15.78 39.91 8.90
N SER F 74 -16.24 39.18 9.90
CA SER F 74 -16.78 39.77 11.11
C SER F 74 -16.21 39.08 12.34
N LEU F 75 -15.84 39.88 13.34
CA LEU F 75 -15.42 39.39 14.64
C LEU F 75 -16.45 39.79 15.68
N ALA F 76 -16.77 38.88 16.60
CA ALA F 76 -17.79 39.10 17.60
C ALA F 76 -17.29 38.70 18.98
N ILE F 77 -17.69 39.46 20.00
CA ILE F 77 -17.41 39.16 21.40
C ILE F 77 -18.74 39.02 22.10
N THR F 78 -19.01 37.85 22.67
CA THR F 78 -20.29 37.60 23.31
C THR F 78 -20.49 38.50 24.53
N GLY F 79 -19.47 38.63 25.37
CA GLY F 79 -19.59 39.45 26.54
C GLY F 79 -18.39 40.36 26.76
N LEU F 80 -18.61 41.67 26.74
CA LEU F 80 -17.52 42.61 26.95
C LEU F 80 -17.10 42.60 28.42
N GLN F 81 -15.78 42.59 28.65
CA GLN F 81 -15.22 42.57 29.99
C GLN F 81 -14.15 43.65 30.11
N ALA F 82 -13.60 43.78 31.32
CA ALA F 82 -12.60 44.79 31.58
C ALA F 82 -11.32 44.56 30.80
N GLU F 83 -10.88 43.31 30.69
CA GLU F 83 -9.61 43.02 30.02
C GLU F 83 -9.67 43.22 28.51
N ASP F 84 -10.86 43.44 27.93
CA ASP F 84 -10.99 43.70 26.51
C ASP F 84 -10.74 45.19 26.21
N GLU F 85 -9.50 45.61 26.50
CA GLU F 85 -9.06 46.97 26.20
C GLU F 85 -8.05 47.01 25.06
N ALA F 86 -7.79 45.89 24.40
CA ALA F 86 -6.72 45.80 23.43
C ALA F 86 -7.20 46.23 22.04
N ASP F 87 -6.28 46.26 21.09
CA ASP F 87 -6.60 46.54 19.69
C ASP F 87 -6.65 45.24 18.91
N TYR F 88 -7.42 45.26 17.82
CA TYR F 88 -7.64 44.07 17.00
C TYR F 88 -7.27 44.35 15.55
N TYR F 89 -6.57 43.40 14.93
CA TYR F 89 -6.16 43.49 13.55
C TYR F 89 -6.63 42.26 12.79
N CYS F 90 -6.94 42.44 11.51
CA CYS F 90 -7.34 41.36 10.64
C CYS F 90 -6.31 41.19 9.53
N GLN F 91 -5.96 39.94 9.24
CA GLN F 91 -4.89 39.63 8.31
C GLN F 91 -5.41 38.69 7.23
N SER F 92 -4.98 38.93 5.99
CA SER F 92 -5.32 38.07 4.87
C SER F 92 -4.13 38.07 3.92
N PHE F 93 -4.28 37.34 2.81
CA PHE F 93 -3.24 37.25 1.80
C PHE F 93 -3.77 37.86 0.51
N ASP F 94 -2.93 38.68 -0.14
CA ASP F 94 -3.28 39.34 -1.39
C ASP F 94 -2.50 38.67 -2.51
N LYS F 95 -3.23 38.11 -3.48
CA LYS F 95 -2.61 37.39 -4.58
C LYS F 95 -2.15 38.32 -5.71
N SER F 96 -2.57 39.58 -5.70
CA SER F 96 -2.22 40.49 -6.77
C SER F 96 -0.73 40.85 -6.72
N LEU F 97 -0.20 41.21 -7.89
CA LEU F 97 1.21 41.59 -8.08
C LEU F 97 2.09 40.41 -7.64
N SER F 98 3.07 40.62 -6.76
CA SER F 98 3.94 39.55 -6.30
C SER F 98 3.40 38.85 -5.05
N GLY F 99 2.24 39.26 -4.54
CA GLY F 99 1.68 38.64 -3.36
C GLY F 99 2.28 39.16 -2.08
N SER F 100 1.44 39.36 -1.06
CA SER F 100 1.90 39.90 0.21
C SER F 100 0.88 39.55 1.28
N PHE F 101 1.25 39.85 2.54
CA PHE F 101 0.35 39.73 3.67
C PHE F 101 -0.22 41.10 3.99
N VAL F 102 -1.54 41.20 4.05
CA VAL F 102 -2.24 42.47 4.24
C VAL F 102 -2.89 42.47 5.62
N PHE F 103 -2.79 43.60 6.31
CA PHE F 103 -3.36 43.79 7.63
C PHE F 103 -4.41 44.89 7.59
N GLY F 104 -5.36 44.81 8.51
CA GLY F 104 -6.38 45.84 8.63
C GLY F 104 -5.84 47.13 9.21
N THR F 105 -6.65 48.17 9.10
CA THR F 105 -6.28 49.48 9.62
C THR F 105 -6.28 49.55 11.14
N GLY F 106 -6.80 48.54 11.82
CA GLY F 106 -6.83 48.55 13.27
C GLY F 106 -8.11 49.14 13.82
N THR F 107 -8.48 48.69 15.02
CA THR F 107 -9.67 49.17 15.69
C THR F 107 -9.39 49.28 17.19
N LYS F 108 -10.16 50.15 17.85
CA LYS F 108 -10.06 50.36 19.29
C LYS F 108 -11.40 50.05 19.92
N VAL F 109 -11.41 49.12 20.87
CA VAL F 109 -12.61 48.74 21.61
C VAL F 109 -12.60 49.47 22.95
N THR F 110 -13.76 49.97 23.36
CA THR F 110 -13.87 50.76 24.57
C THR F 110 -15.08 50.33 25.40
N VAL G 26 31.32 -54.00 -16.65
CA VAL G 26 31.50 -52.57 -16.49
C VAL G 26 31.40 -51.87 -17.84
N LYS G 27 31.18 -50.56 -17.81
CA LYS G 27 31.05 -49.77 -19.02
C LYS G 27 32.34 -49.01 -19.30
N THR G 28 32.73 -48.95 -20.57
CA THR G 28 33.89 -48.22 -21.02
C THR G 28 33.52 -47.41 -22.25
N ILE G 29 34.39 -46.47 -22.62
CA ILE G 29 34.14 -45.64 -23.79
C ILE G 29 34.15 -46.49 -25.05
N THR G 30 35.14 -47.38 -25.18
CA THR G 30 35.24 -48.20 -26.38
C THR G 30 34.18 -49.30 -26.40
N ASN G 31 33.97 -49.97 -25.27
CA ASN G 31 33.02 -51.08 -25.18
C ASN G 31 32.05 -50.82 -24.04
N ASP G 32 30.76 -51.00 -24.32
CA ASP G 32 29.74 -50.76 -23.30
C ASP G 32 29.63 -51.89 -22.29
N ARG G 33 30.13 -53.08 -22.60
CA ARG G 33 30.01 -54.25 -21.72
C ARG G 33 31.35 -54.98 -21.68
N ILE G 34 32.10 -54.80 -20.61
CA ILE G 34 33.35 -55.50 -20.38
C ILE G 34 33.26 -56.23 -19.04
N GLU G 35 33.60 -57.52 -19.05
CA GLU G 35 33.56 -58.34 -17.85
C GLU G 35 34.90 -58.27 -17.15
N VAL G 36 34.88 -58.01 -15.83
CA VAL G 36 36.08 -57.88 -15.02
C VAL G 36 35.95 -58.78 -13.80
N THR G 37 37.11 -59.08 -13.20
CA THR G 37 37.13 -59.98 -12.05
C THR G 37 36.49 -59.33 -10.83
N ASN G 38 36.75 -58.05 -10.59
CA ASN G 38 36.23 -57.38 -9.40
C ASN G 38 35.79 -55.98 -9.76
N ALA G 39 34.83 -55.47 -8.99
CA ALA G 39 34.31 -54.12 -9.18
C ALA G 39 33.76 -53.59 -7.86
N THR G 40 33.64 -52.26 -7.79
CA THR G 40 33.12 -51.59 -6.60
C THR G 40 32.02 -50.62 -6.99
N GLU G 41 31.16 -50.32 -6.03
CA GLU G 41 30.03 -49.42 -6.22
C GLU G 41 30.42 -48.01 -5.77
N LEU G 42 30.15 -47.02 -6.63
CA LEU G 42 30.49 -45.64 -6.34
C LEU G 42 29.29 -44.78 -5.96
N VAL G 43 28.11 -45.38 -5.78
CA VAL G 43 26.90 -44.62 -5.47
C VAL G 43 26.29 -45.19 -4.19
N GLN G 44 26.09 -44.33 -3.20
CA GLN G 44 25.40 -44.73 -1.98
C GLN G 44 23.90 -44.65 -2.20
N ASN G 45 23.19 -45.75 -1.91
CA ASN G 45 21.76 -45.84 -2.21
C ASN G 45 20.89 -46.08 -0.98
N SER G 46 21.47 -46.22 0.20
CA SER G 46 20.71 -46.49 1.41
C SER G 46 21.12 -45.53 2.51
N SER G 47 20.29 -45.46 3.55
CA SER G 47 20.51 -44.57 4.68
C SER G 47 20.42 -45.35 5.98
N ILE G 48 21.08 -44.81 7.01
CA ILE G 48 21.01 -45.41 8.34
C ILE G 48 19.59 -45.32 8.90
N GLY G 49 18.93 -44.18 8.69
CA GLY G 49 17.60 -43.95 9.22
C GLY G 49 17.54 -43.08 10.45
N GLU G 50 18.68 -42.61 10.97
CA GLU G 50 18.71 -41.75 12.15
C GLU G 50 19.70 -40.62 11.91
N ILE G 51 19.51 -39.53 12.65
CA ILE G 51 20.45 -38.41 12.63
C ILE G 51 21.46 -38.61 13.75
N CYS G 52 22.75 -38.52 13.41
CA CYS G 52 23.79 -39.03 14.30
C CYS G 52 24.03 -38.14 15.51
N ASP G 53 23.57 -36.88 15.48
CA ASP G 53 23.67 -35.92 16.58
C ASP G 53 25.10 -35.43 16.79
N SER G 54 26.07 -35.96 16.05
CA SER G 54 27.48 -35.60 16.18
C SER G 54 28.12 -35.76 14.81
N PRO G 55 29.13 -34.95 14.47
CA PRO G 55 29.73 -33.85 15.26
C PRO G 55 28.96 -32.54 15.20
N HIS G 56 28.01 -32.40 14.28
CA HIS G 56 27.26 -31.16 14.17
C HIS G 56 26.30 -31.03 15.34
N GLN G 57 26.03 -29.79 15.74
CA GLN G 57 25.10 -29.54 16.83
C GLN G 57 23.68 -29.56 16.28
N ILE G 58 22.87 -30.50 16.76
CA ILE G 58 21.52 -30.72 16.27
C ILE G 58 20.54 -30.20 17.30
N LEU G 59 19.51 -29.48 16.85
CA LEU G 59 18.45 -28.97 17.70
C LEU G 59 17.13 -29.50 17.16
N ASP G 60 16.49 -30.40 17.93
CA ASP G 60 15.24 -31.01 17.51
C ASP G 60 14.09 -30.09 17.87
N GLY G 61 13.29 -29.70 16.88
CA GLY G 61 12.21 -28.77 17.09
C GLY G 61 10.95 -29.35 17.67
N GLU G 62 10.82 -30.68 17.67
CA GLU G 62 9.64 -31.35 18.21
C GLU G 62 8.37 -30.86 17.55
N ASN G 63 7.51 -30.20 18.33
CA ASN G 63 6.26 -29.65 17.84
C ASN G 63 6.37 -28.20 17.43
N CYS G 64 7.58 -27.63 17.43
CA CYS G 64 7.80 -26.21 17.23
C CYS G 64 8.53 -25.97 15.91
N THR G 65 8.13 -24.91 15.21
CA THR G 65 8.85 -24.42 14.05
C THR G 65 9.87 -23.36 14.47
N LEU G 66 10.75 -23.01 13.53
CA LEU G 66 11.77 -22.02 13.83
C LEU G 66 11.17 -20.66 14.13
N ILE G 67 10.15 -20.26 13.37
CA ILE G 67 9.52 -18.96 13.61
C ILE G 67 8.76 -18.96 14.93
N ASP G 68 8.11 -20.08 15.27
CA ASP G 68 7.42 -20.16 16.56
C ASP G 68 8.40 -20.09 17.71
N ALA G 69 9.55 -20.74 17.58
CA ALA G 69 10.58 -20.63 18.62
C ALA G 69 11.16 -19.22 18.69
N LEU G 70 11.26 -18.54 17.54
CA LEU G 70 11.75 -17.17 17.53
C LEU G 70 10.79 -16.24 18.24
N LEU G 71 9.49 -16.38 17.99
CA LEU G 71 8.51 -15.46 18.56
C LEU G 71 8.24 -15.72 20.03
N GLY G 72 8.43 -16.96 20.50
CA GLY G 72 8.17 -17.28 21.89
C GLY G 72 6.85 -17.97 22.14
N ASP G 73 6.55 -18.98 21.35
CA ASP G 73 5.35 -19.78 21.57
C ASP G 73 5.43 -20.47 22.93
N PRO G 74 4.32 -20.56 23.67
CA PRO G 74 4.38 -21.16 25.02
C PRO G 74 4.92 -22.58 25.04
N GLN G 75 4.65 -23.38 24.01
CA GLN G 75 5.19 -24.74 23.98
C GLN G 75 6.63 -24.79 23.52
N CYS G 76 7.20 -23.66 23.11
CA CYS G 76 8.58 -23.57 22.64
C CYS G 76 9.47 -22.81 23.62
N ASP G 77 9.03 -22.68 24.87
CA ASP G 77 9.80 -21.91 25.87
C ASP G 77 11.15 -22.55 26.17
N GLY G 78 11.33 -23.84 25.88
CA GLY G 78 12.61 -24.49 26.09
C GLY G 78 13.67 -24.17 25.07
N PHE G 79 13.30 -23.51 23.98
CA PHE G 79 14.24 -23.16 22.92
C PHE G 79 14.88 -21.80 23.10
N GLN G 80 14.59 -21.11 24.21
CA GLN G 80 15.11 -19.77 24.42
C GLN G 80 16.63 -19.78 24.56
N ASN G 81 17.28 -18.85 23.85
CA ASN G 81 18.72 -18.62 23.95
C ASN G 81 19.55 -19.85 23.55
N LYS G 82 19.00 -20.70 22.69
CA LYS G 82 19.72 -21.88 22.26
C LYS G 82 20.47 -21.63 20.96
N LYS G 83 21.41 -22.52 20.66
CA LYS G 83 22.25 -22.43 19.47
C LYS G 83 22.24 -23.77 18.76
N TRP G 84 22.47 -23.73 17.45
CA TRP G 84 22.42 -24.96 16.66
C TRP G 84 23.33 -24.83 15.44
N ASP G 85 23.70 -25.99 14.90
CA ASP G 85 24.29 -26.10 13.58
C ASP G 85 23.28 -26.55 12.53
N LEU G 86 22.34 -27.41 12.90
CA LEU G 86 21.25 -27.82 12.04
C LEU G 86 19.96 -27.81 12.84
N PHE G 87 18.92 -27.20 12.28
CA PHE G 87 17.61 -27.17 12.90
C PHE G 87 16.69 -28.14 12.17
N VAL G 88 16.05 -29.03 12.93
CA VAL G 88 15.21 -30.09 12.38
C VAL G 88 13.75 -29.73 12.63
N GLU G 89 12.98 -29.63 11.56
CA GLU G 89 11.56 -29.31 11.63
C GLU G 89 10.75 -30.57 11.32
N ARG G 90 9.83 -30.91 12.22
CA ARG G 90 8.98 -32.07 12.04
C ARG G 90 7.67 -31.66 11.38
N SER G 91 7.08 -32.60 10.64
CA SER G 91 5.80 -32.34 10.01
C SER G 91 4.65 -32.29 11.00
N LYS G 92 4.87 -32.79 12.22
CA LYS G 92 3.87 -32.77 13.27
C LYS G 92 3.74 -31.42 13.96
N ALA G 93 4.58 -30.45 13.58
CA ALA G 93 4.58 -29.15 14.25
C ALA G 93 3.27 -28.42 14.01
N TYR G 94 2.85 -27.67 15.03
CA TYR G 94 1.60 -26.91 14.97
C TYR G 94 1.74 -25.69 15.87
N SER G 95 0.87 -24.71 15.63
CA SER G 95 0.86 -23.47 16.39
C SER G 95 -0.29 -23.48 17.38
N ASN G 96 -0.04 -22.94 18.57
CA ASN G 96 -1.04 -22.92 19.63
C ASN G 96 -1.06 -21.56 20.31
N CYS G 97 -1.02 -20.50 19.52
CA CYS G 97 -1.01 -19.14 20.05
C CYS G 97 -1.87 -18.28 19.12
N TYR G 98 -1.73 -16.96 19.25
CA TYR G 98 -2.50 -16.04 18.42
C TYR G 98 -2.21 -16.25 16.95
N PRO G 99 -3.23 -16.27 16.08
CA PRO G 99 -2.98 -16.43 14.64
C PRO G 99 -2.14 -15.30 14.09
N TYR G 100 -1.26 -15.63 13.15
CA TYR G 100 -0.36 -14.64 12.58
C TYR G 100 0.07 -15.09 11.18
N ASP G 101 0.56 -14.12 10.41
CA ASP G 101 1.18 -14.39 9.12
C ASP G 101 2.41 -13.52 8.97
N VAL G 102 3.39 -14.01 8.21
CA VAL G 102 4.64 -13.28 8.01
C VAL G 102 4.85 -12.99 6.52
N PRO G 103 4.71 -11.75 6.07
CA PRO G 103 5.12 -11.43 4.70
C PRO G 103 6.60 -11.71 4.51
N ASP G 104 6.92 -12.30 3.37
CA ASP G 104 8.27 -12.81 3.08
C ASP G 104 8.72 -13.76 4.19
N TYR G 105 7.90 -14.79 4.41
CA TYR G 105 8.17 -15.77 5.45
C TYR G 105 9.46 -16.52 5.19
N ALA G 106 9.69 -16.92 3.94
CA ALA G 106 10.88 -17.71 3.60
C ALA G 106 12.16 -16.92 3.86
N SER G 107 12.16 -15.62 3.56
CA SER G 107 13.36 -14.81 3.78
C SER G 107 13.71 -14.75 5.26
N LEU G 108 12.72 -14.49 6.11
CA LEU G 108 12.97 -14.44 7.55
C LEU G 108 13.40 -15.80 8.09
N ARG G 109 12.76 -16.87 7.62
CA ARG G 109 13.13 -18.21 8.06
C ARG G 109 14.57 -18.53 7.70
N SER G 110 14.96 -18.22 6.45
CA SER G 110 16.33 -18.47 6.01
C SER G 110 17.32 -17.60 6.79
N LEU G 111 16.96 -16.35 7.05
CA LEU G 111 17.84 -15.46 7.81
C LEU G 111 18.09 -16.02 9.21
N VAL G 112 17.03 -16.42 9.90
CA VAL G 112 17.18 -16.93 11.25
C VAL G 112 17.95 -18.25 11.24
N ALA G 113 17.69 -19.11 10.25
CA ALA G 113 18.39 -20.38 10.17
C ALA G 113 19.88 -20.17 9.92
N SER G 114 20.24 -19.22 9.05
CA SER G 114 21.64 -18.94 8.78
C SER G 114 22.31 -18.27 9.96
N SER G 115 21.58 -17.49 10.75
CA SER G 115 22.15 -16.87 11.93
C SER G 115 22.64 -17.93 12.91
N GLY G 116 21.83 -18.96 13.15
CA GLY G 116 22.26 -20.09 13.93
C GLY G 116 22.19 -19.91 15.43
N THR G 117 21.47 -18.90 15.91
CA THR G 117 21.35 -18.69 17.35
C THR G 117 20.04 -17.99 17.65
N LEU G 118 19.50 -18.28 18.84
CA LEU G 118 18.31 -17.62 19.34
C LEU G 118 18.60 -16.76 20.57
N GLU G 119 19.85 -16.31 20.70
CA GLU G 119 20.23 -15.49 21.83
C GLU G 119 19.47 -14.17 21.82
N PHE G 120 18.93 -13.80 22.98
CA PHE G 120 18.09 -12.63 23.12
C PHE G 120 18.60 -11.76 24.25
N LYS G 121 18.59 -10.45 24.03
CA LYS G 121 19.01 -9.47 25.04
C LYS G 121 17.89 -8.46 25.22
N ASN G 122 17.48 -8.27 26.48
CA ASN G 122 16.37 -7.38 26.79
C ASN G 122 16.83 -5.93 26.74
N GLU G 123 15.96 -5.05 26.27
CA GLU G 123 16.21 -3.62 26.28
C GLU G 123 15.04 -2.91 26.94
N SER G 124 15.34 -1.77 27.56
CA SER G 124 14.34 -1.02 28.32
C SER G 124 13.82 0.11 27.46
N PHE G 125 12.80 -0.18 26.66
CA PHE G 125 12.06 0.85 25.96
C PHE G 125 11.13 1.58 26.92
N ASN G 126 10.86 2.86 26.63
CA ASN G 126 10.10 3.67 27.57
C ASN G 126 8.63 3.22 27.60
N TRP G 127 7.94 3.34 26.47
CA TRP G 127 6.52 2.98 26.35
C TRP G 127 5.69 3.64 27.43
N THR G 128 5.73 4.97 27.46
CA THR G 128 5.02 5.74 28.46
C THR G 128 3.66 6.19 27.92
N GLY G 129 2.64 6.04 28.76
CA GLY G 129 1.28 6.41 28.39
C GLY G 129 0.41 5.28 27.87
N VAL G 130 0.91 4.05 27.85
CA VAL G 130 0.16 2.90 27.34
C VAL G 130 0.28 1.74 28.33
N THR G 131 -0.57 0.73 28.11
CA THR G 131 -0.53 -0.49 28.90
C THR G 131 0.35 -1.53 28.20
N GLN G 132 1.06 -2.32 29.02
CA GLN G 132 2.02 -3.29 28.53
C GLN G 132 1.59 -4.71 28.91
N ASN G 133 2.21 -5.69 28.24
CA ASN G 133 2.05 -7.11 28.56
C ASN G 133 0.60 -7.58 28.38
N GLY G 134 0.10 -7.41 27.15
CA GLY G 134 -1.22 -7.92 26.83
C GLY G 134 -1.23 -9.42 26.67
N THR G 135 -2.36 -10.04 27.02
CA THR G 135 -2.52 -11.49 26.96
C THR G 135 -3.81 -11.85 26.24
N SER G 136 -3.81 -13.02 25.60
CA SER G 136 -4.94 -13.47 24.81
C SER G 136 -5.36 -14.87 25.26
N SER G 137 -6.66 -15.16 25.15
CA SER G 137 -7.18 -16.46 25.54
C SER G 137 -6.79 -17.56 24.55
N ALA G 138 -6.36 -17.19 23.34
CA ALA G 138 -5.95 -18.16 22.34
C ALA G 138 -4.50 -18.61 22.53
N CYS G 139 -3.77 -18.01 23.47
CA CYS G 139 -2.38 -18.36 23.76
C CYS G 139 -2.30 -18.68 25.24
N ILE G 140 -2.33 -19.96 25.59
CA ILE G 140 -2.33 -20.42 26.96
C ILE G 140 -0.96 -21.00 27.29
N ARG G 141 -0.30 -20.43 28.30
CA ARG G 141 1.01 -20.89 28.73
C ARG G 141 0.92 -21.81 29.94
N GLY G 142 0.35 -21.33 31.04
CA GLY G 142 0.05 -22.17 32.17
C GLY G 142 -1.41 -22.56 32.21
N SER G 143 -2.13 -22.06 33.22
CA SER G 143 -3.59 -22.17 33.25
C SER G 143 -4.28 -20.86 32.88
N SER G 144 -3.51 -19.82 32.57
CA SER G 144 -4.05 -18.49 32.30
C SER G 144 -3.66 -18.02 30.91
N SER G 145 -4.25 -16.90 30.51
CA SER G 145 -3.96 -16.31 29.21
C SER G 145 -2.53 -15.79 29.17
N SER G 146 -1.93 -15.84 27.99
CA SER G 146 -0.55 -15.40 27.80
C SER G 146 -0.40 -14.84 26.39
N PHE G 147 0.85 -14.67 25.97
CA PHE G 147 1.18 -14.11 24.66
C PHE G 147 2.58 -14.59 24.30
N PHE G 148 3.09 -14.10 23.17
CA PHE G 148 4.47 -14.40 22.79
C PHE G 148 5.44 -13.81 23.80
N SER G 149 6.48 -14.57 24.12
CA SER G 149 7.42 -14.14 25.16
C SER G 149 8.32 -13.01 24.68
N ARG G 150 8.63 -12.96 23.39
CA ARG G 150 9.55 -11.97 22.85
C ARG G 150 8.84 -10.75 22.27
N LEU G 151 7.51 -10.68 22.37
CA LEU G 151 6.76 -9.57 21.81
C LEU G 151 5.95 -8.90 22.91
N ASN G 152 5.76 -7.59 22.77
CA ASN G 152 5.00 -6.80 23.73
C ASN G 152 3.77 -6.23 23.06
N TRP G 153 2.60 -6.50 23.64
CA TRP G 153 1.31 -6.05 23.11
C TRP G 153 0.92 -4.79 23.87
N LEU G 154 1.09 -3.63 23.22
CA LEU G 154 0.76 -2.35 23.83
C LEU G 154 -0.68 -1.99 23.52
N THR G 155 -1.41 -1.60 24.55
CA THR G 155 -2.82 -1.23 24.41
C THR G 155 -3.10 0.11 25.09
N HIS G 156 -4.37 0.48 25.16
CA HIS G 156 -4.76 1.74 25.76
C HIS G 156 -4.47 1.75 27.26
N LEU G 157 -4.25 2.95 27.80
CA LEU G 157 -4.10 3.17 29.23
C LEU G 157 -5.20 4.13 29.64
N ASN G 158 -6.14 3.64 30.45
CA ASN G 158 -7.29 4.43 30.90
C ASN G 158 -8.04 4.99 29.68
N TYR G 159 -8.17 4.16 28.65
CA TYR G 159 -8.89 4.50 27.42
C TYR G 159 -8.27 5.68 26.69
N THR G 160 -6.94 5.81 26.75
CA THR G 160 -6.20 6.77 25.95
C THR G 160 -4.98 6.09 25.36
N TYR G 161 -4.58 6.55 24.17
CA TYR G 161 -3.41 6.01 23.47
C TYR G 161 -2.64 7.15 22.83
N PRO G 162 -1.68 7.73 23.54
CA PRO G 162 -0.87 8.81 22.96
C PRO G 162 0.11 8.29 21.93
N ALA G 163 0.53 9.20 21.05
CA ALA G 163 1.53 8.88 20.04
C ALA G 163 2.87 8.55 20.69
N LEU G 164 3.54 7.55 20.14
CA LEU G 164 4.79 7.04 20.69
C LEU G 164 5.95 7.50 19.83
N ASN G 165 6.99 8.06 20.46
CA ASN G 165 8.20 8.52 19.79
C ASN G 165 9.36 7.97 20.63
N VAL G 166 9.81 6.77 20.27
CA VAL G 166 10.78 6.01 21.05
C VAL G 166 11.98 5.71 20.17
N THR G 167 13.17 5.81 20.76
CA THR G 167 14.42 5.60 20.06
C THR G 167 15.28 4.58 20.80
N MET G 168 16.15 3.91 20.06
CA MET G 168 17.11 3.00 20.66
C MET G 168 18.37 2.99 19.81
N PRO G 169 19.49 3.47 20.35
CA PRO G 169 20.74 3.52 19.59
C PRO G 169 21.53 2.22 19.68
N ASN G 170 22.33 1.97 18.65
CA ASN G 170 23.21 0.82 18.59
C ASN G 170 24.63 1.31 18.85
N ASN G 171 25.07 1.19 20.10
CA ASN G 171 26.41 1.58 20.52
C ASN G 171 27.37 0.41 20.57
N GLU G 172 26.94 -0.77 20.13
CA GLU G 172 27.77 -1.96 20.17
C GLU G 172 28.60 -2.08 18.90
N GLN G 173 29.35 -3.18 18.80
CA GLN G 173 30.19 -3.45 17.64
C GLN G 173 29.57 -4.48 16.70
N PHE G 174 28.31 -4.85 16.92
CA PHE G 174 27.66 -5.88 16.13
C PHE G 174 26.27 -5.41 15.72
N ASP G 175 25.72 -6.12 14.74
CA ASP G 175 24.37 -5.82 14.25
C ASP G 175 23.32 -6.29 15.25
N LYS G 176 22.16 -5.65 15.21
CA LYS G 176 21.02 -6.02 16.02
C LYS G 176 19.83 -6.37 15.14
N LEU G 177 19.09 -7.39 15.52
CA LEU G 177 17.88 -7.81 14.82
C LEU G 177 16.67 -7.58 15.71
N TYR G 178 15.67 -6.86 15.18
CA TYR G 178 14.46 -6.55 15.91
C TYR G 178 13.26 -7.18 15.20
N ILE G 179 12.38 -7.80 15.99
CA ILE G 179 11.16 -8.40 15.48
C ILE G 179 9.98 -7.65 16.09
N TRP G 180 9.11 -7.12 15.23
CA TRP G 180 7.93 -6.39 15.67
C TRP G 180 6.74 -6.83 14.81
N GLY G 181 5.56 -6.30 15.13
CA GLY G 181 4.35 -6.73 14.46
C GLY G 181 3.28 -5.65 14.44
N VAL G 182 2.29 -5.88 13.58
CA VAL G 182 1.10 -5.05 13.48
C VAL G 182 -0.12 -5.94 13.70
N HIS G 183 -1.15 -5.37 14.32
CA HIS G 183 -2.35 -6.11 14.67
C HIS G 183 -3.50 -5.67 13.78
N HIS G 184 -4.19 -6.65 13.18
CA HIS G 184 -5.34 -6.39 12.33
C HIS G 184 -6.60 -6.89 13.01
N PRO G 185 -7.43 -6.01 13.58
CA PRO G 185 -8.66 -6.47 14.23
C PRO G 185 -9.70 -6.89 13.20
N GLY G 186 -10.72 -7.59 13.69
CA GLY G 186 -11.77 -8.06 12.81
C GLY G 186 -12.87 -7.07 12.53
N THR G 187 -13.04 -6.08 13.40
CA THR G 187 -14.11 -5.09 13.27
C THR G 187 -13.60 -3.75 13.78
N ASP G 188 -14.39 -2.71 13.51
CA ASP G 188 -14.05 -1.38 14.00
C ASP G 188 -14.32 -1.28 15.50
N LYS G 189 -15.38 -1.94 15.97
CA LYS G 189 -15.64 -2.02 17.40
C LYS G 189 -14.41 -2.53 18.14
N ASP G 190 -13.80 -3.62 17.64
CA ASP G 190 -12.63 -4.19 18.31
C ASP G 190 -11.47 -3.20 18.29
N GLN G 191 -11.23 -2.57 17.14
CA GLN G 191 -10.24 -1.51 17.04
C GLN G 191 -10.40 -0.51 18.18
N ILE G 192 -11.60 0.07 18.31
CA ILE G 192 -11.83 1.07 19.34
C ILE G 192 -11.65 0.45 20.74
N PHE G 193 -12.24 -0.72 20.96
CA PHE G 193 -12.16 -1.42 22.23
C PHE G 193 -10.74 -1.70 22.69
N LEU G 194 -9.78 -1.77 21.77
CA LEU G 194 -8.40 -1.99 22.20
C LEU G 194 -7.52 -0.75 22.17
N TYR G 195 -7.72 0.13 21.19
CA TYR G 195 -6.80 1.25 20.99
C TYR G 195 -7.44 2.61 21.21
N ALA G 196 -8.75 2.67 21.47
CA ALA G 196 -9.50 3.87 21.78
C ALA G 196 -9.64 4.81 20.60
N GLN G 197 -9.11 4.45 19.42
CA GLN G 197 -9.25 5.27 18.23
C GLN G 197 -9.18 4.35 17.01
N SER G 198 -9.75 4.83 15.91
CA SER G 198 -9.99 4.00 14.74
C SER G 198 -8.97 4.21 13.62
N SER G 199 -7.88 4.92 13.88
CA SER G 199 -6.89 5.22 12.84
C SER G 199 -5.50 5.02 13.43
N GLY G 200 -4.91 3.86 13.18
CA GLY G 200 -3.57 3.54 13.62
C GLY G 200 -2.60 3.51 12.46
N ARG G 201 -1.34 3.80 12.75
CA ARG G 201 -0.30 3.79 11.73
C ARG G 201 1.04 3.57 12.43
N ILE G 202 1.93 2.82 11.77
CA ILE G 202 3.23 2.48 12.32
C ILE G 202 4.32 2.86 11.33
N THR G 203 5.38 3.49 11.82
CA THR G 203 6.54 3.81 11.00
C THR G 203 7.79 3.45 11.79
N VAL G 204 8.56 2.49 11.28
CA VAL G 204 9.81 2.07 11.88
C VAL G 204 10.93 2.42 10.91
N SER G 205 11.89 3.21 11.37
CA SER G 205 12.90 3.78 10.47
C SER G 205 14.27 3.71 11.11
N THR G 206 15.28 3.67 10.25
CA THR G 206 16.68 3.83 10.62
C THR G 206 17.32 4.77 9.61
N LYS G 207 18.56 5.18 9.89
CA LYS G 207 19.23 6.17 9.04
C LYS G 207 19.29 5.75 7.58
N ARG G 208 19.11 4.46 7.28
CA ARG G 208 19.19 3.97 5.91
C ARG G 208 17.96 3.16 5.48
N SER G 209 16.87 3.19 6.24
CA SER G 209 15.70 2.41 5.89
C SER G 209 14.46 2.98 6.57
N GLN G 210 13.29 2.62 6.02
CA GLN G 210 12.01 3.01 6.58
C GLN G 210 10.97 1.97 6.17
N GLN G 211 10.04 1.69 7.08
CA GLN G 211 8.97 0.74 6.84
C GLN G 211 7.66 1.30 7.41
N ALA G 212 6.67 1.50 6.55
CA ALA G 212 5.37 2.02 6.95
C ALA G 212 4.31 0.94 6.74
N VAL G 213 3.55 0.65 7.81
CA VAL G 213 2.53 -0.39 7.79
C VAL G 213 1.23 0.20 8.31
N ILE G 214 0.13 -0.08 7.61
CA ILE G 214 -1.20 0.37 8.00
C ILE G 214 -2.07 -0.87 8.21
N PRO G 215 -2.75 -0.99 9.35
CA PRO G 215 -3.60 -2.17 9.57
C PRO G 215 -4.80 -2.20 8.63
N ASN G 216 -5.25 -3.42 8.34
CA ASN G 216 -6.42 -3.66 7.48
C ASN G 216 -7.51 -4.32 8.32
N ILE G 217 -8.49 -3.52 8.75
CA ILE G 217 -9.59 -4.05 9.54
C ILE G 217 -10.54 -4.83 8.64
N GLY G 218 -10.87 -6.06 9.04
CA GLY G 218 -11.78 -6.88 8.27
C GLY G 218 -11.93 -8.23 8.92
N SER G 219 -12.98 -8.95 8.47
CA SER G 219 -13.28 -10.27 9.01
C SER G 219 -12.47 -11.33 8.27
N ARG G 220 -12.02 -12.33 9.01
CA ARG G 220 -11.22 -13.42 8.49
C ARG G 220 -11.67 -14.72 9.15
N PRO G 221 -11.42 -15.86 8.51
CA PRO G 221 -11.81 -17.14 9.11
C PRO G 221 -11.18 -17.34 10.48
N ARG G 222 -11.96 -17.93 11.38
CA ARG G 222 -11.57 -18.03 12.78
C ARG G 222 -10.62 -19.20 13.00
N ILE G 223 -9.50 -18.93 13.68
CA ILE G 223 -8.57 -19.95 14.14
C ILE G 223 -8.51 -19.84 15.66
N ARG G 224 -8.92 -20.91 16.35
CA ARG G 224 -9.05 -20.90 17.80
C ARG G 224 -9.98 -19.79 18.26
N ASP G 225 -11.08 -19.62 17.51
CA ASP G 225 -12.15 -18.65 17.76
C ASP G 225 -11.72 -17.21 17.52
N ILE G 226 -10.55 -16.97 16.96
CA ILE G 226 -10.02 -15.63 16.76
C ILE G 226 -10.07 -15.31 15.27
N PRO G 227 -10.82 -14.29 14.85
CA PRO G 227 -10.79 -13.88 13.44
C PRO G 227 -9.66 -12.92 13.10
N SER G 228 -9.05 -12.27 14.08
CA SER G 228 -8.00 -11.31 13.84
C SER G 228 -6.68 -12.00 13.50
N ARG G 229 -5.73 -11.22 12.98
CA ARG G 229 -4.44 -11.74 12.56
C ARG G 229 -3.36 -10.76 13.01
N ILE G 230 -2.11 -11.18 12.84
CA ILE G 230 -0.95 -10.36 13.14
C ILE G 230 0.08 -10.55 12.03
N SER G 231 0.66 -9.45 11.57
CA SER G 231 1.71 -9.49 10.56
C SER G 231 3.04 -9.15 11.20
N ILE G 232 4.08 -9.90 10.83
CA ILE G 232 5.38 -9.84 11.47
C ILE G 232 6.38 -9.18 10.52
N TYR G 233 7.14 -8.23 11.04
CA TYR G 233 8.18 -7.53 10.29
C TYR G 233 9.46 -7.52 11.10
N TRP G 234 10.59 -7.36 10.42
CA TRP G 234 11.88 -7.33 11.08
C TRP G 234 12.72 -6.17 10.56
N THR G 235 13.63 -5.70 11.41
CA THR G 235 14.51 -4.57 11.08
C THR G 235 15.89 -4.86 11.64
N ILE G 236 16.91 -4.53 10.84
CA ILE G 236 18.31 -4.75 11.21
C ILE G 236 18.98 -3.40 11.40
N VAL G 237 19.67 -3.24 12.53
CA VAL G 237 20.33 -1.98 12.88
C VAL G 237 21.83 -2.23 12.91
N LYS G 238 22.57 -1.45 12.12
CA LYS G 238 24.03 -1.54 12.09
C LYS G 238 24.64 -0.79 13.26
N PRO G 239 25.88 -1.13 13.62
CA PRO G 239 26.57 -0.36 14.67
C PRO G 239 26.69 1.11 14.29
N GLY G 240 26.49 1.98 15.29
CA GLY G 240 26.50 3.40 15.04
C GLY G 240 25.20 3.96 14.53
N ASP G 241 24.19 3.13 14.31
CA ASP G 241 22.89 3.55 13.81
C ASP G 241 21.92 3.67 14.98
N ILE G 242 20.71 4.13 14.68
CA ILE G 242 19.68 4.34 15.69
C ILE G 242 18.36 3.81 15.14
N LEU G 243 17.55 3.20 16.00
CA LEU G 243 16.24 2.68 15.64
C LEU G 243 15.18 3.61 16.22
N LEU G 244 14.24 4.03 15.36
CA LEU G 244 13.17 4.92 15.76
C LEU G 244 11.84 4.27 15.43
N ILE G 245 10.90 4.30 16.38
CA ILE G 245 9.56 3.77 16.19
C ILE G 245 8.56 4.87 16.49
N ASN G 246 7.67 5.14 15.53
CA ASN G 246 6.65 6.17 15.68
C ASN G 246 5.31 5.55 15.33
N SER G 247 4.44 5.39 16.32
CA SER G 247 3.23 4.61 16.17
C SER G 247 2.08 5.34 16.87
N THR G 248 0.86 5.03 16.40
CA THR G 248 -0.36 5.54 17.02
C THR G 248 -1.32 4.43 17.41
N GLY G 249 -0.97 3.17 17.17
CA GLY G 249 -1.83 2.07 17.53
C GLY G 249 -1.47 0.83 16.74
N ASN G 250 -2.08 -0.28 17.14
CA ASN G 250 -1.92 -1.58 16.47
C ASN G 250 -0.46 -2.02 16.41
N LEU G 251 0.32 -1.68 17.43
CA LEU G 251 1.75 -1.98 17.45
C LEU G 251 2.02 -3.14 18.40
N ILE G 252 2.74 -4.15 17.89
CA ILE G 252 3.27 -5.23 18.72
C ILE G 252 4.76 -4.95 18.89
N ALA G 253 5.10 -4.37 20.04
CA ALA G 253 6.44 -3.86 20.27
C ALA G 253 7.44 -4.98 20.55
N PRO G 254 8.72 -4.76 20.27
CA PRO G 254 9.75 -5.71 20.66
C PRO G 254 10.26 -5.47 22.07
N ARG G 255 10.69 -6.55 22.71
CA ARG G 255 11.26 -6.48 24.05
C ARG G 255 12.77 -6.40 24.04
N GLY G 256 13.40 -6.48 22.87
CA GLY G 256 14.85 -6.48 22.79
C GLY G 256 15.30 -6.81 21.39
N TYR G 257 16.53 -7.30 21.28
CA TYR G 257 17.12 -7.63 19.99
C TYR G 257 17.75 -9.01 20.04
N PHE G 258 17.83 -9.64 18.86
CA PHE G 258 18.57 -10.88 18.67
C PHE G 258 19.93 -10.56 18.08
N LYS G 259 20.95 -11.31 18.49
CA LYS G 259 22.27 -11.18 17.88
C LYS G 259 22.30 -12.00 16.60
N ILE G 260 22.58 -11.35 15.47
CA ILE G 260 22.59 -11.99 14.17
C ILE G 260 24.05 -12.11 13.72
N ARG G 261 24.47 -13.33 13.44
CA ARG G 261 25.84 -13.61 13.02
C ARG G 261 25.84 -14.44 11.74
N SER G 262 27.02 -14.90 11.34
CA SER G 262 27.17 -15.71 10.13
C SER G 262 27.91 -16.99 10.49
N GLY G 263 27.52 -18.08 9.86
CA GLY G 263 28.12 -19.36 10.17
C GLY G 263 27.60 -20.44 9.25
N LYS G 264 27.92 -21.69 9.61
CA LYS G 264 27.57 -22.86 8.82
C LYS G 264 26.21 -23.44 9.20
N SER G 265 25.37 -22.67 9.89
CA SER G 265 24.09 -23.20 10.34
C SER G 265 23.10 -23.27 9.20
N SER G 266 22.10 -24.14 9.35
CA SER G 266 21.05 -24.32 8.35
C SER G 266 19.84 -24.95 9.02
N ILE G 267 18.79 -25.17 8.21
CA ILE G 267 17.55 -25.77 8.68
C ILE G 267 17.16 -26.88 7.72
N MET G 268 16.58 -27.96 8.28
CA MET G 268 16.20 -29.12 7.49
C MET G 268 14.86 -29.65 7.97
N ARG G 269 14.02 -30.07 7.02
CA ARG G 269 12.75 -30.72 7.33
C ARG G 269 12.94 -32.23 7.24
N SER G 270 12.68 -32.93 8.35
CA SER G 270 12.86 -34.38 8.38
C SER G 270 12.08 -34.95 9.55
N ASP G 271 11.64 -36.19 9.40
CA ASP G 271 10.94 -36.92 10.45
C ASP G 271 11.79 -38.05 11.02
N ALA G 272 13.07 -38.12 10.65
CA ALA G 272 13.93 -39.18 11.15
C ALA G 272 14.28 -38.94 12.61
N PRO G 273 14.34 -40.00 13.42
CA PRO G 273 14.71 -39.83 14.84
C PRO G 273 16.18 -39.47 14.99
N ILE G 274 16.50 -38.84 16.11
CA ILE G 274 17.87 -38.47 16.44
C ILE G 274 18.52 -39.64 17.17
N GLY G 275 19.66 -40.09 16.66
CA GLY G 275 20.38 -41.19 17.25
C GLY G 275 21.61 -40.77 18.01
N LYS G 276 22.59 -41.68 18.14
CA LYS G 276 23.87 -41.37 18.79
C LYS G 276 24.97 -42.06 17.99
N CYS G 277 25.51 -41.35 17.00
CA CYS G 277 26.56 -41.88 16.14
C CYS G 277 27.39 -40.71 15.64
N LYS G 278 28.20 -40.95 14.61
CA LYS G 278 29.02 -39.91 14.01
C LYS G 278 28.91 -39.99 12.50
N SER G 279 28.65 -38.84 11.86
CA SER G 279 28.57 -38.74 10.41
C SER G 279 28.63 -37.28 9.97
N GLU G 280 29.46 -36.98 8.99
CA GLU G 280 29.65 -35.61 8.53
C GLU G 280 28.65 -35.19 7.47
N CYS G 281 27.70 -36.07 7.13
CA CYS G 281 26.72 -35.80 6.09
C CYS G 281 25.33 -36.14 6.64
N ILE G 282 24.45 -35.14 6.69
CA ILE G 282 23.09 -35.34 7.13
C ILE G 282 22.16 -35.16 5.93
N THR G 283 21.33 -36.18 5.70
CA THR G 283 20.25 -36.18 4.72
C THR G 283 18.92 -36.19 5.45
N PRO G 284 17.83 -35.70 4.81
CA PRO G 284 16.51 -35.86 5.44
C PRO G 284 16.23 -37.27 5.91
N ASN G 285 16.65 -38.28 5.14
CA ASN G 285 16.48 -39.66 5.58
C ASN G 285 17.76 -40.10 6.30
N GLY G 286 17.79 -39.91 7.62
CA GLY G 286 18.96 -40.22 8.41
C GLY G 286 20.29 -39.67 7.91
N SER G 287 21.37 -40.11 8.55
CA SER G 287 22.73 -39.79 8.15
C SER G 287 23.26 -40.86 7.21
N ILE G 288 24.10 -40.45 6.25
CA ILE G 288 24.61 -41.41 5.27
C ILE G 288 26.13 -41.40 5.26
N PRO G 289 26.77 -42.54 4.99
CA PRO G 289 28.24 -42.56 4.89
C PRO G 289 28.74 -41.74 3.72
N ASN G 290 29.87 -41.05 3.92
CA ASN G 290 30.39 -40.09 2.95
C ASN G 290 31.73 -40.56 2.39
N ASP G 291 31.87 -41.87 2.19
CA ASP G 291 33.09 -42.43 1.60
C ASP G 291 33.04 -42.48 0.08
N LYS G 292 31.88 -42.79 -0.48
CA LYS G 292 31.71 -42.83 -1.94
C LYS G 292 31.53 -41.41 -2.48
N PRO G 293 31.94 -41.16 -3.72
CA PRO G 293 31.86 -39.79 -4.25
C PRO G 293 30.47 -39.38 -4.73
N PHE G 294 29.55 -40.30 -4.91
CA PHE G 294 28.22 -39.98 -5.41
C PHE G 294 27.16 -40.68 -4.58
N GLN G 295 25.95 -40.13 -4.63
CA GLN G 295 24.81 -40.68 -3.90
C GLN G 295 23.54 -40.34 -4.65
N ASN G 296 22.45 -41.04 -4.29
CA ASN G 296 21.16 -40.80 -4.91
C ASN G 296 20.01 -40.77 -3.90
N VAL G 297 20.30 -40.74 -2.60
CA VAL G 297 19.24 -40.82 -1.59
C VAL G 297 18.36 -39.58 -1.64
N ASN G 298 18.96 -38.40 -1.65
CA ASN G 298 18.21 -37.16 -1.60
C ASN G 298 19.08 -36.02 -2.13
N ARG G 299 18.42 -35.04 -2.73
CA ARG G 299 19.10 -33.84 -3.21
C ARG G 299 19.33 -32.81 -2.11
N ILE G 300 18.70 -32.96 -0.95
CA ILE G 300 18.90 -32.07 0.18
C ILE G 300 19.96 -32.68 1.08
N THR G 301 21.04 -31.95 1.30
CA THR G 301 22.18 -32.46 2.05
C THR G 301 22.73 -31.36 2.96
N TYR G 302 23.39 -31.79 4.03
CA TYR G 302 24.07 -30.88 4.93
C TYR G 302 25.41 -31.46 5.33
N GLY G 303 26.45 -30.65 5.33
CA GLY G 303 27.78 -31.09 5.68
C GLY G 303 28.53 -31.64 4.49
N ALA G 304 29.58 -32.40 4.79
CA ALA G 304 30.42 -33.02 3.77
C ALA G 304 29.66 -34.22 3.21
N CYS G 305 29.08 -34.05 2.02
CA CYS G 305 28.23 -35.06 1.42
C CYS G 305 28.70 -35.37 0.00
N PRO G 306 28.43 -36.58 -0.48
CA PRO G 306 28.72 -36.89 -1.88
C PRO G 306 27.76 -36.17 -2.81
N ARG G 307 28.17 -36.05 -4.07
CA ARG G 307 27.32 -35.40 -5.07
C ARG G 307 26.09 -36.25 -5.37
N TYR G 308 24.98 -35.57 -5.63
CA TYR G 308 23.73 -36.24 -5.95
C TYR G 308 23.64 -36.47 -7.45
N VAL G 309 23.34 -37.71 -7.85
CA VAL G 309 23.20 -38.07 -9.25
C VAL G 309 21.93 -38.89 -9.42
N LYS G 310 21.44 -38.92 -10.66
CA LYS G 310 20.23 -39.68 -10.97
C LYS G 310 20.51 -41.17 -11.15
N GLN G 311 21.74 -41.54 -11.47
CA GLN G 311 22.07 -42.95 -11.68
C GLN G 311 21.92 -43.72 -10.38
N SER G 312 21.30 -44.88 -10.45
CA SER G 312 21.10 -45.73 -9.28
C SER G 312 22.26 -46.68 -9.03
N THR G 313 23.20 -46.78 -9.97
CA THR G 313 24.32 -47.71 -9.83
C THR G 313 25.43 -47.29 -10.77
N LEU G 314 26.63 -47.13 -10.23
CA LEU G 314 27.84 -46.88 -11.00
C LEU G 314 28.93 -47.82 -10.52
N LYS G 315 29.52 -48.57 -11.44
CA LYS G 315 30.50 -49.59 -11.12
C LYS G 315 31.89 -49.14 -11.58
N LEU G 316 32.87 -49.25 -10.70
CA LEU G 316 34.24 -48.92 -11.03
C LEU G 316 35.09 -50.16 -11.24
N ASN G 389 33.53 -31.32 -0.87
CA ASN G 389 32.19 -30.78 -1.02
C ASN G 389 31.51 -30.56 0.33
N GLU G 390 31.43 -29.30 0.74
CA GLU G 390 30.84 -28.94 2.03
C GLU G 390 30.13 -27.61 1.83
N LYS G 391 28.80 -27.62 1.93
CA LYS G 391 28.00 -26.50 1.44
C LYS G 391 27.26 -25.76 2.53
N PHE G 392 26.83 -26.44 3.59
CA PHE G 392 26.11 -25.81 4.71
C PHE G 392 24.79 -25.26 4.16
N HIS G 393 24.47 -23.99 4.41
CA HIS G 393 23.17 -23.45 4.02
C HIS G 393 23.06 -23.39 2.50
N GLN G 394 21.89 -23.76 1.98
CA GLN G 394 21.64 -23.79 0.55
C GLN G 394 20.22 -23.28 0.30
N ILE G 395 19.74 -23.48 -0.93
CA ILE G 395 18.40 -23.04 -1.32
C ILE G 395 17.38 -24.13 -0.99
N GLU G 396 16.12 -23.73 -0.94
CA GLU G 396 15.04 -24.68 -0.71
C GLU G 396 14.74 -25.46 -1.99
N LYS G 397 14.57 -26.78 -1.84
CA LYS G 397 14.43 -27.67 -2.99
C LYS G 397 13.10 -28.42 -3.01
N GLU G 398 12.21 -28.17 -2.05
CA GLU G 398 10.87 -28.74 -2.05
C GLU G 398 9.88 -27.66 -1.69
N PHE G 399 8.73 -27.66 -2.37
CA PHE G 399 7.72 -26.63 -2.20
C PHE G 399 6.35 -27.28 -2.06
N SER G 400 5.56 -26.76 -1.11
CA SER G 400 4.21 -27.27 -0.89
C SER G 400 3.13 -26.40 -1.52
N GLU G 401 3.50 -25.23 -2.05
CA GLU G 401 2.56 -24.33 -2.69
C GLU G 401 3.14 -23.84 -4.01
N VAL G 402 2.26 -23.60 -4.98
CA VAL G 402 2.67 -23.07 -6.26
C VAL G 402 2.82 -21.55 -6.14
N GLU G 403 3.95 -21.04 -6.61
CA GLU G 403 4.24 -19.62 -6.45
C GLU G 403 4.56 -18.95 -7.78
N GLY G 404 5.05 -19.71 -8.76
CA GLY G 404 5.32 -19.15 -10.06
C GLY G 404 6.79 -18.92 -10.39
N ARG G 405 7.08 -17.73 -10.89
CA ARG G 405 8.39 -17.35 -11.41
C ARG G 405 9.55 -17.80 -10.54
N ILE G 406 9.57 -17.36 -9.27
CA ILE G 406 10.71 -17.62 -8.39
C ILE G 406 10.91 -19.11 -8.20
N GLN G 407 9.82 -19.84 -7.95
CA GLN G 407 9.93 -21.27 -7.69
C GLN G 407 10.35 -22.02 -8.94
N ASP G 408 9.87 -21.56 -10.10
CA ASP G 408 10.29 -22.14 -11.38
C ASP G 408 11.79 -21.95 -11.59
N LEU G 409 12.30 -20.74 -11.35
CA LEU G 409 13.73 -20.50 -11.46
C LEU G 409 14.53 -21.39 -10.52
N GLU G 410 14.09 -21.53 -9.26
CA GLU G 410 14.81 -22.39 -8.33
C GLU G 410 14.84 -23.84 -8.82
N LYS G 411 13.69 -24.34 -9.28
CA LYS G 411 13.63 -25.71 -9.79
C LYS G 411 14.54 -25.88 -11.00
N TYR G 412 14.53 -24.91 -11.92
CA TYR G 412 15.38 -24.96 -13.09
C TYR G 412 16.85 -25.01 -12.72
N VAL G 413 17.26 -24.16 -11.78
CA VAL G 413 18.65 -24.18 -11.29
C VAL G 413 19.02 -25.56 -10.77
N GLU G 414 18.20 -26.12 -9.88
CA GLU G 414 18.54 -27.41 -9.29
C GLU G 414 18.54 -28.52 -10.33
N ASP G 415 17.61 -28.48 -11.29
CA ASP G 415 17.59 -29.47 -12.37
C ASP G 415 18.85 -29.40 -13.21
N THR G 416 19.28 -28.18 -13.57
CA THR G 416 20.52 -28.02 -14.32
C THR G 416 21.70 -28.61 -13.58
N LYS G 417 21.82 -28.28 -12.28
CA LYS G 417 22.90 -28.81 -11.48
C LYS G 417 22.89 -30.34 -11.51
N ILE G 418 21.73 -30.94 -11.23
CA ILE G 418 21.63 -32.39 -11.18
C ILE G 418 22.06 -33.01 -12.50
N ASP G 419 21.55 -32.48 -13.62
CA ASP G 419 21.83 -33.08 -14.92
C ASP G 419 23.32 -32.99 -15.26
N LEU G 420 23.93 -31.82 -15.00
CA LEU G 420 25.35 -31.67 -15.30
C LEU G 420 26.20 -32.60 -14.43
N TRP G 421 25.86 -32.75 -13.15
CA TRP G 421 26.65 -33.63 -12.31
C TRP G 421 26.44 -35.10 -12.67
N SER G 422 25.24 -35.46 -13.15
CA SER G 422 25.03 -36.83 -13.63
C SER G 422 25.88 -37.11 -14.85
N TYR G 423 25.95 -36.15 -15.79
CA TYR G 423 26.83 -36.31 -16.95
C TYR G 423 28.28 -36.47 -16.51
N ASN G 424 28.71 -35.62 -15.57
CA ASN G 424 30.09 -35.71 -15.07
C ASN G 424 30.37 -37.09 -14.50
N ALA G 425 29.47 -37.58 -13.63
CA ALA G 425 29.62 -38.90 -13.04
C ALA G 425 29.78 -39.98 -14.11
N GLU G 426 28.84 -40.02 -15.06
CA GLU G 426 28.89 -41.03 -16.11
C GLU G 426 30.23 -41.00 -16.85
N LEU G 427 30.62 -39.80 -17.32
CA LEU G 427 31.85 -39.67 -18.08
C LEU G 427 33.06 -40.13 -17.27
N LEU G 428 33.10 -39.72 -15.99
CA LEU G 428 34.23 -40.08 -15.13
C LEU G 428 34.34 -41.59 -15.00
N VAL G 429 33.22 -42.24 -14.67
CA VAL G 429 33.24 -43.70 -14.50
C VAL G 429 33.73 -44.36 -15.77
N ALA G 430 33.17 -43.96 -16.92
CA ALA G 430 33.59 -44.54 -18.19
C ALA G 430 35.09 -44.40 -18.39
N LEU G 431 35.61 -43.17 -18.25
CA LEU G 431 37.04 -42.92 -18.45
C LEU G 431 37.89 -43.80 -17.55
N GLU G 432 37.56 -43.84 -16.25
CA GLU G 432 38.35 -44.62 -15.30
C GLU G 432 38.36 -46.09 -15.68
N ASN G 433 37.18 -46.64 -15.96
CA ASN G 433 37.09 -48.05 -16.40
C ASN G 433 37.99 -48.31 -17.60
N GLN G 434 37.88 -47.45 -18.63
CA GLN G 434 38.69 -47.61 -19.83
C GLN G 434 40.17 -47.62 -19.50
N HIS G 435 40.64 -46.59 -18.78
CA HIS G 435 42.07 -46.47 -18.49
C HIS G 435 42.55 -47.67 -17.68
N THR G 436 41.72 -48.18 -16.76
CA THR G 436 42.13 -49.32 -15.96
C THR G 436 42.25 -50.57 -16.82
N ILE G 437 41.25 -50.83 -17.67
CA ILE G 437 41.34 -51.93 -18.63
C ILE G 437 42.63 -51.82 -19.43
N ASP G 438 42.94 -50.62 -19.93
CA ASP G 438 44.10 -50.44 -20.77
C ASP G 438 45.39 -50.72 -20.00
N LEU G 439 45.47 -50.25 -18.76
CA LEU G 439 46.69 -50.42 -17.97
C LEU G 439 46.86 -51.83 -17.44
N THR G 440 45.79 -52.62 -17.37
CA THR G 440 45.92 -54.01 -16.96
C THR G 440 46.27 -54.94 -18.10
N ASP G 441 46.03 -54.55 -19.35
CA ASP G 441 46.46 -55.35 -20.49
C ASP G 441 47.87 -54.97 -20.93
N VAL H 11 -32.92 -15.19 49.98
CA VAL H 11 -32.24 -14.53 51.07
C VAL H 11 -30.98 -15.28 51.46
N LYS H 12 -29.86 -14.58 51.48
CA LYS H 12 -28.56 -15.17 51.79
C LYS H 12 -28.15 -14.81 53.22
N LYS H 13 -27.60 -15.79 53.93
CA LYS H 13 -27.13 -15.55 55.28
C LYS H 13 -25.89 -14.66 55.24
N PRO H 14 -25.70 -13.82 56.27
CA PRO H 14 -24.48 -13.00 56.32
C PRO H 14 -23.23 -13.86 56.38
N GLY H 15 -22.17 -13.39 55.71
CA GLY H 15 -20.94 -14.13 55.63
C GLY H 15 -20.89 -15.18 54.54
N SER H 16 -21.98 -15.38 53.80
CA SER H 16 -22.01 -16.37 52.73
C SER H 16 -21.51 -15.73 51.44
N SER H 17 -21.67 -16.43 50.32
CA SER H 17 -21.24 -15.95 49.01
C SER H 17 -22.39 -15.95 48.03
N VAL H 18 -22.38 -14.97 47.12
CA VAL H 18 -23.38 -14.86 46.07
C VAL H 18 -22.65 -14.80 44.73
N LYS H 19 -23.13 -15.57 43.77
CA LYS H 19 -22.51 -15.67 42.45
C LYS H 19 -23.54 -15.26 41.39
N VAL H 20 -23.16 -14.32 40.53
CA VAL H 20 -24.03 -13.86 39.45
C VAL H 20 -23.37 -14.23 38.12
N SER H 21 -24.09 -14.98 37.30
CA SER H 21 -23.57 -15.43 36.02
C SER H 21 -24.12 -14.59 34.88
N CYS H 22 -23.36 -14.54 33.79
CA CYS H 22 -23.73 -13.74 32.63
C CYS H 22 -23.18 -14.38 31.36
N GLU H 23 -23.92 -14.22 30.27
CA GLU H 23 -23.58 -14.83 28.99
C GLU H 23 -22.76 -13.85 28.17
N ALA H 24 -21.55 -14.27 27.79
CA ALA H 24 -20.65 -13.47 26.97
C ALA H 24 -20.85 -13.77 25.48
N SER H 25 -22.09 -13.62 25.03
CA SER H 25 -22.45 -13.89 23.65
C SER H 25 -23.69 -13.09 23.31
N GLY H 26 -23.94 -12.96 22.01
CA GLY H 26 -25.09 -12.23 21.53
C GLY H 26 -24.83 -11.69 20.14
N ASP H 27 -25.81 -10.94 19.64
CA ASP H 27 -25.69 -10.37 18.30
C ASP H 27 -24.64 -9.26 18.26
N THR H 28 -24.62 -8.39 19.27
CA THR H 28 -23.69 -7.26 19.30
C THR H 28 -22.36 -7.61 19.95
N PHE H 29 -22.22 -8.81 20.51
CA PHE H 29 -20.98 -9.19 21.19
C PHE H 29 -19.93 -9.59 20.16
N THR H 30 -18.71 -9.07 20.32
CA THR H 30 -17.61 -9.34 19.43
C THR H 30 -16.46 -10.00 20.20
N THR H 31 -15.31 -10.14 19.53
CA THR H 31 -14.19 -10.85 20.13
C THR H 31 -13.66 -10.12 21.36
N TYR H 32 -13.57 -8.80 21.30
CA TYR H 32 -12.97 -8.00 22.36
C TYR H 32 -13.99 -7.12 23.09
N SER H 33 -15.25 -7.54 23.11
CA SER H 33 -16.23 -6.87 23.94
C SER H 33 -16.01 -7.23 25.41
N GLY H 34 -16.48 -6.35 26.29
CA GLY H 34 -16.28 -6.57 27.71
C GLY H 34 -17.57 -6.70 28.49
N ILE H 35 -17.49 -7.23 29.70
CA ILE H 35 -18.64 -7.38 30.58
C ILE H 35 -18.34 -6.65 31.89
N ASN H 36 -19.23 -5.76 32.28
CA ASN H 36 -19.11 -4.99 33.50
C ASN H 36 -20.33 -5.25 34.38
N TRP H 37 -20.12 -5.21 35.70
CA TRP H 37 -21.19 -5.41 36.67
C TRP H 37 -21.53 -4.10 37.34
N VAL H 38 -22.83 -3.85 37.49
CA VAL H 38 -23.34 -2.63 38.12
C VAL H 38 -24.27 -3.02 39.26
N ARG H 39 -24.19 -2.29 40.36
CA ARG H 39 -25.02 -2.54 41.53
C ARG H 39 -25.92 -1.33 41.77
N GLN H 40 -27.13 -1.60 42.26
CA GLN H 40 -28.08 -0.54 42.60
C GLN H 40 -28.80 -0.93 43.89
N ALA H 41 -28.52 -0.20 44.97
CA ALA H 41 -29.24 -0.39 46.21
C ALA H 41 -30.69 0.09 46.04
N PRO H 42 -31.63 -0.50 46.79
CA PRO H 42 -33.04 -0.10 46.65
C PRO H 42 -33.26 1.35 47.05
N GLY H 43 -33.63 2.18 46.09
CA GLY H 43 -33.85 3.59 46.35
C GLY H 43 -32.60 4.44 46.30
N GLN H 44 -31.52 3.93 45.72
CA GLN H 44 -30.26 4.69 45.65
C GLN H 44 -29.73 4.73 44.23
N GLY H 45 -28.51 5.24 44.06
CA GLY H 45 -27.93 5.41 42.73
C GLY H 45 -27.22 4.16 42.25
N LEU H 46 -26.53 4.32 41.13
CA LEU H 46 -25.83 3.22 40.48
C LEU H 46 -24.38 3.19 40.92
N GLU H 47 -23.84 1.99 41.10
CA GLU H 47 -22.46 1.78 41.50
C GLU H 47 -21.80 0.80 40.55
N TRP H 48 -20.49 0.98 40.35
CA TRP H 48 -19.73 0.17 39.41
C TRP H 48 -18.92 -0.87 40.19
N MET H 49 -18.97 -2.11 39.73
CA MET H 49 -18.18 -3.20 40.28
C MET H 49 -17.22 -3.70 39.20
N GLY H 50 -16.61 -4.85 39.45
CA GLY H 50 -15.55 -5.33 38.58
C GLY H 50 -16.02 -5.58 37.16
N GLY H 51 -15.04 -5.66 36.26
CA GLY H 51 -15.31 -6.00 34.87
C GLY H 51 -14.17 -6.83 34.31
N VAL H 52 -14.46 -7.47 33.17
CA VAL H 52 -13.49 -8.36 32.55
C VAL H 52 -13.80 -8.43 31.06
N LEU H 53 -12.75 -8.56 30.25
CA LEU H 53 -12.89 -8.92 28.86
C LEU H 53 -12.63 -10.42 28.73
N PRO H 54 -13.60 -11.21 28.26
CA PRO H 54 -13.42 -12.67 28.29
C PRO H 54 -12.26 -13.18 27.46
N ASN H 55 -11.78 -12.41 26.48
CA ASN H 55 -10.72 -12.87 25.58
C ASN H 55 -9.45 -12.05 25.69
N PHE H 56 -9.31 -11.21 26.70
CA PHE H 56 -8.14 -10.36 26.83
C PHE H 56 -7.93 -9.95 28.28
N GLY H 57 -6.67 -9.94 28.71
CA GLY H 57 -6.28 -9.37 29.98
C GLY H 57 -6.81 -10.12 31.20
N SER H 58 -6.91 -9.36 32.28
CA SER H 58 -7.35 -9.85 33.59
C SER H 58 -8.47 -8.97 34.11
N PRO H 59 -9.34 -9.50 34.98
CA PRO H 59 -10.44 -8.68 35.48
C PRO H 59 -9.96 -7.48 36.26
N ASN H 60 -10.67 -6.37 36.12
CA ASN H 60 -10.46 -5.18 36.93
C ASN H 60 -11.45 -5.17 38.08
N TYR H 61 -11.10 -4.50 39.17
CA TYR H 61 -11.97 -4.43 40.33
C TYR H 61 -12.00 -3.01 40.87
N ALA H 62 -13.14 -2.66 41.47
CA ALA H 62 -13.27 -1.40 42.19
C ALA H 62 -12.58 -1.51 43.55
N GLN H 63 -12.05 -0.38 44.03
CA GLN H 63 -11.27 -0.42 45.26
C GLN H 63 -12.13 -0.63 46.49
N ARG H 64 -13.43 -0.32 46.42
CA ARG H 64 -14.31 -0.52 47.56
C ARG H 64 -14.54 -2.00 47.84
N PHE H 65 -14.41 -2.85 46.81
CA PHE H 65 -14.72 -4.27 46.93
C PHE H 65 -13.48 -5.15 46.92
N GLN H 66 -12.29 -4.58 47.09
CA GLN H 66 -11.07 -5.38 47.02
C GLN H 66 -11.03 -6.40 48.14
N GLY H 67 -10.66 -7.63 47.78
CA GLY H 67 -10.56 -8.72 48.72
C GLY H 67 -11.81 -9.57 48.84
N ARG H 68 -12.98 -8.99 48.57
CA ARG H 68 -14.24 -9.70 48.70
C ARG H 68 -14.79 -10.22 47.38
N ILE H 69 -14.31 -9.71 46.25
CA ILE H 69 -14.91 -9.99 44.95
C ILE H 69 -13.90 -10.75 44.09
N THR H 70 -14.42 -11.68 43.28
CA THR H 70 -13.62 -12.42 42.32
C THR H 70 -14.44 -12.58 41.04
N ILE H 71 -13.75 -12.57 39.90
CA ILE H 71 -14.39 -12.71 38.60
C ILE H 71 -13.74 -13.86 37.85
N THR H 72 -14.55 -14.79 37.35
CA THR H 72 -14.09 -15.97 36.65
C THR H 72 -14.74 -16.03 35.28
N VAL H 73 -14.00 -16.55 34.31
CA VAL H 73 -14.49 -16.70 32.93
C VAL H 73 -14.53 -18.19 32.62
N ASP H 74 -15.69 -18.67 32.20
CA ASP H 74 -15.88 -20.07 31.81
C ASP H 74 -16.02 -20.11 30.29
N ARG H 75 -14.95 -20.52 29.61
CA ARG H 75 -14.92 -20.49 28.16
C ARG H 75 -15.67 -21.65 27.51
N SER H 76 -15.84 -22.77 28.23
CA SER H 76 -16.56 -23.90 27.66
C SER H 76 -18.04 -23.58 27.50
N THR H 77 -18.65 -22.96 28.51
CA THR H 77 -20.04 -22.54 28.44
C THR H 77 -20.21 -21.08 28.05
N SER H 78 -19.11 -20.38 27.76
CA SER H 78 -19.14 -18.98 27.32
C SER H 78 -19.88 -18.11 28.34
N LEU H 79 -19.54 -18.30 29.62
CA LEU H 79 -20.14 -17.55 30.71
C LEU H 79 -19.07 -16.81 31.49
N VAL H 80 -19.51 -15.81 32.25
CA VAL H 80 -18.66 -15.05 33.16
C VAL H 80 -19.41 -14.90 34.48
N HIS H 81 -18.73 -15.21 35.58
CA HIS H 81 -19.34 -15.19 36.90
C HIS H 81 -18.61 -14.23 37.81
N MET H 82 -19.36 -13.54 38.66
CA MET H 82 -18.82 -12.66 39.69
C MET H 82 -19.31 -13.14 41.05
N GLU H 83 -18.36 -13.41 41.96
CA GLU H 83 -18.70 -13.90 43.29
C GLU H 83 -18.29 -12.86 44.33
N LEU H 84 -19.13 -12.69 45.35
CA LEU H 84 -18.91 -11.72 46.41
C LEU H 84 -18.91 -12.46 47.73
N THR H 85 -17.75 -12.52 48.38
CA THR H 85 -17.57 -13.26 49.63
C THR H 85 -17.74 -12.31 50.82
N ASN H 86 -18.20 -12.87 51.93
CA ASN H 86 -18.44 -12.14 53.17
C ASN H 86 -19.50 -11.05 52.95
N LEU H 87 -20.71 -11.53 52.66
CA LEU H 87 -21.85 -10.64 52.45
C LEU H 87 -22.18 -9.87 53.72
N ARG H 88 -22.84 -8.74 53.54
CA ARG H 88 -23.22 -7.86 54.63
C ARG H 88 -24.61 -7.31 54.36
N SER H 89 -25.23 -6.77 55.41
CA SER H 89 -26.60 -6.27 55.30
C SER H 89 -26.72 -5.16 54.26
N ASP H 90 -25.70 -4.33 54.12
CA ASP H 90 -25.76 -3.24 53.14
C ASP H 90 -25.61 -3.72 51.71
N ASP H 91 -25.34 -5.00 51.48
CA ASP H 91 -25.18 -5.52 50.13
C ASP H 91 -26.51 -5.88 49.46
N THR H 92 -27.64 -5.70 50.15
CA THR H 92 -28.95 -5.89 49.54
C THR H 92 -29.14 -4.92 48.38
N ALA H 93 -29.20 -5.43 47.15
CA ALA H 93 -29.25 -4.58 45.97
C ALA H 93 -29.58 -5.45 44.76
N VAL H 94 -29.76 -4.78 43.62
CA VAL H 94 -30.04 -5.42 42.34
C VAL H 94 -28.80 -5.28 41.46
N TYR H 95 -28.37 -6.38 40.86
CA TYR H 95 -27.14 -6.44 40.08
C TYR H 95 -27.46 -6.56 38.60
N TYR H 96 -26.73 -5.80 37.77
CA TYR H 96 -26.95 -5.77 36.33
C TYR H 96 -25.68 -6.10 35.58
N CYS H 97 -25.82 -6.81 34.46
CA CYS H 97 -24.74 -6.98 33.50
C CYS H 97 -24.80 -5.86 32.47
N THR H 98 -23.64 -5.39 32.04
CA THR H 98 -23.56 -4.40 30.98
C THR H 98 -22.50 -4.82 29.96
N GLU H 99 -22.81 -4.62 28.69
CA GLU H 99 -21.88 -4.81 27.58
C GLU H 99 -21.32 -3.46 27.11
N THR H 100 -20.07 -3.47 26.70
CA THR H 100 -19.38 -2.25 26.32
C THR H 100 -19.72 -1.86 24.89
N GLY H 101 -19.94 -0.57 24.68
CA GLY H 101 -20.18 -0.02 23.35
C GLY H 101 -19.01 0.82 22.89
N ALA H 102 -18.88 0.94 21.57
CA ALA H 102 -17.76 1.66 20.97
C ALA H 102 -18.28 2.79 20.07
N TYR H 103 -17.58 3.92 20.09
CA TYR H 103 -17.92 5.05 19.24
C TYR H 103 -16.67 5.89 19.04
N ASN H 104 -16.66 6.65 17.95
CA ASN H 104 -15.51 7.48 17.59
C ASN H 104 -15.63 8.85 18.26
N SER H 105 -14.63 9.20 19.06
CA SER H 105 -14.61 10.45 19.81
C SER H 105 -13.16 10.78 20.16
N VAL H 106 -12.98 11.72 21.07
CA VAL H 106 -11.65 12.05 21.56
C VAL H 106 -11.53 11.90 23.07
N GLY H 107 -12.65 11.82 23.80
CA GLY H 107 -12.63 11.52 25.22
C GLY H 107 -13.39 10.23 25.45
N TYR H 108 -13.37 9.37 24.43
CA TYR H 108 -14.15 8.14 24.42
C TYR H 108 -13.88 7.25 25.62
N PHE H 109 -14.95 6.75 26.23
CA PHE H 109 -14.93 5.67 27.20
C PHE H 109 -16.16 4.83 26.94
N PRO H 110 -16.07 3.51 27.15
CA PRO H 110 -17.20 2.64 26.80
C PRO H 110 -18.48 2.99 27.55
N TYR H 111 -19.60 2.87 26.86
CA TYR H 111 -20.92 3.00 27.46
C TYR H 111 -21.47 1.62 27.79
N PHE H 112 -22.46 1.59 28.67
CA PHE H 112 -23.00 0.35 29.21
C PHE H 112 -24.33 0.02 28.53
N GLN H 113 -24.46 -1.22 28.07
CA GLN H 113 -25.68 -1.73 27.46
C GLN H 113 -26.28 -2.77 28.41
N PHE H 114 -27.39 -2.43 29.05
CA PHE H 114 -28.00 -3.31 30.03
C PHE H 114 -28.79 -4.39 29.31
N ARG H 115 -28.48 -5.66 29.61
CA ARG H 115 -29.13 -6.80 29.00
C ARG H 115 -30.01 -7.48 30.03
N GLY H 116 -31.30 -7.62 29.73
CA GLY H 116 -32.22 -8.28 30.62
C GLY H 116 -32.52 -7.45 31.86
N GLN H 117 -33.22 -8.07 32.80
CA GLN H 117 -33.54 -7.47 34.07
C GLN H 117 -32.51 -7.88 35.11
N GLY H 118 -32.44 -7.08 36.18
CA GLY H 118 -31.47 -7.33 37.22
C GLY H 118 -31.84 -8.50 38.12
N THR H 119 -30.86 -8.94 38.91
CA THR H 119 -31.05 -10.01 39.87
C THR H 119 -31.08 -9.43 41.28
N LEU H 120 -32.12 -9.76 42.03
CA LEU H 120 -32.31 -9.23 43.37
C LEU H 120 -31.64 -10.16 44.39
N VAL H 121 -30.80 -9.58 45.23
CA VAL H 121 -30.10 -10.32 46.29
C VAL H 121 -30.37 -9.62 47.62
N SER H 122 -30.86 -10.38 48.59
CA SER H 122 -31.15 -9.85 49.92
C SER H 122 -30.37 -10.64 50.97
N VAL H 123 -29.82 -9.93 51.94
CA VAL H 123 -29.02 -10.52 53.00
C VAL H 123 -29.74 -10.26 54.32
N SER H 124 -30.02 -11.33 55.07
CA SER H 124 -30.68 -11.21 56.36
C SER H 124 -30.30 -12.41 57.23
N SER H 125 -30.46 -12.24 58.53
CA SER H 125 -30.13 -13.29 59.48
C SER H 125 -31.35 -14.14 59.80
N SER I 2 -15.93 8.04 44.40
CA SER I 2 -16.05 9.25 43.60
C SER I 2 -17.37 9.27 42.83
N VAL I 3 -18.12 10.37 42.96
CA VAL I 3 -19.40 10.54 42.32
C VAL I 3 -19.45 11.91 41.66
N LEU I 4 -20.36 12.05 40.70
CA LEU I 4 -20.57 13.31 40.00
C LEU I 4 -21.83 13.98 40.53
N THR I 5 -21.73 15.27 40.85
CA THR I 5 -22.85 15.99 41.44
C THR I 5 -23.97 16.15 40.42
N GLN I 6 -25.20 15.93 40.89
CA GLN I 6 -26.40 16.04 40.07
C GLN I 6 -27.53 16.62 40.91
N PRO I 7 -28.41 17.42 40.32
CA PRO I 7 -29.57 17.92 41.06
C PRO I 7 -30.43 16.77 41.56
N PRO I 8 -30.93 16.86 42.80
CA PRO I 8 -31.76 15.76 43.33
C PRO I 8 -33.01 15.49 42.49
N SER I 9 -33.66 16.54 41.99
CA SER I 9 -34.89 16.38 41.23
C SER I 9 -35.21 17.68 40.52
N VAL I 10 -35.93 17.56 39.40
CA VAL I 10 -36.47 18.71 38.68
C VAL I 10 -37.91 18.42 38.33
N SER I 11 -38.67 19.48 38.06
CA SER I 11 -40.08 19.32 37.73
C SER I 11 -40.53 20.47 36.85
N GLY I 12 -41.64 20.26 36.15
CA GLY I 12 -42.20 21.28 35.29
C GLY I 12 -43.40 20.73 34.56
N ALA I 13 -44.17 21.65 33.96
CA ALA I 13 -45.32 21.26 33.17
C ALA I 13 -44.87 20.63 31.85
N PRO I 14 -45.67 19.75 31.27
CA PRO I 14 -45.33 19.19 29.96
C PRO I 14 -45.37 20.24 28.87
N GLY I 15 -44.51 20.07 27.87
CA GLY I 15 -44.52 20.90 26.69
C GLY I 15 -43.47 21.99 26.63
N GLN I 16 -42.51 22.02 27.55
CA GLN I 16 -41.44 23.00 27.53
C GLN I 16 -40.12 22.32 27.82
N ARG I 17 -39.03 23.05 27.59
CA ARG I 17 -37.69 22.49 27.77
C ARG I 17 -37.34 22.40 29.25
N VAL I 18 -36.67 21.30 29.61
CA VAL I 18 -36.19 21.05 30.96
C VAL I 18 -34.72 20.64 30.87
N THR I 19 -33.91 21.08 31.82
CA THR I 19 -32.47 20.88 31.77
C THR I 19 -31.98 20.15 33.01
N ILE I 20 -31.05 19.24 32.80
CA ILE I 20 -30.36 18.53 33.87
C ILE I 20 -28.87 18.72 33.66
N SER I 21 -28.13 18.77 34.77
CA SER I 21 -26.70 19.08 34.73
C SER I 21 -25.91 18.01 35.46
N CYS I 22 -24.71 17.74 34.94
CA CYS I 22 -23.73 16.87 35.59
C CYS I 22 -22.42 17.63 35.69
N THR I 23 -21.99 17.91 36.92
CA THR I 23 -20.77 18.66 37.18
C THR I 23 -19.66 17.73 37.61
N GLY I 24 -18.47 17.91 37.04
CA GLY I 24 -17.35 17.03 37.32
C GLY I 24 -16.16 17.74 37.92
N SER I 25 -15.02 17.06 37.97
CA SER I 25 -13.79 17.58 38.57
C SER I 25 -12.70 17.66 37.51
N SER I 26 -11.48 17.91 37.96
CA SER I 26 -10.34 17.97 37.05
C SER I 26 -9.91 16.59 36.55
N SER I 27 -10.42 15.52 37.15
CA SER I 27 -10.06 14.17 36.77
C SER I 27 -11.09 13.50 35.86
N ASN I 28 -12.36 13.84 36.01
CA ASN I 28 -13.42 13.35 35.16
C ASN I 28 -14.15 14.51 34.50
N ILE I 29 -14.49 14.35 33.22
CA ILE I 29 -15.07 15.39 32.38
C ILE I 29 -14.05 16.50 32.12
N GLY I 30 -13.38 16.97 33.18
CA GLY I 30 -12.36 17.98 33.05
C GLY I 30 -11.04 17.49 32.53
N ALA I 31 -10.85 16.17 32.42
CA ALA I 31 -9.63 15.58 31.90
C ALA I 31 -9.86 15.00 30.49
N ASP I 32 -10.66 15.70 29.69
CA ASP I 32 -10.93 15.30 28.31
C ASP I 32 -11.60 13.93 28.24
N TYR I 33 -12.66 13.77 29.03
CA TYR I 33 -13.48 12.57 29.03
C TYR I 33 -14.93 12.95 28.75
N ASP I 34 -15.58 12.15 27.90
CA ASP I 34 -16.98 12.37 27.54
C ASP I 34 -17.89 11.95 28.68
N VAL I 35 -19.20 12.14 28.49
CA VAL I 35 -20.21 11.81 29.49
C VAL I 35 -21.33 11.03 28.81
N HIS I 36 -21.76 9.94 29.46
CA HIS I 36 -22.88 9.15 28.98
C HIS I 36 -24.10 9.39 29.87
N TRP I 37 -25.28 9.28 29.28
CA TRP I 37 -26.55 9.47 29.97
C TRP I 37 -27.38 8.20 29.91
N TYR I 38 -27.85 7.75 31.07
CA TYR I 38 -28.63 6.53 31.17
C TYR I 38 -30.02 6.86 31.74
N GLN I 39 -31.01 6.10 31.30
CA GLN I 39 -32.40 6.29 31.72
C GLN I 39 -32.90 5.02 32.37
N GLN I 40 -33.60 5.17 33.51
CA GLN I 40 -34.15 4.06 34.27
C GLN I 40 -35.60 4.36 34.64
N LEU I 41 -36.53 3.73 33.93
CA LEU I 41 -37.93 3.77 34.35
C LEU I 41 -38.10 2.94 35.62
N PRO I 42 -38.97 3.38 36.54
CA PRO I 42 -39.16 2.63 37.80
C PRO I 42 -39.56 1.19 37.54
N GLY I 43 -38.93 0.26 38.26
CA GLY I 43 -39.20 -1.14 38.09
C GLY I 43 -38.63 -1.76 36.84
N THR I 44 -37.56 -1.18 36.30
CA THR I 44 -36.94 -1.68 35.08
C THR I 44 -35.45 -1.41 35.14
N ALA I 45 -34.68 -2.20 34.39
CA ALA I 45 -33.25 -1.99 34.32
C ALA I 45 -32.95 -0.68 33.60
N PRO I 46 -31.87 0.01 33.99
CA PRO I 46 -31.51 1.27 33.31
C PRO I 46 -31.20 1.04 31.83
N LYS I 47 -31.61 2.00 31.01
CA LYS I 47 -31.40 1.97 29.57
C LYS I 47 -30.31 2.98 29.21
N LEU I 48 -29.98 3.04 27.93
CA LEU I 48 -29.00 3.99 27.42
C LEU I 48 -29.71 5.10 26.67
N LEU I 49 -29.43 6.35 27.03
CA LEU I 49 -30.05 7.51 26.41
C LEU I 49 -29.10 8.26 25.49
N ILE I 50 -27.95 8.70 26.00
CA ILE I 50 -27.00 9.49 25.23
C ILE I 50 -25.59 8.96 25.46
N PHE I 51 -24.77 8.99 24.42
CA PHE I 51 -23.34 8.75 24.55
C PHE I 51 -22.61 9.75 23.66
N GLY I 52 -21.33 9.97 23.97
CA GLY I 52 -20.54 10.89 23.18
C GLY I 52 -20.99 12.32 23.25
N ASN I 53 -21.83 12.66 24.24
CA ASN I 53 -22.29 14.00 24.56
C ASN I 53 -23.31 14.54 23.56
N ASN I 54 -23.46 13.89 22.41
CA ASN I 54 -24.55 14.26 21.51
C ASN I 54 -25.11 13.12 20.67
N ASN I 55 -24.67 11.88 20.86
CA ASN I 55 -25.12 10.78 20.01
C ASN I 55 -26.31 10.07 20.64
N ARG I 56 -27.33 9.81 19.83
CA ARG I 56 -28.54 9.13 20.26
C ARG I 56 -28.62 7.77 19.60
N PRO I 57 -28.79 6.69 20.36
CA PRO I 57 -28.96 5.36 19.73
C PRO I 57 -30.31 5.25 19.04
N SER I 58 -30.39 4.27 18.14
CA SER I 58 -31.63 4.01 17.43
C SER I 58 -32.73 3.62 18.41
N GLY I 59 -33.87 4.28 18.31
CA GLY I 59 -34.97 4.06 19.23
C GLY I 59 -35.16 5.13 20.28
N VAL I 60 -34.50 6.28 20.13
CA VAL I 60 -34.61 7.39 21.06
C VAL I 60 -35.06 8.62 20.28
N PRO I 61 -36.12 9.30 20.70
CA PRO I 61 -36.58 10.48 19.97
C PRO I 61 -35.58 11.62 20.06
N ASP I 62 -35.64 12.50 19.06
CA ASP I 62 -34.73 13.65 18.99
C ASP I 62 -35.05 14.72 20.02
N ARG I 63 -36.04 14.50 20.88
CA ARG I 63 -36.35 15.45 21.94
C ARG I 63 -35.23 15.60 22.96
N PHE I 64 -34.37 14.58 23.09
CA PHE I 64 -33.29 14.61 24.07
C PHE I 64 -32.02 15.15 23.42
N SER I 65 -31.36 16.09 24.11
CA SER I 65 -30.12 16.68 23.64
C SER I 65 -29.13 16.74 24.79
N GLY I 66 -27.86 16.73 24.45
CA GLY I 66 -26.80 16.79 25.44
C GLY I 66 -25.68 17.72 25.00
N SER I 67 -24.97 18.25 25.99
CA SER I 67 -23.84 19.12 25.72
C SER I 67 -22.84 19.02 26.87
N LYS I 68 -21.59 19.37 26.57
CA LYS I 68 -20.53 19.39 27.58
C LYS I 68 -19.70 20.66 27.39
N SER I 69 -19.37 21.31 28.52
CA SER I 69 -18.54 22.50 28.48
C SER I 69 -17.70 22.55 29.75
N GLY I 70 -16.40 22.79 29.58
CA GLY I 70 -15.51 22.87 30.72
C GLY I 70 -15.49 21.57 31.50
N THR I 71 -15.80 21.67 32.79
CA THR I 71 -15.92 20.50 33.66
C THR I 71 -17.38 20.23 34.04
N SER I 72 -18.30 20.50 33.11
CA SER I 72 -19.72 20.30 33.37
C SER I 72 -20.38 19.77 32.11
N ALA I 73 -21.55 19.16 32.29
CA ALA I 73 -22.34 18.63 31.19
C ALA I 73 -23.81 18.91 31.45
N SER I 74 -24.57 19.02 30.37
CA SER I 74 -25.99 19.37 30.45
C SER I 74 -26.80 18.45 29.56
N LEU I 75 -27.95 18.00 30.08
CA LEU I 75 -28.93 17.24 29.33
C LEU I 75 -30.19 18.07 29.17
N ALA I 76 -30.78 18.03 27.98
CA ALA I 76 -31.95 18.84 27.66
C ALA I 76 -33.01 17.99 26.98
N ILE I 77 -34.27 18.28 27.31
CA ILE I 77 -35.43 17.66 26.67
C ILE I 77 -36.25 18.77 26.04
N THR I 78 -36.43 18.71 24.73
CA THR I 78 -37.14 19.79 24.03
C THR I 78 -38.60 19.85 24.46
N GLY I 79 -39.26 18.70 24.54
CA GLY I 79 -40.66 18.68 24.94
C GLY I 79 -40.97 17.62 25.97
N LEU I 80 -41.42 18.04 27.14
CA LEU I 80 -41.77 17.08 28.19
C LEU I 80 -43.06 16.36 27.84
N GLN I 81 -43.06 15.04 28.05
CA GLN I 81 -44.21 14.20 27.73
C GLN I 81 -44.52 13.31 28.94
N ALA I 82 -45.60 12.53 28.81
CA ALA I 82 -46.04 11.66 29.90
C ALA I 82 -45.02 10.57 30.19
N GLU I 83 -44.44 9.97 29.15
CA GLU I 83 -43.52 8.85 29.36
C GLU I 83 -42.20 9.27 29.98
N ASP I 84 -41.92 10.58 30.10
CA ASP I 84 -40.69 11.05 30.75
C ASP I 84 -40.88 11.10 32.26
N GLU I 85 -41.10 9.92 32.84
CA GLU I 85 -41.20 9.76 34.29
C GLU I 85 -40.00 9.04 34.89
N ALA I 86 -38.97 8.76 34.09
CA ALA I 86 -37.87 7.92 34.52
C ALA I 86 -36.81 8.75 35.24
N ASP I 87 -35.78 8.07 35.75
CA ASP I 87 -34.63 8.73 36.36
C ASP I 87 -33.47 8.75 35.38
N TYR I 88 -32.59 9.73 35.54
CA TYR I 88 -31.46 9.94 34.65
C TYR I 88 -30.16 9.93 35.42
N TYR I 89 -29.15 9.26 34.87
CA TYR I 89 -27.83 9.18 35.46
C TYR I 89 -26.79 9.60 34.43
N CYS I 90 -25.72 10.21 34.91
CA CYS I 90 -24.60 10.62 34.08
C CYS I 90 -23.36 9.84 34.48
N GLN I 91 -22.61 9.38 33.48
CA GLN I 91 -21.47 8.50 33.70
C GLN I 91 -20.23 9.09 33.04
N SER I 92 -19.10 8.99 33.72
CA SER I 92 -17.83 9.42 33.19
C SER I 92 -16.75 8.48 33.72
N PHE I 93 -15.50 8.75 33.34
CA PHE I 93 -14.36 7.96 33.79
C PHE I 93 -13.45 8.84 34.62
N ASP I 94 -13.00 8.30 35.75
CA ASP I 94 -12.11 9.01 36.68
C ASP I 94 -10.73 8.40 36.54
N LYS I 95 -9.75 9.23 36.17
CA LYS I 95 -8.39 8.76 35.96
C LYS I 95 -7.58 8.70 37.26
N SER I 96 -8.08 9.29 38.33
CA SER I 96 -7.33 9.32 39.58
C SER I 96 -7.26 7.94 40.21
N LEU I 97 -6.22 7.74 41.01
CA LEU I 97 -5.94 6.47 41.73
C LEU I 97 -5.83 5.35 40.69
N SER I 98 -6.55 4.24 40.83
CA SER I 98 -6.49 3.14 39.88
C SER I 98 -7.50 3.28 38.75
N GLY I 99 -8.28 4.35 38.72
CA GLY I 99 -9.27 4.55 37.67
C GLY I 99 -10.54 3.77 37.90
N SER I 100 -11.68 4.39 37.59
CA SER I 100 -12.98 3.75 37.83
C SER I 100 -14.02 4.44 36.96
N PHE I 101 -15.22 3.87 36.94
CA PHE I 101 -16.38 4.47 36.30
C PHE I 101 -17.22 5.16 37.36
N VAL I 102 -17.51 6.44 37.15
CA VAL I 102 -18.23 7.25 38.12
C VAL I 102 -19.61 7.59 37.57
N PHE I 103 -20.61 7.51 38.44
CA PHE I 103 -21.99 7.81 38.10
C PHE I 103 -22.49 9.00 38.91
N GLY I 104 -23.47 9.70 38.35
CA GLY I 104 -24.07 10.81 39.06
C GLY I 104 -24.96 10.36 40.19
N THR I 105 -25.35 11.33 41.03
CA THR I 105 -26.20 11.06 42.17
C THR I 105 -27.64 10.74 41.79
N GLY I 106 -28.01 10.94 40.53
CA GLY I 106 -29.37 10.65 40.10
C GLY I 106 -30.28 11.86 40.20
N THR I 107 -31.30 11.88 39.35
CA THR I 107 -32.28 12.96 39.34
C THR I 107 -33.66 12.38 39.05
N LYS I 108 -34.68 13.11 39.50
CA LYS I 108 -36.07 12.74 39.29
C LYS I 108 -36.76 13.85 38.52
N VAL I 109 -37.34 13.51 37.37
CA VAL I 109 -38.08 14.44 36.55
C VAL I 109 -39.57 14.25 36.82
N THR I 110 -40.30 15.36 36.92
CA THR I 110 -41.71 15.32 37.26
C THR I 110 -42.53 16.25 36.36
C1 NAG J . -7.84 -12.25 -36.00
C2 NAG J . -8.93 -13.10 -36.67
C3 NAG J . -8.91 -12.87 -38.19
C4 NAG J . -8.97 -11.39 -38.51
C5 NAG J . -7.87 -10.65 -37.78
C6 NAG J . -7.90 -9.15 -37.99
C7 NAG J . -9.76 -15.30 -35.97
C8 NAG J . -11.11 -14.65 -35.86
N2 NAG J . -8.76 -14.51 -36.36
O3 NAG J . -10.01 -13.54 -38.78
O4 NAG J . -8.82 -11.18 -39.91
O5 NAG J . -7.99 -10.88 -36.37
O6 NAG J . -8.84 -8.51 -37.13
O7 NAG J . -9.59 -16.49 -35.72
C1 FUC J . -8.82 -7.11 -37.46
C2 FUC J . -10.06 -6.43 -36.82
C3 FUC J . -9.94 -6.36 -35.30
C4 FUC J . -8.61 -5.70 -34.90
C5 FUC J . -7.45 -6.42 -35.57
C6 FUC J . -6.10 -5.74 -35.34
O2 FUC J . -11.28 -7.06 -37.20
O3 FUC J . -10.99 -5.58 -34.75
O4 FUC J . -8.62 -4.34 -35.29
O5 FUC J . -7.62 -6.50 -37.00
C1 NAG K . -34.22 -1.09 -8.53
C2 NAG K . -33.55 -1.35 -9.89
C3 NAG K . -34.47 -2.16 -10.80
C4 NAG K . -34.96 -3.41 -10.09
C5 NAG K . -35.57 -3.05 -8.75
C6 NAG K . -36.02 -4.25 -7.94
C7 NAG K . -31.92 0.32 -10.66
C8 NAG K . -30.86 -0.59 -10.12
N2 NAG K . -33.18 -0.08 -10.52
O3 NAG K . -33.76 -2.51 -11.98
O4 NAG K . -35.95 -4.05 -10.90
O5 NAG K . -34.62 -2.33 -7.96
O6 NAG K . -35.04 -5.28 -7.95
O7 NAG K . -31.63 1.39 -11.20
C1 NAG K . -35.48 -5.35 -11.31
C2 NAG K . -36.69 -6.19 -11.71
C3 NAG K . -36.24 -7.57 -12.19
C4 NAG K . -35.21 -7.42 -13.30
C5 NAG K . -34.06 -6.53 -12.84
C6 NAG K . -33.06 -6.24 -13.94
C7 NAG K . -38.93 -6.04 -10.71
C8 NAG K . -39.74 -6.23 -9.45
N2 NAG K . -37.63 -6.32 -10.59
O3 NAG K . -37.36 -8.30 -12.66
O4 NAG K . -34.69 -8.71 -13.65
O5 NAG K . -34.58 -5.26 -12.42
O6 NAG K . -33.64 -6.41 -15.23
O7 NAG K . -39.43 -5.66 -11.76
C1 FUC K . -35.65 -6.48 -7.43
C2 FUC K . -34.70 -7.67 -7.71
C3 FUC K . -33.44 -7.59 -6.85
C4 FUC K . -33.81 -7.46 -5.37
C5 FUC K . -34.75 -6.28 -5.17
C6 FUC K . -35.29 -6.19 -3.75
O2 FUC K . -34.37 -7.78 -9.10
O3 FUC K . -32.66 -8.78 -7.00
O4 FUC K . -34.42 -8.66 -4.93
O5 FUC K . -35.91 -6.35 -6.04
C1 NAG L . -18.40 -12.75 7.90
C2 NAG L . -18.78 -12.41 9.34
C3 NAG L . -18.15 -13.42 10.30
C4 NAG L . -18.51 -14.84 9.91
C5 NAG L . -18.18 -15.09 8.43
C6 NAG L . -18.66 -16.43 7.94
C7 NAG L . -19.18 -10.20 10.33
C8 NAG L . -20.56 -10.70 10.68
N2 NAG L . -18.39 -11.05 9.70
O3 NAG L . -18.58 -13.14 11.63
O4 NAG L . -17.77 -15.75 10.72
O5 NAG L . -18.80 -14.10 7.60
O6 NAG L . -20.01 -16.66 8.30
O7 NAG L . -18.82 -9.07 10.63
C1 NAG L . -18.62 -16.71 11.39
C2 NAG L . -17.84 -18.02 11.50
C3 NAG L . -18.68 -19.07 12.21
C4 NAG L . -19.19 -18.54 13.56
C5 NAG L . -19.89 -17.20 13.35
C6 NAG L . -20.30 -16.55 14.66
C7 NAG L . -16.17 -18.63 9.80
C8 NAG L . -15.14 -18.26 10.83
N2 NAG L . -17.44 -18.50 10.18
O3 NAG L . -17.89 -20.24 12.42
O4 NAG L . -20.13 -19.46 14.09
O5 NAG L . -19.01 -16.28 12.69
O6 NAG L . -21.44 -15.73 14.49
O7 NAG L . -15.86 -19.04 8.69
C1 BMA L . -19.57 -20.21 15.19
C2 BMA L . -20.75 -20.57 16.14
C3 BMA L . -20.36 -21.62 17.17
C4 BMA L . -19.61 -22.78 16.54
C5 BMA L . -18.41 -22.25 15.75
C6 BMA L . -17.61 -23.37 15.09
O2 BMA L . -21.83 -21.11 15.40
O3 BMA L . -21.49 -22.11 17.89
O4 BMA L . -19.16 -23.69 17.53
O5 BMA L . -18.90 -21.38 14.72
O6 BMA L . -16.25 -22.96 15.03
C1 MAN L . -22.04 -21.08 18.72
C2 MAN L . -22.28 -21.67 20.13
C3 MAN L . -23.43 -22.66 20.10
C4 MAN L . -24.68 -22.05 19.45
C5 MAN L . -24.32 -21.55 18.05
C6 MAN L . -25.48 -20.86 17.36
O2 MAN L . -22.66 -20.66 21.06
O3 MAN L . -23.75 -23.14 21.41
O4 MAN L . -25.71 -23.02 19.36
O5 MAN L . -23.25 -20.58 18.15
O6 MAN L . -26.58 -21.77 17.32
C1 NAG M . -16.59 -6.87 6.82
C2 NAG M . -16.81 -5.44 6.37
C3 NAG M . -17.60 -4.69 7.43
C4 NAG M . -18.89 -5.41 7.75
C5 NAG M . -18.66 -6.90 8.03
C6 NAG M . -19.96 -7.69 8.08
C7 NAG M . -15.15 -4.47 4.85
C8 NAG M . -13.82 -3.79 4.74
N2 NAG M . -15.54 -4.78 6.09
O3 NAG M . -17.87 -3.37 6.96
O4 NAG M . -19.46 -4.87 8.94
O5 NAG M . -17.85 -7.50 7.00
O6 NAG M . -20.65 -7.65 6.83
O7 NAG M . -15.84 -4.73 3.87
C1 NAG M . -20.55 -3.96 8.69
C2 NAG M . -21.44 -3.95 9.94
C3 NAG M . -22.58 -2.95 9.77
C4 NAG M . -22.03 -1.58 9.39
C5 NAG M . -21.14 -1.70 8.17
C6 NAG M . -20.46 -0.40 7.78
C7 NAG M . -21.55 -6.03 11.24
C8 NAG M . -22.20 -7.37 11.38
N2 NAG M . -21.97 -5.28 10.22
O3 NAG M . -23.31 -2.86 10.98
O4 NAG M . -23.09 -0.67 9.13
O5 NAG M . -20.09 -2.64 8.41
O6 NAG M . -19.74 0.14 8.88
O7 NAG M . -20.66 -5.64 12.01
C1 NAG N . 36.23 13.44 -2.36
C2 NAG N . 36.97 14.52 -3.15
C3 NAG N . 38.31 14.85 -2.49
C4 NAG N . 38.11 15.18 -1.02
C5 NAG N . 37.36 14.05 -0.33
C6 NAG N . 37.06 14.33 1.12
C7 NAG N . 36.91 14.89 -5.58
C8 NAG N . 36.37 16.26 -5.27
N2 NAG N . 37.16 14.11 -4.53
O3 NAG N . 38.91 15.95 -3.16
O4 NAG N . 39.38 15.35 -0.39
O5 NAG N . 36.09 13.85 -0.99
O6 NAG N . 35.91 15.14 1.29
O7 NAG N . 37.09 14.51 -6.74
C1 FUC N . 35.75 15.38 2.70
C2 FUC N . 34.74 16.54 2.91
C3 FUC N . 33.31 16.11 2.54
C4 FUC N . 32.93 14.83 3.30
C5 FUC N . 33.99 13.74 3.04
C6 FUC N . 33.75 12.49 3.87
O2 FUC N . 35.11 17.72 2.19
O3 FUC N . 32.38 17.12 2.90
O4 FUC N . 32.85 15.10 4.69
O5 FUC N . 35.32 14.20 3.37
C1 NAG O . 2.84 34.71 -5.16
C2 NAG O . 4.29 34.31 -4.86
C3 NAG O . 5.27 35.28 -5.53
C4 NAG O . 4.94 35.45 -7.01
C5 NAG O . 3.47 35.80 -7.19
C6 NAG O . 3.04 35.89 -8.63
C7 NAG O . 4.72 33.10 -2.76
C8 NAG O . 4.69 31.85 -3.57
N2 NAG O . 4.53 34.25 -3.43
O3 NAG O . 6.60 34.79 -5.38
O4 NAG O . 5.74 36.48 -7.56
O5 NAG O . 2.66 34.80 -6.57
O6 NAG O . 3.54 34.82 -9.41
O7 NAG O . 4.92 33.09 -1.55
C1 NAG O . 6.63 35.94 -8.57
C2 NAG O . 7.08 37.09 -9.47
C3 NAG O . 8.06 36.56 -10.53
C4 NAG O . 9.20 35.82 -9.87
C5 NAG O . 8.67 34.73 -8.94
C6 NAG O . 9.75 34.03 -8.15
C7 NAG O . 5.75 39.06 -10.05
C8 NAG O . 4.52 39.56 -10.76
N2 NAG O . 5.94 37.73 -10.10
O3 NAG O . 8.56 37.66 -11.28
O4 NAG O . 10.02 35.22 -10.86
O5 NAG O . 7.77 35.31 -7.97
O6 NAG O . 10.92 34.84 -8.04
O7 NAG O . 6.53 39.82 -9.49
C1 FUC O . 3.36 35.13 -10.81
C2 FUC O . 4.17 34.12 -11.66
C3 FUC O . 3.53 32.72 -11.58
C4 FUC O . 2.05 32.78 -11.97
C5 FUC O . 1.32 33.82 -11.11
C6 FUC O . -0.11 34.06 -11.55
O2 FUC O . 5.53 34.07 -11.28
O3 FUC O . 4.18 31.85 -12.50
O4 FUC O . 1.93 33.13 -13.35
O5 FUC O . 1.98 35.11 -11.15
C1 NAG P . -6.16 14.37 -17.87
C2 NAG P . -7.68 14.47 -18.06
C3 NAG P . -8.14 13.53 -19.16
C4 NAG P . -7.36 13.78 -20.45
C5 NAG P . -5.86 13.72 -20.18
C6 NAG P . -5.03 14.11 -21.39
C7 NAG P . -9.39 14.96 -16.37
C8 NAG P . -9.76 16.15 -17.20
N2 NAG P . -8.38 14.20 -16.82
O3 NAG P . -9.53 13.70 -19.39
O4 NAG P . -7.70 12.77 -21.39
O5 NAG P . -5.50 14.64 -19.13
O6 NAG P . -5.50 15.33 -21.96
O7 NAG P . -9.97 14.70 -15.32
C1 NAG P . -8.14 13.32 -22.65
C2 NAG P . -7.70 12.38 -23.76
C3 NAG P . -8.15 12.89 -25.13
C4 NAG P . -9.66 13.17 -25.12
C5 NAG P . -10.02 14.07 -23.94
C6 NAG P . -11.51 14.28 -23.80
C7 NAG P . -5.66 11.02 -23.51
C8 NAG P . -6.57 9.86 -23.26
N2 NAG P . -6.25 12.19 -23.74
O3 NAG P . -7.83 11.93 -26.13
O4 NAG P . -10.00 13.85 -26.33
O5 NAG P . -9.57 13.48 -22.71
O6 NAG P . -11.80 15.53 -23.19
O7 NAG P . -4.44 10.90 -23.50
C1 BMA P . -10.69 12.97 -27.25
C2 BMA P . -11.65 13.86 -28.08
C3 BMA P . -12.21 13.13 -29.29
C4 BMA P . -11.10 12.38 -30.06
C5 BMA P . -10.36 11.45 -29.09
C6 BMA P . -9.26 10.68 -29.78
O2 BMA P . -10.95 15.00 -28.59
O3 BMA P . -12.88 14.01 -30.19
O4 BMA P . -11.67 11.62 -31.11
O5 BMA P . -9.76 12.27 -28.07
O6 BMA P . -9.12 9.43 -29.12
C1 MAN P . -14.08 14.52 -29.57
C2 MAN P . -15.24 14.36 -30.59
C3 MAN P . -15.07 15.35 -31.74
C4 MAN P . -14.86 16.77 -31.21
C5 MAN P . -13.67 16.80 -30.26
C6 MAN P . -13.43 18.16 -29.64
O2 MAN P . -16.50 14.67 -30.00
O3 MAN P . -16.18 15.32 -32.63
O4 MAN P . -14.62 17.66 -32.29
O5 MAN P . -13.91 15.86 -29.18
O6 MAN P . -13.27 19.11 -30.69
C1 NAG Q . -6.79 13.63 -11.71
C2 NAG Q . -6.88 14.12 -10.29
C3 NAG Q . -8.24 14.77 -10.04
C4 NAG Q . -8.51 15.87 -11.07
C5 NAG Q . -8.23 15.38 -12.49
C6 NAG Q . -8.23 16.51 -13.50
C7 NAG Q . -5.52 12.97 -8.60
C8 NAG Q . -5.43 11.80 -7.66
N2 NAG Q . -6.64 13.05 -9.33
O3 NAG Q . -8.27 15.31 -8.73
O4 NAG Q . -9.88 16.23 -11.01
O5 NAG Q . -6.96 14.73 -12.60
O6 NAG Q . -7.19 17.44 -13.22
O7 NAG Q . -4.62 13.80 -8.69
C1 NAG Q . -10.11 17.46 -10.31
C2 NAG Q . -11.42 18.06 -10.84
C3 NAG Q . -11.77 19.33 -10.07
C4 NAG Q . -11.79 19.06 -8.57
C5 NAG Q . -10.45 18.44 -8.15
C6 NAG Q . -10.43 18.04 -6.69
C7 NAG Q . -11.97 17.61 -13.19
C8 NAG Q . -11.77 18.03 -14.60
N2 NAG Q . -11.34 18.34 -12.26
O3 NAG Q . -13.05 19.79 -10.48
O4 NAG Q . -12.00 20.26 -7.85
O5 NAG Q . -10.21 17.25 -8.90
O6 NAG Q . -11.51 17.18 -6.37
O7 NAG Q . -12.68 16.65 -12.89
C1 NAG R . 3.46 -32.78 20.48
C2 NAG R . 3.97 -33.17 21.87
C3 NAG R . 3.46 -34.57 22.25
C4 NAG R . 1.95 -34.64 22.09
C5 NAG R . 1.56 -34.21 20.68
C6 NAG R . 0.05 -34.19 20.45
C7 NAG R . 6.11 -32.55 22.91
C8 NAG R . 5.29 -31.92 24.00
N2 NAG R . 5.42 -33.14 21.93
O3 NAG R . 3.82 -34.86 23.59
O4 NAG R . 1.50 -35.98 22.31
O5 NAG R . 2.03 -32.88 20.43
O6 NAG R . -0.54 -33.00 20.94
O7 NAG R . 7.33 -32.54 22.94
C1 FUC R . -1.97 -33.12 20.72
C2 FUC R . -2.69 -32.01 21.54
C3 FUC R . -2.43 -30.62 20.96
C4 FUC R . -2.78 -30.59 19.47
C5 FUC R . -2.03 -31.70 18.73
C6 FUC R . -2.42 -31.83 17.27
O2 FUC R . -2.34 -32.06 22.92
O3 FUC R . -3.24 -29.66 21.62
O4 FUC R . -4.18 -30.77 19.30
O5 FUC R . -2.26 -32.99 19.33
C1 NAG S . -6.07 3.05 34.60
C2 NAG S . -5.99 1.55 34.43
C3 NAG S . -5.53 0.87 35.73
C4 NAG S . -4.26 1.52 36.25
C5 NAG S . -4.44 3.02 36.35
C6 NAG S . -3.18 3.76 36.77
C7 NAG S . -7.49 0.51 32.77
C8 NAG S . -6.33 0.53 31.83
N2 NAG S . -7.27 0.99 34.00
O3 NAG S . -5.31 -0.52 35.49
O4 NAG S . -3.96 1.00 37.54
O5 NAG S . -4.81 3.56 35.07
O6 NAG S . -2.04 3.29 36.10
O7 NAG S . -8.58 0.06 32.44
C1 NAG S . -2.71 0.28 37.51
C2 NAG S . -2.16 0.19 38.94
C3 NAG S . -0.86 -0.61 38.95
C4 NAG S . -1.05 -1.95 38.28
C5 NAG S . -1.65 -1.78 36.89
C6 NAG S . -1.98 -3.09 36.21
C7 NAG S . -2.46 1.88 40.69
C8 NAG S . -2.17 3.28 41.12
N2 NAG S . -1.96 1.51 39.50
O3 NAG S . -0.42 -0.78 40.29
O4 NAG S . 0.20 -2.63 38.17
O5 NAG S . -2.87 -1.04 36.97
O6 NAG S . -2.17 -4.13 37.17
O7 NAG S . -3.12 1.11 41.38
C1 FUC S . -0.86 3.81 36.76
C2 FUC S . 0.39 3.07 36.21
C3 FUC S . 0.67 3.47 34.77
C4 FUC S . 0.79 4.99 34.66
C5 FUC S . -0.47 5.65 35.22
C6 FUC S . -0.36 7.18 35.29
O2 FUC S . 0.26 1.66 36.34
O3 FUC S . 1.91 2.92 34.35
O4 FUC S . 1.94 5.45 35.36
O5 FUC S . -0.75 5.21 36.58
C1 NAG T . 11.00 11.64 17.54
C2 NAG T . 10.90 13.16 17.41
C3 NAG T . 12.17 13.71 16.74
C4 NAG T . 13.41 13.26 17.50
C5 NAG T . 13.41 11.75 17.68
C6 NAG T . 14.53 11.25 18.56
C7 NAG T . 8.90 14.53 17.01
C8 NAG T . 9.23 15.23 18.30
N2 NAG T . 9.73 13.55 16.64
O3 NAG T . 12.10 15.13 16.69
O4 NAG T . 14.57 13.66 16.77
O5 NAG T . 12.19 11.31 18.29
O6 NAG T . 14.60 11.99 19.77
O7 NAG T . 7.92 14.84 16.35
C1 NAG T . 15.49 14.43 17.58
C2 NAG T . 16.90 14.09 17.09
C3 NAG T . 17.93 14.89 17.89
C4 NAG T . 17.61 16.38 17.86
C5 NAG T . 16.15 16.61 18.28
C6 NAG T . 15.72 18.05 18.14
C7 NAG T . 17.43 11.87 16.16
C8 NAG T . 17.44 12.55 14.83
N2 NAG T . 17.17 12.67 17.21
O3 NAG T . 19.23 14.66 17.35
O4 NAG T . 18.45 17.07 18.77
O5 NAG T . 15.27 15.83 17.46
O6 NAG T . 14.70 18.39 19.08
O7 NAG T . 17.65 10.68 16.29
C1 BMA T . 19.49 17.80 18.09
C2 BMA T . 19.82 19.02 18.99
C3 BMA T . 21.12 19.72 18.54
C4 BMA T . 22.23 18.71 18.28
C5 BMA T . 21.75 17.66 17.28
C6 BMA T . 22.82 16.63 16.97
O2 BMA T . 20.03 18.62 20.32
O3 BMA T . 21.56 20.68 19.49
O4 BMA T . 23.38 19.37 17.77
O5 BMA T . 20.63 16.99 17.86
O6 BMA T . 22.63 16.18 15.64
C1 MAN T . 20.62 21.79 19.55
C2 MAN T . 21.45 23.11 19.47
C3 MAN T . 22.22 23.31 20.77
C4 MAN T . 21.29 23.20 21.99
C5 MAN T . 20.58 21.84 21.97
C6 MAN T . 19.60 21.67 23.10
O2 MAN T . 20.60 24.25 19.34
O3 MAN T . 22.88 24.58 20.78
O4 MAN T . 22.05 23.31 23.19
O5 MAN T . 19.84 21.72 20.73
O6 MAN T . 20.30 21.87 24.33
C1 NAG U . 5.40 10.86 14.92
C2 NAG U . 3.89 10.71 14.94
C3 NAG U . 3.24 12.06 15.21
C4 NAG U . 3.80 12.68 16.48
C5 NAG U . 5.33 12.65 16.49
C6 NAG U . 5.90 13.02 17.85
C7 NAG U . 2.91 8.88 13.63
C8 NAG U . 2.44 8.43 12.29
N2 NAG U . 3.39 10.12 13.71
O3 NAG U . 1.83 11.89 15.32
O4 NAG U . 3.42 14.05 16.53
O5 NAG U . 5.84 11.34 16.17
O6 NAG U . 5.50 12.08 18.85
O7 NAG U . 2.86 8.14 14.62
C1 NAG U . 2.33 14.30 17.44
C2 NAG U . 2.41 15.75 17.89
C3 NAG U . 1.23 16.12 18.78
C4 NAG U . -0.08 15.77 18.08
C5 NAG U . -0.07 14.31 17.64
C6 NAG U . -1.29 13.92 16.85
C7 NAG U . 4.67 16.72 18.05
C8 NAG U . 5.89 16.89 18.91
N2 NAG U . 3.66 16.01 18.58
O3 NAG U . 1.27 17.50 19.09
O4 NAG U . -1.18 16.00 18.96
O5 NAG U . 1.07 14.07 16.80
O6 NAG U . -1.48 14.78 15.73
O7 NAG U . 4.59 17.21 16.92
C1 NAG V . -26.37 -13.33 -14.40
C2 NAG V . -27.81 -13.68 -14.00
C3 NAG V . -27.94 -15.17 -13.72
C4 NAG V . -27.40 -15.99 -14.89
C5 NAG V . -25.97 -15.57 -15.21
C6 NAG V . -25.39 -16.26 -16.42
C7 NAG V . -29.16 -11.94 -12.93
C8 NAG V . -29.49 -11.24 -11.65
N2 NAG V . -28.24 -12.90 -12.86
O3 NAG V . -29.30 -15.50 -13.50
O4 NAG V . -27.42 -17.38 -14.57
O5 NAG V . -25.94 -14.16 -15.48
O6 NAG V . -24.15 -15.69 -16.80
O7 NAG V . -29.70 -11.64 -13.99
C1 NAG W . -28.47 -14.93 1.04
C2 NAG W . -29.14 -16.25 1.40
C3 NAG W . -30.55 -16.02 1.93
C4 NAG W . -30.52 -15.02 3.08
C5 NAG W . -29.80 -13.74 2.65
C6 NAG W . -29.64 -12.75 3.78
C7 NAG W . -29.22 -18.48 0.37
C8 NAG W . -29.24 -19.26 -0.91
N2 NAG W . -29.15 -17.15 0.26
O3 NAG W . -31.10 -17.25 2.36
O4 NAG W . -31.86 -14.70 3.46
O5 NAG W . -28.48 -14.05 2.18
O6 NAG W . -28.27 -12.42 3.99
O7 NAG W . -29.28 -19.04 1.46
C1 NAG X . 14.35 -19.62 -35.07
C2 NAG X . 15.46 -19.23 -36.03
C3 NAG X . 16.32 -18.12 -35.44
C4 NAG X . 15.44 -16.94 -35.01
C5 NAG X . 14.32 -17.42 -34.10
C6 NAG X . 13.34 -16.32 -33.74
C7 NAG X . 16.27 -20.97 -37.56
C8 NAG X . 15.32 -20.40 -38.57
N2 NAG X . 16.29 -20.37 -36.37
O3 NAG X . 17.28 -17.68 -36.39
O4 NAG X . 16.22 -15.97 -34.34
O5 NAG X . 13.57 -18.46 -34.75
O6 NAG X . 12.01 -16.80 -33.76
O7 NAG X . 16.97 -21.94 -37.81
C1 NAG Y . 13.55 26.70 -13.35
C2 NAG Y . 13.07 27.96 -14.07
C3 NAG Y . 13.28 27.82 -15.58
C4 NAG Y . 14.72 27.44 -15.89
C5 NAG Y . 15.10 26.18 -15.13
C6 NAG Y . 16.54 25.79 -15.30
C7 NAG Y . 11.30 29.27 -13.02
C8 NAG Y . 9.82 29.42 -12.81
N2 NAG Y . 11.69 28.24 -13.78
O3 NAG Y . 12.96 29.07 -16.22
O4 NAG Y . 14.87 27.21 -17.29
O5 NAG Y . 14.90 26.39 -13.72
O6 NAG Y . 16.90 24.74 -14.41
O7 NAG Y . 12.10 30.07 -12.53
C1 NAG Z . -0.63 25.28 -19.83
C2 NAG Z . -0.65 25.66 -21.30
C3 NAG Z . -1.43 26.95 -21.51
C4 NAG Z . -2.82 26.82 -20.91
C5 NAG Z . -2.74 26.38 -19.45
C6 NAG Z . -4.09 26.11 -18.83
C7 NAG Z . 1.03 25.67 -23.11
C8 NAG Z . 2.48 25.85 -23.45
N2 NAG Z . 0.71 25.81 -21.81
O3 NAG Z . -1.53 27.24 -22.90
O4 NAG Z . -3.50 28.07 -20.98
O5 NAG Z . -1.99 25.17 -19.35
O6 NAG Z . -4.17 24.80 -18.31
O7 NAG Z . 0.19 25.42 -23.95
C1 NAG AA . 41.27 -9.23 -5.23
C2 NAG AA . 42.21 -10.06 -4.36
C3 NAG AA . 41.42 -10.86 -3.33
C4 NAG AA . 40.51 -9.94 -2.52
C5 NAG AA . 39.64 -9.11 -3.47
C6 NAG AA . 38.79 -8.09 -2.74
C7 NAG AA . 44.33 -10.74 -5.40
C8 NAG AA . 44.94 -9.53 -4.74
N2 NAG AA . 43.03 -10.94 -5.18
O3 NAG AA . 42.32 -11.53 -2.46
O4 NAG AA . 39.68 -10.70 -1.67
O5 NAG AA . 40.46 -8.38 -4.39
O6 NAG AA . 38.75 -6.86 -3.44
O7 NAG AA . 45.00 -11.50 -6.09
C1 NAG BA . 5.85 -6.68 31.63
C2 NAG BA . 6.04 -5.90 32.94
C3 NAG BA . 7.52 -5.81 33.28
C4 NAG BA . 8.16 -7.18 33.30
C5 NAG BA . 7.91 -7.88 31.97
C6 NAG BA . 8.43 -9.30 31.94
C7 NAG BA . 4.35 -4.22 33.50
C8 NAG BA . 3.88 -2.81 33.28
N2 NAG BA . 5.45 -4.58 32.83
O3 NAG BA . 7.66 -5.19 34.57
O4 NAG BA . 9.57 -7.07 33.53
O5 NAG BA . 6.50 -7.96 31.72
O6 NAG BA . 8.00 -9.98 30.78
O7 NAG BA . 3.76 -4.99 34.26
C1 NAG CA . 10.13 8.21 29.41
C2 NAG CA . 11.39 8.58 30.20
C3 NAG CA . 11.04 9.56 31.31
C4 NAG CA . 10.30 10.77 30.74
C5 NAG CA . 9.10 10.32 29.92
C6 NAG CA . 8.39 11.45 29.22
C7 NAG CA . 13.32 7.34 31.06
C8 NAG CA . 13.80 6.04 31.62
N2 NAG CA . 12.02 7.40 30.75
O3 NAG CA . 12.23 9.99 31.97
O4 NAG CA . 9.85 11.61 31.79
O5 NAG CA . 9.51 9.41 28.89
O6 NAG CA . 8.33 11.25 27.82
O7 NAG CA . 14.07 8.30 30.92
C1 NAG DA . 14.31 -40.18 1.11
C2 NAG DA . 13.92 -41.39 0.27
C3 NAG DA . 13.10 -40.96 -0.94
C4 NAG DA . 11.91 -40.11 -0.49
C5 NAG DA . 12.37 -38.96 0.38
C6 NAG DA . 11.23 -38.15 0.96
C7 NAG DA . 15.43 -43.32 0.35
C8 NAG DA . 14.52 -43.87 1.39
N2 NAG DA . 15.09 -42.13 -0.16
O3 NAG DA . 12.65 -42.10 -1.65
O4 NAG DA . 11.22 -39.60 -1.63
O5 NAG DA . 13.13 -39.45 1.50
O6 NAG DA . 11.47 -37.79 2.31
O7 NAG DA . 16.44 -43.93 -0.03
#